data_1TED
#
_entry.id   1TED
#
_cell.length_a   59.914
_cell.length_b   80.654
_cell.length_c   99.612
_cell.angle_alpha   108.23
_cell.angle_beta   92.97
_cell.angle_gamma   103.69
#
_symmetry.space_group_name_H-M   'P 1'
#
loop_
_entity.id
_entity.type
_entity.pdbx_description
1 polymer pks18
2 non-polymer 'MYRISTIC ACID'
3 water water
#
_entity_poly.entity_id   1
_entity_poly.type   'polypeptide(L)'
_entity_poly.pdbx_seq_one_letter_code
;MNVSAESGAPRRAGQRHEVGLAQLPPAPPTTVAVIEGLATGTPRRVVNQSDAADRVAELFLDPGQRERIPRVYQKSRITT
RRMAVDPLDAKFDVFRREPATIRDRMHLFYEHAVPLAVDVSKRALAGLPYRAAEIGLLVLATSTGFIAPGVDVAIVKELG
LSPSISRVVVNFMGCAAAMNALGTATNYVRAHPAMKALVVCIELCSVNAVFADDINDVVIHSLFGDGCAALVIGASQVQE
KLEPGKVVVRSSFSQLLDNTEDGIVLGVNHNGITCELSENLPGYIFSGVAPVVTEMLWDNGLQISDIDLWAIHPGGPKII
EQSVRSLGISAELAAQSWDVLARFGNMLSVSLIFVLETMVQQAESAKAISTGVAFAFGPGVTVEGMLFDIIRR
;
_entity_poly.pdbx_strand_id   A,B,C,D
#
# COMPACT_ATOMS: atom_id res chain seq x y z
N ALA A 22 -18.32 14.54 -8.06
CA ALA A 22 -17.21 13.56 -7.84
C ALA A 22 -17.76 12.14 -7.72
N GLN A 23 -17.67 11.40 -8.83
CA GLN A 23 -18.13 10.01 -8.91
C GLN A 23 -16.95 9.05 -8.94
N LEU A 24 -15.81 9.51 -8.45
CA LEU A 24 -14.57 8.71 -8.38
C LEU A 24 -14.85 7.34 -7.77
N PRO A 25 -13.93 6.38 -7.99
CA PRO A 25 -14.14 5.05 -7.42
C PRO A 25 -13.94 5.11 -5.91
N PRO A 26 -14.64 4.27 -5.16
CA PRO A 26 -14.50 4.26 -3.69
C PRO A 26 -13.05 3.93 -3.34
N ALA A 27 -12.59 4.40 -2.19
CA ALA A 27 -11.22 4.11 -1.74
C ALA A 27 -11.09 2.61 -1.49
N PRO A 28 -9.94 2.02 -1.86
CA PRO A 28 -9.68 0.59 -1.67
C PRO A 28 -9.40 0.21 -0.23
N PRO A 29 -9.68 -1.04 0.15
CA PRO A 29 -9.39 -1.47 1.52
C PRO A 29 -7.88 -1.30 1.60
N THR A 30 -7.36 -1.05 2.79
CA THR A 30 -5.94 -0.82 2.91
C THR A 30 -5.23 -1.91 3.70
N THR A 31 -5.94 -2.99 3.97
CA THR A 31 -5.40 -4.12 4.71
C THR A 31 -4.68 -5.12 3.78
N VAL A 32 -3.86 -5.99 4.38
CA VAL A 32 -3.14 -6.98 3.62
C VAL A 32 -3.55 -8.39 4.05
N ALA A 33 -3.76 -9.29 3.09
CA ALA A 33 -4.16 -10.67 3.41
C ALA A 33 -2.96 -11.46 3.92
N VAL A 34 -3.20 -12.23 4.97
CA VAL A 34 -2.17 -13.03 5.61
C VAL A 34 -2.60 -14.49 5.81
N ILE A 35 -1.72 -15.42 5.44
CA ILE A 35 -2.00 -16.84 5.64
C ILE A 35 -1.64 -17.02 7.11
N GLU A 36 -2.66 -17.22 7.94
CA GLU A 36 -2.44 -17.33 9.37
C GLU A 36 -2.37 -18.77 9.85
N GLY A 37 -2.85 -19.68 9.02
CA GLY A 37 -2.83 -21.09 9.35
C GLY A 37 -2.57 -21.87 8.08
N LEU A 38 -1.82 -22.96 8.20
CA LEU A 38 -1.48 -23.79 7.06
C LEU A 38 -1.25 -25.24 7.50
N ALA A 39 -1.96 -26.17 6.86
CA ALA A 39 -1.84 -27.58 7.19
C ALA A 39 -1.68 -28.40 5.92
N THR A 40 -1.05 -29.55 6.08
CA THR A 40 -0.77 -30.44 4.98
C THR A 40 -1.17 -31.88 5.28
N GLY A 41 -1.56 -32.62 4.25
CA GLY A 41 -1.96 -33.99 4.48
C GLY A 41 -2.15 -34.85 3.24
N THR A 42 -1.99 -36.15 3.42
CA THR A 42 -2.14 -37.08 2.32
C THR A 42 -2.59 -38.42 2.87
N PRO A 43 -3.08 -39.32 2.00
CA PRO A 43 -3.50 -40.62 2.54
C PRO A 43 -2.25 -41.30 3.10
N ARG A 44 -2.44 -42.32 3.94
CA ARG A 44 -1.34 -43.00 4.59
C ARG A 44 -0.55 -43.96 3.70
N ARG A 45 -1.18 -44.51 2.68
CA ARG A 45 -0.49 -45.45 1.80
C ARG A 45 0.68 -44.83 1.05
N VAL A 46 1.87 -45.40 1.28
CA VAL A 46 3.10 -44.95 0.64
C VAL A 46 3.47 -45.86 -0.53
N VAL A 47 3.44 -45.32 -1.75
CA VAL A 47 3.79 -46.13 -2.92
C VAL A 47 5.22 -45.84 -3.36
N ASN A 48 6.05 -46.88 -3.36
CA ASN A 48 7.44 -46.71 -3.76
C ASN A 48 7.52 -46.66 -5.28
N GLN A 49 8.15 -45.61 -5.80
CA GLN A 49 8.29 -45.40 -7.24
C GLN A 49 8.95 -46.57 -8.00
N SER A 50 9.97 -47.17 -7.38
CA SER A 50 10.65 -48.30 -7.99
C SER A 50 9.69 -49.48 -8.07
N ASP A 51 9.00 -49.79 -6.97
CA ASP A 51 8.03 -50.88 -6.97
C ASP A 51 6.92 -50.56 -7.98
N ALA A 52 6.45 -49.31 -7.97
CA ALA A 52 5.40 -48.90 -8.90
C ALA A 52 5.81 -49.21 -10.34
N ALA A 53 7.03 -48.83 -10.71
CA ALA A 53 7.53 -49.09 -12.05
C ALA A 53 7.46 -50.59 -12.41
N ASP A 54 7.95 -51.43 -11.50
CA ASP A 54 7.92 -52.87 -11.75
C ASP A 54 6.50 -53.40 -11.87
N ARG A 55 5.62 -52.99 -10.97
CA ARG A 55 4.25 -53.46 -10.99
C ARG A 55 3.45 -52.96 -12.19
N VAL A 56 3.81 -51.79 -12.70
CA VAL A 56 3.12 -51.24 -13.87
C VAL A 56 3.70 -51.92 -15.11
N ALA A 57 5.00 -52.18 -15.07
CA ALA A 57 5.69 -52.83 -16.18
C ALA A 57 5.05 -54.18 -16.51
N GLU A 58 4.48 -54.83 -15.51
CA GLU A 58 3.85 -56.12 -15.74
C GLU A 58 2.58 -56.01 -16.57
N LEU A 59 1.88 -54.89 -16.43
CA LEU A 59 0.64 -54.67 -17.17
C LEU A 59 0.87 -54.74 -18.68
N GLY A 64 4.62 -57.33 -25.05
CA GLY A 64 5.57 -56.99 -26.10
C GLY A 64 6.83 -56.36 -25.51
N GLN A 65 7.04 -55.10 -25.83
CA GLN A 65 8.22 -54.37 -25.33
C GLN A 65 7.79 -53.30 -24.32
N ARG A 66 7.64 -53.72 -23.06
CA ARG A 66 7.23 -52.82 -21.98
C ARG A 66 8.42 -51.99 -21.47
N GLU A 67 9.45 -51.87 -22.30
CA GLU A 67 10.66 -51.11 -21.99
C GLU A 67 10.28 -49.65 -21.75
N ARG A 68 9.13 -49.28 -22.29
CA ARG A 68 8.63 -47.91 -22.19
C ARG A 68 8.44 -47.49 -20.74
N ILE A 69 7.98 -48.41 -19.90
CA ILE A 69 7.74 -48.11 -18.49
C ILE A 69 8.98 -47.70 -17.69
N PRO A 70 10.02 -48.55 -17.68
CA PRO A 70 11.24 -48.25 -16.93
C PRO A 70 11.84 -46.87 -17.20
N ARG A 71 11.85 -46.44 -18.47
CA ARG A 71 12.39 -45.13 -18.84
C ARG A 71 11.53 -44.03 -18.24
N VAL A 72 10.25 -44.06 -18.60
CA VAL A 72 9.28 -43.07 -18.13
C VAL A 72 9.02 -43.20 -16.63
N TYR A 73 10.00 -43.68 -15.89
CA TYR A 73 9.86 -43.84 -14.44
C TYR A 73 11.16 -43.46 -13.75
N GLN A 74 12.28 -43.81 -14.36
CA GLN A 74 13.57 -43.46 -13.78
C GLN A 74 13.83 -41.99 -14.08
N LYS A 75 13.07 -41.44 -15.03
CA LYS A 75 13.23 -40.04 -15.39
C LYS A 75 12.20 -39.14 -14.69
N SER A 76 11.42 -39.71 -13.78
CA SER A 76 10.41 -38.94 -13.07
C SER A 76 10.96 -38.09 -11.93
N ARG A 77 12.06 -38.53 -11.34
CA ARG A 77 12.69 -37.85 -10.21
C ARG A 77 11.79 -37.90 -8.99
N ILE A 78 11.02 -38.98 -8.90
CA ILE A 78 10.10 -39.22 -7.79
C ILE A 78 10.51 -40.49 -7.05
N THR A 79 10.55 -40.42 -5.72
CA THR A 79 10.91 -41.56 -4.90
C THR A 79 9.65 -42.22 -4.32
N THR A 80 8.71 -41.40 -3.86
CA THR A 80 7.44 -41.88 -3.31
C THR A 80 6.29 -40.89 -3.57
N ARG A 81 5.07 -41.39 -3.36
CA ARG A 81 3.85 -40.59 -3.48
C ARG A 81 2.73 -41.34 -2.75
N ARG A 82 1.75 -40.59 -2.26
CA ARG A 82 0.65 -41.18 -1.49
C ARG A 82 -0.61 -41.42 -2.31
N MET A 83 -1.34 -42.47 -1.97
CA MET A 83 -2.55 -42.79 -2.69
C MET A 83 -3.66 -43.32 -1.79
N ALA A 84 -4.85 -42.74 -1.95
CA ALA A 84 -6.03 -43.13 -1.17
C ALA A 84 -6.42 -44.54 -1.56
N VAL A 85 -6.21 -44.83 -2.83
CA VAL A 85 -6.53 -46.13 -3.42
C VAL A 85 -5.27 -46.76 -4.04
N ASP A 86 -5.22 -48.08 -4.05
CA ASP A 86 -4.10 -48.81 -4.64
C ASP A 86 -4.58 -49.24 -6.02
N PRO A 87 -4.30 -48.43 -7.05
CA PRO A 87 -4.72 -48.74 -8.42
C PRO A 87 -4.45 -50.17 -8.92
N LEU A 88 -3.35 -50.76 -8.49
CA LEU A 88 -3.01 -52.10 -8.93
C LEU A 88 -3.52 -53.19 -7.98
N ASP A 89 -4.25 -52.79 -6.95
CA ASP A 89 -4.79 -53.73 -5.99
C ASP A 89 -5.58 -54.82 -6.69
N ALA A 90 -5.60 -56.02 -6.09
CA ALA A 90 -6.32 -57.14 -6.66
C ALA A 90 -7.75 -56.75 -7.01
N LYS A 91 -8.42 -56.06 -6.10
CA LYS A 91 -9.80 -55.63 -6.31
C LYS A 91 -9.95 -54.70 -7.52
N PHE A 92 -9.30 -53.54 -7.45
CA PHE A 92 -9.38 -52.53 -8.50
C PHE A 92 -8.93 -52.96 -9.88
N ASP A 93 -8.03 -53.93 -9.97
CA ASP A 93 -7.55 -54.37 -11.29
C ASP A 93 -8.65 -54.97 -12.16
N VAL A 94 -9.83 -55.20 -11.58
CA VAL A 94 -10.94 -55.76 -12.35
C VAL A 94 -11.90 -54.62 -12.68
N PHE A 95 -11.84 -53.58 -11.85
CA PHE A 95 -12.65 -52.37 -11.98
C PHE A 95 -11.91 -51.36 -12.86
N ARG A 96 -10.59 -51.38 -12.75
CA ARG A 96 -9.71 -50.48 -13.49
C ARG A 96 -9.81 -50.63 -15.00
N ARG A 97 -10.16 -51.83 -15.44
CA ARG A 97 -10.26 -52.11 -16.87
C ARG A 97 -11.66 -52.01 -17.47
N GLU A 98 -12.65 -51.72 -16.65
CA GLU A 98 -14.00 -51.62 -17.17
C GLU A 98 -14.37 -50.22 -17.64
N PRO A 99 -15.24 -50.13 -18.63
CA PRO A 99 -15.67 -48.83 -19.17
C PRO A 99 -16.86 -48.28 -18.39
N ALA A 100 -17.13 -47.00 -18.58
CA ALA A 100 -18.27 -46.36 -17.94
C ALA A 100 -18.27 -46.35 -16.41
N THR A 101 -17.10 -46.27 -15.80
CA THR A 101 -17.00 -46.25 -14.34
C THR A 101 -16.82 -44.86 -13.72
N ILE A 102 -16.92 -43.82 -14.54
CA ILE A 102 -16.74 -42.46 -14.05
C ILE A 102 -17.57 -42.08 -12.81
N ARG A 103 -18.86 -42.44 -12.81
CA ARG A 103 -19.73 -42.11 -11.68
C ARG A 103 -19.28 -42.78 -10.38
N ASP A 104 -18.85 -44.04 -10.47
CA ASP A 104 -18.38 -44.74 -9.28
C ASP A 104 -17.08 -44.19 -8.76
N ARG A 105 -16.25 -43.67 -9.67
CA ARG A 105 -14.96 -43.10 -9.30
C ARG A 105 -15.12 -41.76 -8.57
N MET A 106 -16.18 -41.02 -8.88
CA MET A 106 -16.44 -39.75 -8.22
C MET A 106 -16.94 -40.07 -6.81
N HIS A 107 -17.68 -41.18 -6.67
CA HIS A 107 -18.15 -41.61 -5.35
C HIS A 107 -16.88 -42.07 -4.63
N LEU A 108 -15.99 -42.73 -5.35
CA LEU A 108 -14.75 -43.17 -4.72
C LEU A 108 -13.99 -41.93 -4.25
N PHE A 109 -14.05 -40.87 -5.05
CA PHE A 109 -13.38 -39.62 -4.69
C PHE A 109 -13.97 -39.08 -3.40
N TYR A 110 -15.29 -38.97 -3.37
CA TYR A 110 -15.96 -38.44 -2.19
C TYR A 110 -15.61 -39.23 -0.94
N GLU A 111 -15.74 -40.55 -1.05
CA GLU A 111 -15.46 -41.44 0.08
C GLU A 111 -14.10 -41.19 0.74
N HIS A 112 -13.05 -41.01 -0.07
CA HIS A 112 -11.72 -40.77 0.48
C HIS A 112 -11.37 -39.31 0.68
N ALA A 113 -11.98 -38.42 -0.11
CA ALA A 113 -11.66 -37.00 0.00
C ALA A 113 -12.16 -36.37 1.31
N VAL A 114 -13.39 -36.70 1.70
CA VAL A 114 -14.00 -36.18 2.91
C VAL A 114 -13.14 -36.32 4.16
N PRO A 115 -12.79 -37.56 4.55
CA PRO A 115 -11.96 -37.80 5.74
C PRO A 115 -10.67 -36.97 5.73
N LEU A 116 -9.98 -37.00 4.58
CA LEU A 116 -8.73 -36.28 4.44
C LEU A 116 -8.86 -34.76 4.51
N ALA A 117 -9.89 -34.22 3.85
CA ALA A 117 -10.11 -32.77 3.85
C ALA A 117 -10.57 -32.27 5.22
N VAL A 118 -11.43 -33.04 5.87
CA VAL A 118 -11.91 -32.68 7.20
C VAL A 118 -10.72 -32.65 8.17
N ASP A 119 -9.85 -33.65 8.06
CA ASP A 119 -8.68 -33.72 8.93
C ASP A 119 -7.71 -32.54 8.72
N VAL A 120 -7.33 -32.28 7.48
CA VAL A 120 -6.39 -31.19 7.17
C VAL A 120 -6.94 -29.82 7.55
N SER A 121 -8.20 -29.58 7.24
CA SER A 121 -8.87 -28.32 7.55
C SER A 121 -8.79 -28.06 9.05
N LYS A 122 -8.99 -29.10 9.84
CA LYS A 122 -8.91 -29.01 11.30
C LYS A 122 -7.50 -28.65 11.73
N ARG A 123 -6.50 -29.27 11.11
CA ARG A 123 -5.10 -29.00 11.47
C ARG A 123 -4.75 -27.53 11.21
N ALA A 124 -5.32 -26.95 10.16
CA ALA A 124 -5.04 -25.56 9.80
C ALA A 124 -5.66 -24.57 10.79
N LEU A 125 -6.79 -24.94 11.37
CA LEU A 125 -7.47 -24.08 12.33
C LEU A 125 -7.00 -24.32 13.76
N ALA A 126 -6.48 -25.51 14.02
CA ALA A 126 -6.01 -25.94 15.34
C ALA A 126 -5.33 -24.94 16.27
N GLY A 127 -4.36 -24.17 15.77
CA GLY A 127 -3.71 -23.21 16.64
C GLY A 127 -4.35 -21.84 16.76
N LEU A 128 -5.29 -21.49 15.88
CA LEU A 128 -5.94 -20.18 15.92
C LEU A 128 -7.10 -20.07 16.92
N PRO A 129 -7.33 -18.85 17.44
CA PRO A 129 -8.39 -18.58 18.41
C PRO A 129 -9.69 -18.20 17.74
N TYR A 130 -9.73 -18.32 16.42
CA TYR A 130 -10.94 -17.95 15.71
C TYR A 130 -12.09 -18.87 16.04
N ARG A 131 -13.23 -18.26 16.38
CA ARG A 131 -14.43 -18.99 16.71
C ARG A 131 -15.13 -19.29 15.38
N ALA A 132 -16.03 -20.25 15.37
CA ALA A 132 -16.73 -20.65 14.14
C ALA A 132 -17.44 -19.53 13.41
N ALA A 133 -18.03 -18.59 14.14
CA ALA A 133 -18.74 -17.49 13.53
C ALA A 133 -17.84 -16.57 12.73
N GLU A 134 -16.53 -16.62 13.01
CA GLU A 134 -15.57 -15.76 12.32
C GLU A 134 -15.15 -16.23 10.94
N ILE A 135 -15.43 -17.49 10.64
CA ILE A 135 -15.08 -18.07 9.34
C ILE A 135 -16.24 -17.88 8.39
N GLY A 136 -16.16 -16.85 7.53
CA GLY A 136 -17.22 -16.57 6.58
C GLY A 136 -17.13 -17.11 5.15
N LEU A 137 -16.01 -17.73 4.79
CA LEU A 137 -15.86 -18.26 3.44
C LEU A 137 -15.04 -19.54 3.41
N LEU A 138 -15.48 -20.47 2.58
CA LEU A 138 -14.82 -21.75 2.41
C LEU A 138 -14.63 -21.95 0.92
N VAL A 139 -13.37 -21.98 0.47
CA VAL A 139 -13.12 -22.20 -0.95
C VAL A 139 -12.54 -23.59 -1.13
N LEU A 140 -13.17 -24.38 -1.99
CA LEU A 140 -12.74 -25.73 -2.23
C LEU A 140 -12.32 -25.89 -3.69
N ALA A 141 -11.08 -26.33 -3.90
CA ALA A 141 -10.58 -26.54 -5.25
C ALA A 141 -10.19 -28.00 -5.49
N THR A 142 -10.48 -28.47 -6.70
CA THR A 142 -10.17 -29.84 -7.12
C THR A 142 -10.32 -29.94 -8.62
N SER A 143 -9.67 -30.95 -9.20
CA SER A 143 -9.77 -31.23 -10.63
C SER A 143 -9.87 -32.74 -10.79
N THR A 144 -10.07 -33.44 -9.68
CA THR A 144 -10.15 -34.91 -9.70
C THR A 144 -11.41 -35.50 -9.06
N GLY A 145 -12.42 -34.66 -8.79
CA GLY A 145 -13.64 -35.15 -8.17
C GLY A 145 -14.96 -34.88 -8.88
N PHE A 146 -15.76 -33.96 -8.36
CA PHE A 146 -17.07 -33.60 -8.94
C PHE A 146 -18.24 -34.44 -8.42
N ILE A 147 -18.91 -33.98 -7.36
CA ILE A 147 -20.07 -34.68 -6.80
C ILE A 147 -21.06 -33.70 -6.21
N ALA A 148 -22.34 -34.09 -6.20
CA ALA A 148 -23.48 -33.32 -5.70
C ALA A 148 -23.14 -32.66 -4.37
N PRO A 149 -23.82 -33.00 -3.26
CA PRO A 149 -23.25 -32.25 -2.14
C PRO A 149 -21.80 -32.73 -2.10
N GLY A 150 -20.84 -31.82 -2.29
CA GLY A 150 -19.45 -32.21 -2.31
C GLY A 150 -18.69 -32.20 -1.00
N VAL A 151 -17.38 -32.14 -1.12
CA VAL A 151 -16.49 -32.13 0.02
C VAL A 151 -16.67 -30.87 0.85
N ASP A 152 -17.00 -29.75 0.19
CA ASP A 152 -17.22 -28.48 0.90
C ASP A 152 -18.35 -28.56 1.93
N VAL A 153 -19.49 -29.14 1.52
CA VAL A 153 -20.61 -29.28 2.44
C VAL A 153 -20.22 -30.10 3.68
N ALA A 154 -19.53 -31.22 3.47
CA ALA A 154 -19.11 -32.10 4.57
C ALA A 154 -18.14 -31.41 5.54
N ILE A 155 -17.30 -30.50 5.05
CA ILE A 155 -16.37 -29.78 5.90
C ILE A 155 -17.13 -28.89 6.90
N VAL A 156 -18.10 -28.13 6.39
CA VAL A 156 -18.91 -27.25 7.23
C VAL A 156 -19.64 -28.08 8.30
N LYS A 157 -20.25 -29.19 7.86
CA LYS A 157 -20.97 -30.05 8.77
C LYS A 157 -20.04 -30.72 9.79
N GLU A 158 -18.92 -31.25 9.28
CA GLU A 158 -17.96 -31.93 10.13
C GLU A 158 -17.27 -31.01 11.16
N LEU A 159 -16.81 -29.84 10.71
CA LEU A 159 -16.12 -28.91 11.60
C LEU A 159 -17.06 -28.01 12.37
N GLY A 160 -18.35 -28.12 12.10
CA GLY A 160 -19.32 -27.31 12.79
C GLY A 160 -19.19 -25.84 12.41
N LEU A 161 -18.99 -25.58 11.13
CA LEU A 161 -18.88 -24.22 10.67
C LEU A 161 -20.30 -23.64 10.59
N SER A 162 -20.43 -22.32 10.46
CA SER A 162 -21.75 -21.70 10.39
C SER A 162 -22.52 -22.11 9.15
N PRO A 163 -23.81 -22.47 9.33
CA PRO A 163 -24.67 -22.88 8.22
C PRO A 163 -24.77 -21.79 7.15
N SER A 164 -24.45 -20.56 7.52
CA SER A 164 -24.53 -19.44 6.60
C SER A 164 -23.19 -19.02 5.99
N ILE A 165 -22.19 -19.87 6.12
CA ILE A 165 -20.89 -19.54 5.56
C ILE A 165 -20.99 -19.47 4.03
N SER A 166 -20.20 -18.59 3.44
CA SER A 166 -20.19 -18.45 1.98
C SER A 166 -19.29 -19.54 1.43
N ARG A 167 -19.71 -20.17 0.34
CA ARG A 167 -18.92 -21.24 -0.25
C ARG A 167 -18.76 -21.07 -1.74
N VAL A 168 -17.57 -21.44 -2.23
CA VAL A 168 -17.23 -21.37 -3.64
C VAL A 168 -16.42 -22.61 -4.03
N VAL A 169 -16.90 -23.35 -5.01
CA VAL A 169 -16.19 -24.54 -5.46
C VAL A 169 -15.49 -24.26 -6.79
N VAL A 170 -14.17 -24.46 -6.80
CA VAL A 170 -13.33 -24.22 -7.96
C VAL A 170 -12.82 -25.51 -8.58
N ASN A 171 -13.40 -25.87 -9.72
CA ASN A 171 -13.03 -27.08 -10.42
C ASN A 171 -12.31 -26.83 -11.75
N PHE A 172 -11.48 -27.79 -12.15
CA PHE A 172 -10.73 -27.75 -13.40
C PHE A 172 -9.82 -26.56 -13.69
N MET A 173 -9.26 -25.97 -12.65
CA MET A 173 -8.33 -24.88 -12.85
C MET A 173 -6.94 -25.50 -12.65
N GLY A 174 -6.92 -26.83 -12.59
CA GLY A 174 -5.69 -27.58 -12.46
C GLY A 174 -4.65 -27.37 -11.35
N CYS A 175 -3.40 -27.52 -11.75
CA CYS A 175 -2.26 -27.40 -10.84
C CYS A 175 -2.09 -26.04 -10.21
N ALA A 176 -2.69 -25.01 -10.80
CA ALA A 176 -2.57 -23.65 -10.26
C ALA A 176 -3.80 -23.16 -9.48
N ALA A 177 -4.73 -24.08 -9.20
CA ALA A 177 -5.96 -23.71 -8.50
C ALA A 177 -5.81 -23.14 -7.08
N ALA A 178 -4.71 -23.46 -6.40
CA ALA A 178 -4.53 -22.93 -5.06
C ALA A 178 -4.45 -21.42 -5.15
N MET A 179 -3.88 -20.91 -6.25
CA MET A 179 -3.76 -19.46 -6.44
C MET A 179 -5.11 -18.77 -6.73
N ASN A 180 -5.95 -19.40 -7.55
CA ASN A 180 -7.26 -18.83 -7.89
C ASN A 180 -8.11 -18.84 -6.61
N ALA A 181 -8.00 -19.94 -5.87
CA ALA A 181 -8.73 -20.10 -4.62
C ALA A 181 -8.26 -19.06 -3.60
N LEU A 182 -6.95 -18.97 -3.41
CA LEU A 182 -6.35 -18.02 -2.48
C LEU A 182 -6.77 -16.59 -2.81
N GLY A 183 -6.82 -16.26 -4.09
CA GLY A 183 -7.20 -14.92 -4.49
C GLY A 183 -8.62 -14.58 -4.09
N THR A 184 -9.48 -15.60 -4.09
CA THR A 184 -10.87 -15.44 -3.73
C THR A 184 -10.97 -15.13 -2.23
N ALA A 185 -10.19 -15.86 -1.43
CA ALA A 185 -10.17 -15.67 0.01
C ALA A 185 -9.58 -14.30 0.34
N THR A 186 -8.62 -13.89 -0.49
CA THR A 186 -7.94 -12.61 -0.31
C THR A 186 -8.90 -11.43 -0.48
N ASN A 187 -9.72 -11.46 -1.52
CA ASN A 187 -10.66 -10.38 -1.76
C ASN A 187 -11.70 -10.36 -0.65
N TYR A 188 -12.22 -11.53 -0.28
CA TYR A 188 -13.24 -11.63 0.75
C TYR A 188 -12.79 -11.01 2.07
N VAL A 189 -11.63 -11.45 2.54
CA VAL A 189 -11.06 -11.00 3.79
C VAL A 189 -10.75 -9.50 3.81
N ARG A 190 -10.28 -8.95 2.70
CA ARG A 190 -9.96 -7.53 2.66
C ARG A 190 -11.23 -6.69 2.54
N ALA A 191 -12.29 -7.30 2.02
CA ALA A 191 -13.56 -6.60 1.90
C ALA A 191 -14.31 -6.65 3.23
N HIS A 192 -14.17 -7.76 3.95
CA HIS A 192 -14.78 -7.93 5.28
C HIS A 192 -13.67 -8.28 6.27
N PRO A 193 -12.91 -7.26 6.72
CA PRO A 193 -11.77 -7.30 7.66
C PRO A 193 -11.96 -8.05 8.98
N ALA A 194 -13.20 -8.30 9.40
CA ALA A 194 -13.43 -9.00 10.65
C ALA A 194 -13.56 -10.52 10.48
N MET A 195 -13.58 -10.99 9.24
CA MET A 195 -13.75 -12.42 9.02
C MET A 195 -12.53 -13.15 8.52
N LYS A 196 -12.62 -14.47 8.50
CA LYS A 196 -11.54 -15.31 8.02
C LYS A 196 -12.09 -16.20 6.92
N ALA A 197 -11.20 -16.74 6.11
CA ALA A 197 -11.60 -17.61 5.03
C ALA A 197 -10.78 -18.89 5.12
N LEU A 198 -11.42 -19.99 4.78
CA LEU A 198 -10.79 -21.31 4.79
C LEU A 198 -10.66 -21.78 3.34
N VAL A 199 -9.43 -22.09 2.94
CA VAL A 199 -9.16 -22.58 1.58
C VAL A 199 -8.72 -24.03 1.65
N VAL A 200 -9.34 -24.86 0.84
CA VAL A 200 -9.04 -26.29 0.85
C VAL A 200 -8.83 -26.84 -0.55
N CYS A 201 -7.63 -27.39 -0.78
CA CYS A 201 -7.30 -28.00 -2.05
C CYS A 201 -7.16 -29.49 -1.76
N ILE A 202 -7.92 -30.30 -2.48
CA ILE A 202 -7.91 -31.74 -2.27
C ILE A 202 -7.78 -32.41 -3.63
N GLU A 203 -6.76 -33.25 -3.78
CA GLU A 203 -6.54 -33.88 -5.06
C GLU A 203 -6.33 -35.37 -4.90
N LEU A 204 -7.22 -36.14 -5.53
CA LEU A 204 -7.18 -37.58 -5.49
C LEU A 204 -7.05 -38.19 -6.88
N CYS A 205 -5.82 -38.20 -7.38
CA CYS A 205 -5.53 -38.75 -8.70
C CYS A 205 -5.69 -40.28 -8.76
N SER A 206 -5.18 -40.97 -7.74
CA SER A 206 -5.24 -42.43 -7.69
C SER A 206 -6.64 -42.97 -8.00
N VAL A 207 -7.64 -42.17 -7.69
CA VAL A 207 -9.03 -42.54 -7.93
C VAL A 207 -9.38 -42.57 -9.42
N ASN A 208 -8.56 -41.95 -10.26
CA ASN A 208 -8.84 -41.93 -11.69
C ASN A 208 -7.89 -42.80 -12.50
N ALA A 209 -7.13 -43.67 -11.82
CA ALA A 209 -6.19 -44.57 -12.50
C ALA A 209 -6.86 -45.40 -13.59
N VAL A 210 -6.23 -45.50 -14.76
CA VAL A 210 -6.79 -46.25 -15.86
C VAL A 210 -5.73 -47.11 -16.58
N PHE A 211 -4.51 -46.60 -16.64
CA PHE A 211 -3.38 -47.28 -17.27
C PHE A 211 -3.61 -47.54 -18.76
N ALA A 212 -3.69 -46.46 -19.54
CA ALA A 212 -3.88 -46.55 -20.98
C ALA A 212 -2.52 -46.73 -21.68
N ASP A 213 -2.54 -47.00 -22.99
CA ASP A 213 -1.34 -47.24 -23.78
C ASP A 213 -0.42 -46.07 -24.13
N ASP A 214 -0.98 -44.90 -24.41
CA ASP A 214 -0.18 -43.74 -24.82
C ASP A 214 0.83 -43.20 -23.78
N ILE A 215 1.89 -42.53 -24.27
CA ILE A 215 2.92 -41.97 -23.41
C ILE A 215 2.34 -41.01 -22.39
N ASN A 216 1.52 -40.09 -22.86
CA ASN A 216 0.92 -39.10 -21.97
C ASN A 216 0.26 -39.76 -20.76
N ASP A 217 -0.47 -40.84 -21.02
CA ASP A 217 -1.15 -41.57 -19.96
C ASP A 217 -0.11 -42.23 -19.06
N VAL A 218 0.87 -42.89 -19.66
CA VAL A 218 1.93 -43.56 -18.89
C VAL A 218 2.69 -42.55 -18.06
N VAL A 219 2.92 -41.37 -18.64
CA VAL A 219 3.64 -40.30 -17.97
C VAL A 219 2.84 -39.74 -16.78
N ILE A 220 1.56 -39.48 -17.00
CA ILE A 220 0.68 -38.96 -15.96
C ILE A 220 0.61 -39.97 -14.80
N HIS A 221 0.48 -41.24 -15.13
CA HIS A 221 0.39 -42.27 -14.12
C HIS A 221 1.69 -42.50 -13.37
N SER A 222 2.78 -41.95 -13.89
CA SER A 222 4.07 -42.12 -13.23
C SER A 222 4.35 -40.87 -12.39
N LEU A 223 3.60 -39.80 -12.65
CA LEU A 223 3.82 -38.54 -11.94
C LEU A 223 2.79 -38.09 -10.91
N PHE A 224 1.51 -38.30 -11.20
CA PHE A 224 0.45 -37.85 -10.32
C PHE A 224 0.23 -38.62 -9.01
N GLY A 225 0.03 -37.85 -7.93
CA GLY A 225 -0.19 -38.43 -6.62
C GLY A 225 -1.38 -37.81 -5.91
N ASP A 226 -1.61 -38.21 -4.66
CA ASP A 226 -2.75 -37.73 -3.86
C ASP A 226 -2.33 -36.82 -2.71
N GLY A 227 -3.14 -35.80 -2.43
CA GLY A 227 -2.78 -34.91 -1.34
C GLY A 227 -3.84 -33.91 -0.99
N CYS A 228 -3.66 -33.24 0.15
CA CYS A 228 -4.60 -32.23 0.59
C CYS A 228 -3.87 -31.13 1.33
N ALA A 229 -4.39 -29.91 1.23
CA ALA A 229 -3.79 -28.78 1.91
C ALA A 229 -4.86 -27.74 2.16
N ALA A 230 -4.69 -26.98 3.25
CA ALA A 230 -5.66 -25.97 3.60
C ALA A 230 -4.96 -24.72 4.11
N LEU A 231 -5.58 -23.57 3.90
CA LEU A 231 -5.04 -22.29 4.35
C LEU A 231 -6.14 -21.55 5.09
N VAL A 232 -5.78 -20.81 6.12
CA VAL A 232 -6.75 -19.99 6.85
C VAL A 232 -6.27 -18.57 6.62
N ILE A 233 -7.11 -17.78 5.95
CA ILE A 233 -6.78 -16.40 5.60
C ILE A 233 -7.51 -15.37 6.47
N GLY A 234 -6.83 -14.26 6.72
CA GLY A 234 -7.41 -13.18 7.49
C GLY A 234 -6.83 -11.86 7.03
N ALA A 235 -7.52 -10.76 7.30
CA ALA A 235 -7.05 -9.44 6.93
C ALA A 235 -6.21 -8.92 8.08
N SER A 236 -5.20 -8.12 7.77
CA SER A 236 -4.31 -7.60 8.80
C SER A 236 -3.90 -6.17 8.46
N GLN A 237 -3.80 -5.32 9.50
CA GLN A 237 -3.42 -3.93 9.35
C GLN A 237 -1.88 -3.82 9.23
N VAL A 238 -1.42 -3.18 8.16
CA VAL A 238 0.02 -3.05 7.87
C VAL A 238 0.99 -2.69 8.99
N GLN A 239 0.52 -2.08 10.08
CA GLN A 239 1.43 -1.74 11.17
C GLN A 239 1.51 -2.84 12.24
N GLU A 240 0.67 -3.86 12.09
CA GLU A 240 0.63 -4.97 13.03
C GLU A 240 1.92 -5.79 12.97
N LYS A 241 2.58 -5.96 14.10
CA LYS A 241 3.79 -6.75 14.13
C LYS A 241 3.37 -8.22 14.17
N LEU A 242 3.42 -8.87 13.01
CA LEU A 242 3.01 -10.25 12.88
C LEU A 242 4.03 -11.20 13.53
N GLU A 243 3.55 -12.35 13.99
CA GLU A 243 4.43 -13.32 14.61
C GLU A 243 5.12 -14.21 13.58
N PRO A 244 6.27 -14.80 13.95
CA PRO A 244 7.04 -15.68 13.08
C PRO A 244 6.19 -16.80 12.49
N GLY A 245 6.43 -17.10 11.21
CA GLY A 245 5.66 -18.15 10.56
C GLY A 245 4.52 -17.61 9.71
N LYS A 246 4.04 -16.41 10.02
CA LYS A 246 2.95 -15.81 9.25
C LYS A 246 3.42 -15.49 7.84
N VAL A 247 2.53 -15.65 6.87
CA VAL A 247 2.86 -15.40 5.47
C VAL A 247 2.00 -14.29 4.90
N VAL A 248 2.62 -13.20 4.49
CA VAL A 248 1.88 -12.07 3.91
C VAL A 248 1.71 -12.25 2.38
N VAL A 249 0.47 -12.17 1.91
CA VAL A 249 0.22 -12.29 0.47
C VAL A 249 0.26 -10.85 -0.07
N ARG A 250 1.44 -10.46 -0.52
CA ARG A 250 1.69 -9.12 -1.03
C ARG A 250 1.07 -8.77 -2.36
N SER A 251 1.13 -9.70 -3.32
CA SER A 251 0.58 -9.43 -4.65
C SER A 251 0.35 -10.72 -5.43
N SER A 252 -0.73 -10.78 -6.19
CA SER A 252 -1.02 -11.97 -6.99
C SER A 252 -1.07 -11.60 -8.48
N PHE A 253 -0.89 -12.58 -9.35
CA PHE A 253 -0.87 -12.31 -10.79
C PHE A 253 -1.32 -13.52 -11.61
N SER A 254 -1.85 -13.24 -12.80
CA SER A 254 -2.32 -14.27 -13.72
C SER A 254 -1.87 -13.84 -15.10
N GLN A 255 -1.54 -14.81 -15.95
CA GLN A 255 -1.12 -14.52 -17.31
C GLN A 255 -1.47 -15.64 -18.26
N LEU A 256 -2.40 -15.38 -19.16
CA LEU A 256 -2.78 -16.37 -20.16
C LEU A 256 -1.64 -16.23 -21.16
N LEU A 257 -1.02 -17.34 -21.54
CA LEU A 257 0.08 -17.29 -22.52
C LEU A 257 -0.42 -17.52 -23.93
N ASP A 258 -0.12 -16.57 -24.81
CA ASP A 258 -0.54 -16.63 -26.21
C ASP A 258 -0.25 -17.93 -26.93
N ASN A 259 -1.27 -18.46 -27.61
CA ASN A 259 -1.15 -19.69 -28.38
C ASN A 259 -0.57 -20.86 -27.59
N THR A 260 -1.20 -21.19 -26.46
CA THR A 260 -0.72 -22.31 -25.65
C THR A 260 -1.89 -23.16 -25.15
N GLU A 261 -3.05 -22.97 -25.77
CA GLU A 261 -4.25 -23.71 -25.37
C GLU A 261 -4.05 -25.21 -25.26
N ASP A 262 -3.23 -25.77 -26.12
CA ASP A 262 -2.98 -27.21 -26.13
C ASP A 262 -2.00 -27.65 -25.07
N GLY A 263 -1.54 -26.70 -24.26
CA GLY A 263 -0.56 -27.03 -23.23
C GLY A 263 -1.03 -27.98 -22.14
N ILE A 264 -2.09 -27.60 -21.43
CA ILE A 264 -2.65 -28.41 -20.34
C ILE A 264 -4.13 -28.63 -20.62
N VAL A 265 -4.48 -29.86 -20.99
CA VAL A 265 -5.86 -30.18 -21.30
C VAL A 265 -6.46 -31.14 -20.28
N LEU A 266 -7.59 -30.72 -19.71
CA LEU A 266 -8.29 -31.54 -18.73
C LEU A 266 -9.63 -31.96 -19.31
N GLY A 267 -10.02 -33.20 -19.05
CA GLY A 267 -11.28 -33.68 -19.58
C GLY A 267 -11.86 -34.80 -18.75
N VAL A 268 -13.11 -35.15 -19.04
CA VAL A 268 -13.76 -36.22 -18.31
C VAL A 268 -14.02 -37.40 -19.23
N ASN A 269 -13.41 -38.55 -18.95
CA ASN A 269 -13.64 -39.74 -19.77
C ASN A 269 -14.57 -40.68 -19.02
N HIS A 270 -15.18 -41.60 -19.77
CA HIS A 270 -16.11 -42.58 -19.21
C HIS A 270 -15.51 -43.40 -18.08
N ASN A 271 -14.19 -43.52 -18.09
CA ASN A 271 -13.50 -44.28 -17.06
C ASN A 271 -12.66 -43.43 -16.12
N GLY A 272 -12.93 -42.13 -16.13
CA GLY A 272 -12.18 -41.25 -15.25
C GLY A 272 -11.74 -39.93 -15.84
N ILE A 273 -11.34 -39.02 -14.95
CA ILE A 273 -10.85 -37.72 -15.37
C ILE A 273 -9.42 -37.93 -15.84
N THR A 274 -8.99 -37.12 -16.80
CA THR A 274 -7.66 -37.23 -17.33
C THR A 274 -7.05 -35.86 -17.62
N CYS A 275 -5.74 -35.84 -17.81
CA CYS A 275 -5.01 -34.62 -18.12
C CYS A 275 -4.08 -34.92 -19.29
N GLU A 276 -4.20 -34.14 -20.37
CA GLU A 276 -3.36 -34.35 -21.54
C GLU A 276 -2.37 -33.18 -21.65
N LEU A 277 -1.09 -33.51 -21.55
CA LEU A 277 0.00 -32.52 -21.61
C LEU A 277 0.69 -32.53 -22.97
N SER A 278 1.00 -31.35 -23.46
CA SER A 278 1.66 -31.18 -24.76
C SER A 278 3.18 -31.32 -24.66
N GLU A 279 3.80 -31.77 -25.75
CA GLU A 279 5.25 -31.91 -25.78
C GLU A 279 5.85 -30.51 -25.66
N ASN A 280 5.09 -29.52 -26.12
CA ASN A 280 5.49 -28.11 -26.10
C ASN A 280 5.33 -27.42 -24.72
N LEU A 281 4.74 -28.08 -23.73
CA LEU A 281 4.53 -27.47 -22.42
C LEU A 281 5.79 -26.86 -21.82
N PRO A 282 6.87 -27.64 -21.73
CA PRO A 282 8.10 -27.07 -21.15
C PRO A 282 8.59 -25.83 -21.91
N GLY A 283 8.34 -25.77 -23.20
CA GLY A 283 8.75 -24.62 -23.98
C GLY A 283 7.85 -23.42 -23.63
N TYR A 284 6.59 -23.68 -23.28
CA TYR A 284 5.66 -22.61 -22.93
C TYR A 284 6.05 -22.04 -21.56
N ILE A 285 6.48 -22.94 -20.69
CA ILE A 285 6.90 -22.57 -19.35
C ILE A 285 8.15 -21.70 -19.40
N PHE A 286 9.17 -22.16 -20.12
CA PHE A 286 10.41 -21.42 -20.23
C PHE A 286 10.27 -19.99 -20.73
N SER A 287 9.51 -19.82 -21.81
CA SER A 287 9.35 -18.49 -22.37
C SER A 287 8.22 -17.69 -21.73
N GLY A 288 7.44 -18.35 -20.89
CA GLY A 288 6.33 -17.65 -20.24
C GLY A 288 6.64 -17.16 -18.85
N VAL A 289 7.46 -17.90 -18.10
CA VAL A 289 7.77 -17.52 -16.73
C VAL A 289 8.52 -16.19 -16.56
N ALA A 290 9.75 -16.11 -17.03
CA ALA A 290 10.53 -14.88 -16.91
C ALA A 290 9.79 -13.55 -17.15
N PRO A 291 9.14 -13.39 -18.32
CA PRO A 291 8.44 -12.12 -18.55
C PRO A 291 7.35 -11.75 -17.53
N VAL A 292 6.53 -12.73 -17.13
CA VAL A 292 5.48 -12.45 -16.15
C VAL A 292 6.06 -12.16 -14.77
N VAL A 293 6.99 -13.01 -14.31
CA VAL A 293 7.60 -12.82 -13.01
C VAL A 293 8.35 -11.50 -12.93
N THR A 294 9.04 -11.14 -14.02
CA THR A 294 9.80 -9.90 -14.06
C THR A 294 8.89 -8.67 -14.04
N GLU A 295 7.80 -8.72 -14.77
CA GLU A 295 6.88 -7.59 -14.81
C GLU A 295 6.21 -7.37 -13.46
N MET A 296 5.78 -8.47 -12.82
CA MET A 296 5.13 -8.42 -11.51
C MET A 296 6.06 -7.91 -10.41
N LEU A 297 7.30 -8.41 -10.40
CA LEU A 297 8.26 -7.97 -9.40
C LEU A 297 8.53 -6.47 -9.59
N TRP A 298 8.62 -6.03 -10.84
CA TRP A 298 8.87 -4.62 -11.11
C TRP A 298 7.75 -3.78 -10.49
N ASP A 299 6.50 -4.25 -10.58
CA ASP A 299 5.38 -3.52 -10.00
C ASP A 299 5.60 -3.37 -8.50
N ASN A 300 6.38 -4.27 -7.91
CA ASN A 300 6.65 -4.20 -6.49
C ASN A 300 8.08 -3.79 -6.17
N GLY A 301 8.70 -3.07 -7.11
CA GLY A 301 10.05 -2.57 -6.91
C GLY A 301 11.12 -3.62 -6.71
N LEU A 302 10.96 -4.76 -7.37
CA LEU A 302 11.91 -5.86 -7.24
C LEU A 302 12.32 -6.46 -8.58
N GLN A 303 13.41 -7.22 -8.53
CA GLN A 303 13.97 -7.92 -9.70
C GLN A 303 14.04 -9.36 -9.22
N ILE A 304 14.34 -10.26 -10.14
CA ILE A 304 14.45 -11.68 -9.82
C ILE A 304 15.56 -12.00 -8.81
N SER A 305 16.67 -11.25 -8.86
CA SER A 305 17.80 -11.47 -7.96
C SER A 305 17.53 -11.09 -6.49
N ASP A 306 16.47 -10.34 -6.23
CA ASP A 306 16.12 -9.95 -4.87
C ASP A 306 15.43 -11.06 -4.08
N ILE A 307 14.83 -12.00 -4.80
CA ILE A 307 14.04 -13.06 -4.17
C ILE A 307 14.71 -14.21 -3.40
N ASP A 308 14.23 -14.43 -2.17
CA ASP A 308 14.69 -15.55 -1.33
C ASP A 308 13.50 -16.49 -1.46
N LEU A 309 13.71 -17.74 -1.86
CA LEU A 309 12.57 -18.66 -1.98
C LEU A 309 11.79 -18.56 -3.29
N TRP A 310 11.78 -19.66 -4.01
CA TRP A 310 11.05 -19.76 -5.25
C TRP A 310 10.17 -21.00 -5.10
N ALA A 311 8.91 -20.77 -4.81
CA ALA A 311 7.95 -21.87 -4.64
C ALA A 311 7.39 -22.20 -6.02
N ILE A 312 8.20 -22.93 -6.78
CA ILE A 312 7.82 -23.33 -8.13
C ILE A 312 6.98 -24.59 -8.07
N HIS A 313 5.81 -24.56 -8.70
CA HIS A 313 4.95 -25.73 -8.69
C HIS A 313 5.73 -26.97 -9.14
N PRO A 314 5.88 -27.96 -8.24
CA PRO A 314 6.60 -29.19 -8.57
C PRO A 314 5.76 -30.18 -9.36
N GLY A 315 5.38 -29.80 -10.57
CA GLY A 315 4.56 -30.67 -11.40
C GLY A 315 5.32 -31.79 -12.05
N GLY A 316 6.64 -31.71 -12.05
CA GLY A 316 7.45 -32.74 -12.66
C GLY A 316 8.82 -32.20 -13.02
N PRO A 317 9.82 -33.07 -13.20
CA PRO A 317 11.15 -32.58 -13.55
C PRO A 317 11.22 -31.50 -14.64
N LYS A 318 10.53 -31.71 -15.76
CA LYS A 318 10.56 -30.73 -16.86
C LYS A 318 9.95 -29.37 -16.51
N ILE A 319 8.97 -29.36 -15.61
CA ILE A 319 8.31 -28.12 -15.21
C ILE A 319 9.18 -27.27 -14.29
N ILE A 320 9.83 -27.92 -13.32
CA ILE A 320 10.72 -27.23 -12.41
C ILE A 320 11.93 -26.74 -13.21
N GLU A 321 12.48 -27.66 -14.00
CA GLU A 321 13.62 -27.45 -14.89
C GLU A 321 13.55 -26.16 -15.69
N GLN A 322 12.49 -26.02 -16.49
CA GLN A 322 12.30 -24.86 -17.34
C GLN A 322 11.94 -23.60 -16.57
N SER A 323 11.27 -23.75 -15.43
CA SER A 323 10.91 -22.59 -14.63
C SER A 323 12.19 -21.94 -14.12
N VAL A 324 13.13 -22.76 -13.67
CA VAL A 324 14.40 -22.26 -13.16
C VAL A 324 15.27 -21.64 -14.28
N ARG A 325 15.29 -22.26 -15.45
CA ARG A 325 16.08 -21.73 -16.54
C ARG A 325 15.51 -20.38 -16.98
N SER A 326 14.19 -20.33 -17.11
CA SER A 326 13.48 -19.12 -17.52
C SER A 326 13.89 -17.96 -16.64
N LEU A 327 13.98 -18.20 -15.34
CA LEU A 327 14.36 -17.17 -14.38
C LEU A 327 15.87 -16.90 -14.32
N GLY A 328 16.66 -17.82 -14.85
CA GLY A 328 18.11 -17.65 -14.81
C GLY A 328 18.65 -17.70 -13.38
N ILE A 329 18.03 -18.55 -12.57
CA ILE A 329 18.43 -18.70 -11.18
C ILE A 329 19.14 -20.01 -10.86
N SER A 330 19.84 -20.05 -9.72
CA SER A 330 20.55 -21.23 -9.29
C SER A 330 19.56 -22.37 -9.03
N ALA A 331 19.93 -23.58 -9.47
CA ALA A 331 19.10 -24.75 -9.30
C ALA A 331 18.83 -25.05 -7.83
N GLU A 332 19.72 -24.57 -6.97
CA GLU A 332 19.56 -24.79 -5.55
C GLU A 332 18.41 -24.01 -4.95
N LEU A 333 17.98 -22.94 -5.63
CA LEU A 333 16.87 -22.15 -5.11
C LEU A 333 15.53 -22.84 -5.37
N ALA A 334 15.61 -24.06 -5.92
CA ALA A 334 14.42 -24.87 -6.23
C ALA A 334 14.43 -26.17 -5.43
N ALA A 335 15.24 -26.20 -4.38
CA ALA A 335 15.36 -27.40 -3.54
C ALA A 335 14.02 -27.82 -2.91
N GLN A 336 13.27 -26.85 -2.38
CA GLN A 336 11.98 -27.13 -1.76
C GLN A 336 11.04 -27.80 -2.74
N SER A 337 11.02 -27.32 -3.99
CA SER A 337 10.15 -27.89 -5.01
C SER A 337 10.56 -29.29 -5.41
N TRP A 338 11.87 -29.52 -5.56
CA TRP A 338 12.35 -30.86 -5.93
C TRP A 338 12.00 -31.84 -4.84
N ASP A 339 12.18 -31.41 -3.58
CA ASP A 339 11.90 -32.23 -2.42
C ASP A 339 10.46 -32.75 -2.41
N VAL A 340 9.51 -31.83 -2.59
CA VAL A 340 8.08 -32.20 -2.62
C VAL A 340 7.80 -33.21 -3.74
N LEU A 341 8.30 -32.95 -4.95
CA LEU A 341 8.09 -33.83 -6.09
C LEU A 341 8.64 -35.23 -5.80
N ALA A 342 9.80 -35.27 -5.14
CA ALA A 342 10.42 -36.55 -4.80
C ALA A 342 9.65 -37.34 -3.73
N ARG A 343 9.10 -36.63 -2.76
CA ARG A 343 8.37 -37.26 -1.67
C ARG A 343 6.88 -37.46 -1.91
N PHE A 344 6.31 -36.70 -2.84
CA PHE A 344 4.87 -36.79 -3.09
C PHE A 344 4.43 -36.91 -4.54
N GLY A 345 5.33 -36.61 -5.47
CA GLY A 345 4.95 -36.65 -6.87
C GLY A 345 4.21 -35.35 -7.10
N ASN A 346 3.34 -35.30 -8.10
CA ASN A 346 2.57 -34.10 -8.39
C ASN A 346 1.14 -34.26 -7.91
N MET A 347 0.77 -33.46 -6.91
CA MET A 347 -0.56 -33.52 -6.34
C MET A 347 -1.41 -32.36 -6.81
N LEU A 348 -1.13 -31.90 -8.02
CA LEU A 348 -1.87 -30.80 -8.63
C LEU A 348 -1.90 -29.54 -7.76
N SER A 349 -3.09 -28.96 -7.56
CA SER A 349 -3.23 -27.73 -6.78
C SER A 349 -2.60 -27.75 -5.41
N VAL A 350 -2.57 -28.92 -4.80
CA VAL A 350 -2.03 -29.09 -3.46
C VAL A 350 -0.53 -28.85 -3.29
N SER A 351 0.25 -29.24 -4.30
CA SER A 351 1.70 -29.15 -4.26
C SER A 351 2.32 -27.81 -3.89
N LEU A 352 1.79 -26.74 -4.45
CA LEU A 352 2.33 -25.42 -4.14
C LEU A 352 2.28 -25.18 -2.62
N ILE A 353 1.21 -25.63 -1.97
CA ILE A 353 1.11 -25.41 -0.53
C ILE A 353 2.04 -26.29 0.31
N PHE A 354 2.36 -27.48 -0.20
CA PHE A 354 3.30 -28.36 0.50
C PHE A 354 4.65 -27.65 0.45
N VAL A 355 4.91 -27.01 -0.69
CA VAL A 355 6.14 -26.28 -0.90
C VAL A 355 6.31 -25.13 0.07
N LEU A 356 5.24 -24.36 0.24
CA LEU A 356 5.22 -23.21 1.12
C LEU A 356 5.47 -23.63 2.57
N GLU A 357 4.87 -24.74 3.00
CA GLU A 357 5.05 -25.23 4.36
C GLU A 357 6.52 -25.55 4.71
N THR A 358 7.27 -26.09 3.75
CA THR A 358 8.67 -26.42 3.99
C THR A 358 9.47 -25.14 4.21
N MET A 359 9.17 -24.12 3.41
CA MET A 359 9.86 -22.83 3.50
C MET A 359 9.53 -22.16 4.82
N VAL A 360 8.33 -22.42 5.33
CA VAL A 360 7.90 -21.85 6.59
C VAL A 360 8.67 -22.53 7.73
N GLN A 361 8.68 -23.85 7.72
CA GLN A 361 9.35 -24.65 8.74
C GLN A 361 10.87 -24.45 8.82
N GLN A 362 11.50 -24.07 7.71
CA GLN A 362 12.95 -23.84 7.75
C GLN A 362 13.41 -22.64 6.92
N ALA A 363 13.97 -21.66 7.63
CA ALA A 363 14.48 -20.44 7.01
C ALA A 363 15.61 -20.76 6.03
N GLU A 364 15.62 -20.06 4.90
CA GLU A 364 16.64 -20.27 3.88
C GLU A 364 17.83 -19.32 4.08
N SER A 365 17.66 -18.38 5.00
CA SER A 365 18.70 -17.41 5.30
C SER A 365 18.45 -16.86 6.69
N ALA A 366 19.31 -15.94 7.13
CA ALA A 366 19.19 -15.36 8.46
C ALA A 366 18.44 -14.04 8.50
N LYS A 367 18.04 -13.52 7.35
CA LYS A 367 17.35 -12.25 7.33
C LYS A 367 15.93 -12.37 7.88
N ALA A 368 15.52 -11.38 8.67
CA ALA A 368 14.19 -11.35 9.24
C ALA A 368 13.30 -10.94 8.08
N ILE A 369 12.38 -11.82 7.71
CA ILE A 369 11.45 -11.62 6.59
C ILE A 369 12.09 -12.07 5.28
N SER A 370 11.63 -13.21 4.79
CA SER A 370 12.12 -13.77 3.53
C SER A 370 11.06 -13.41 2.48
N THR A 371 11.49 -12.94 1.31
CA THR A 371 10.54 -12.58 0.28
C THR A 371 10.53 -13.66 -0.79
N GLY A 372 9.35 -14.16 -1.14
CA GLY A 372 9.31 -15.20 -2.14
C GLY A 372 8.21 -15.04 -3.18
N VAL A 373 8.38 -15.79 -4.26
CA VAL A 373 7.43 -15.80 -5.36
C VAL A 373 7.03 -17.26 -5.57
N ALA A 374 5.72 -17.47 -5.69
CA ALA A 374 5.22 -18.80 -5.93
C ALA A 374 4.41 -18.74 -7.21
N PHE A 375 4.44 -19.82 -7.99
CA PHE A 375 3.66 -19.85 -9.21
C PHE A 375 3.46 -21.28 -9.67
N ALA A 376 2.38 -21.48 -10.43
CA ALA A 376 2.02 -22.79 -10.96
C ALA A 376 1.39 -22.54 -12.31
N PHE A 377 1.05 -23.63 -13.00
CA PHE A 377 0.47 -23.52 -14.34
C PHE A 377 -0.91 -24.15 -14.48
N GLY A 378 -1.86 -23.34 -14.94
CA GLY A 378 -3.22 -23.82 -15.13
C GLY A 378 -3.56 -24.00 -16.59
N PRO A 379 -4.66 -24.69 -16.91
CA PRO A 379 -5.06 -24.90 -18.30
C PRO A 379 -5.16 -23.61 -19.11
N GLY A 380 -5.09 -23.76 -20.43
CA GLY A 380 -5.13 -22.64 -21.36
C GLY A 380 -3.71 -22.15 -21.34
N VAL A 381 -3.06 -22.64 -20.29
CA VAL A 381 -1.70 -22.34 -19.89
C VAL A 381 -1.73 -20.90 -19.47
N THR A 382 -1.93 -20.77 -18.16
CA THR A 382 -2.02 -19.52 -17.46
C THR A 382 -0.98 -19.64 -16.37
N VAL A 383 -0.19 -18.59 -16.18
CA VAL A 383 0.79 -18.61 -15.11
C VAL A 383 0.05 -18.00 -13.95
N GLU A 384 -0.04 -18.75 -12.86
CA GLU A 384 -0.75 -18.31 -11.68
C GLU A 384 0.28 -18.23 -10.55
N GLY A 385 0.28 -17.12 -9.82
CA GLY A 385 1.25 -17.00 -8.74
C GLY A 385 1.03 -15.84 -7.80
N MET A 386 2.01 -15.63 -6.91
CA MET A 386 1.93 -14.55 -5.93
C MET A 386 3.31 -14.17 -5.40
N LEU A 387 3.42 -12.93 -4.93
CA LEU A 387 4.65 -12.44 -4.30
C LEU A 387 4.28 -12.55 -2.81
N PHE A 388 5.20 -13.03 -1.98
CA PHE A 388 4.88 -13.17 -0.57
C PHE A 388 6.05 -12.95 0.38
N ASP A 389 5.72 -12.74 1.65
CA ASP A 389 6.70 -12.54 2.72
C ASP A 389 6.47 -13.53 3.87
N ILE A 390 7.54 -14.19 4.31
CA ILE A 390 7.44 -15.11 5.44
C ILE A 390 8.18 -14.43 6.60
N ILE A 391 7.46 -14.17 7.69
CA ILE A 391 8.08 -13.53 8.83
C ILE A 391 8.91 -14.52 9.64
N ARG A 392 10.20 -14.23 9.79
CA ARG A 392 11.08 -15.09 10.54
C ARG A 392 11.14 -14.63 11.99
N ARG A 393 11.17 -13.31 12.18
CA ARG A 393 11.19 -12.71 13.51
C ARG A 393 10.75 -11.25 13.46
N THR B 31 -19.05 1.96 0.47
CA THR B 31 -19.04 1.47 -0.94
C THR B 31 -20.14 0.46 -1.25
N VAL B 32 -20.71 0.59 -2.43
CA VAL B 32 -21.79 -0.26 -2.89
C VAL B 32 -21.42 -1.07 -4.14
N ALA B 33 -21.90 -2.31 -4.20
CA ALA B 33 -21.66 -3.21 -5.34
C ALA B 33 -22.84 -3.10 -6.31
N VAL B 34 -22.55 -2.81 -7.57
CA VAL B 34 -23.58 -2.62 -8.59
C VAL B 34 -23.51 -3.48 -9.84
N ILE B 35 -24.67 -3.92 -10.30
CA ILE B 35 -24.78 -4.68 -11.52
C ILE B 35 -25.04 -3.55 -12.51
N GLU B 36 -23.98 -3.12 -13.17
CA GLU B 36 -24.07 -2.01 -14.11
C GLU B 36 -24.37 -2.46 -15.53
N GLY B 37 -24.29 -3.77 -15.77
CA GLY B 37 -24.56 -4.29 -17.08
C GLY B 37 -25.15 -5.68 -16.97
N LEU B 38 -26.00 -6.05 -17.93
CA LEU B 38 -26.63 -7.37 -17.87
C LEU B 38 -27.20 -7.77 -19.22
N ALA B 39 -27.02 -9.03 -19.58
CA ALA B 39 -27.50 -9.55 -20.83
C ALA B 39 -27.83 -11.03 -20.70
N THR B 40 -28.73 -11.51 -21.54
CA THR B 40 -29.12 -12.90 -21.51
C THR B 40 -29.12 -13.42 -22.93
N GLY B 41 -28.91 -14.72 -23.08
CA GLY B 41 -28.90 -15.30 -24.40
C GLY B 41 -29.34 -16.73 -24.35
N THR B 42 -29.67 -17.28 -25.50
CA THR B 42 -30.13 -18.64 -25.56
C THR B 42 -29.87 -19.21 -26.94
N PRO B 43 -29.65 -20.53 -27.02
CA PRO B 43 -29.42 -21.12 -28.35
C PRO B 43 -30.70 -20.93 -29.17
N ARG B 44 -30.56 -20.62 -30.46
CA ARG B 44 -31.69 -20.36 -31.35
C ARG B 44 -32.84 -21.39 -31.45
N ARG B 45 -32.50 -22.67 -31.45
CA ARG B 45 -33.51 -23.74 -31.58
C ARG B 45 -34.64 -23.69 -30.54
N VAL B 46 -35.87 -23.50 -31.01
CA VAL B 46 -37.03 -23.45 -30.14
C VAL B 46 -37.71 -24.82 -30.10
N VAL B 47 -37.81 -25.41 -28.92
CA VAL B 47 -38.44 -26.70 -28.76
C VAL B 47 -39.80 -26.55 -28.08
N ASN B 48 -40.85 -27.04 -28.73
CA ASN B 48 -42.20 -26.93 -28.20
C ASN B 48 -42.55 -28.11 -27.28
N GLN B 49 -42.87 -27.81 -26.03
CA GLN B 49 -43.21 -28.84 -25.05
C GLN B 49 -44.29 -29.79 -25.52
N SER B 50 -45.33 -29.24 -26.15
CA SER B 50 -46.44 -30.06 -26.65
C SER B 50 -45.86 -31.09 -27.60
N ASP B 51 -44.95 -30.65 -28.44
CA ASP B 51 -44.32 -31.56 -29.38
C ASP B 51 -43.33 -32.47 -28.65
N ALA B 52 -42.51 -31.88 -27.79
CA ALA B 52 -41.53 -32.65 -27.05
C ALA B 52 -42.23 -33.81 -26.35
N ALA B 53 -43.39 -33.53 -25.77
CA ALA B 53 -44.16 -34.55 -25.07
C ALA B 53 -44.47 -35.73 -26.01
N ASP B 54 -45.07 -35.40 -27.16
CA ASP B 54 -45.43 -36.41 -28.15
C ASP B 54 -44.17 -37.15 -28.59
N ARG B 55 -43.17 -36.39 -29.01
CA ARG B 55 -41.89 -36.93 -29.47
C ARG B 55 -41.25 -37.88 -28.46
N VAL B 56 -41.16 -37.44 -27.21
CA VAL B 56 -40.56 -38.24 -26.15
C VAL B 56 -41.39 -39.48 -25.80
N ALA B 57 -42.71 -39.35 -25.87
CA ALA B 57 -43.59 -40.47 -25.55
C ALA B 57 -43.36 -41.65 -26.49
N GLU B 58 -43.19 -41.36 -27.77
CA GLU B 58 -42.97 -42.39 -28.76
C GLU B 58 -41.80 -43.32 -28.41
N LEU B 59 -40.83 -42.80 -27.67
CA LEU B 59 -39.65 -43.57 -27.28
C LEU B 59 -39.98 -44.74 -26.35
N GLY B 64 -46.28 -49.77 -23.59
CA GLY B 64 -45.99 -49.95 -22.18
C GLY B 64 -46.68 -48.90 -21.35
N GLN B 65 -45.89 -48.16 -20.58
CA GLN B 65 -46.41 -47.10 -19.73
C GLN B 65 -45.97 -45.73 -20.25
N ARG B 66 -46.18 -45.49 -21.54
CA ARG B 66 -45.82 -44.23 -22.16
C ARG B 66 -46.88 -43.20 -21.83
N GLU B 67 -47.81 -43.59 -20.96
CA GLU B 67 -48.88 -42.69 -20.53
C GLU B 67 -48.33 -41.64 -19.59
N ARG B 68 -47.28 -42.01 -18.85
CA ARG B 68 -46.63 -41.12 -17.90
C ARG B 68 -46.17 -39.83 -18.57
N ILE B 69 -45.24 -39.96 -19.52
CA ILE B 69 -44.67 -38.83 -20.23
C ILE B 69 -45.65 -37.67 -20.48
N PRO B 70 -46.80 -37.94 -21.11
CA PRO B 70 -47.77 -36.87 -21.37
C PRO B 70 -48.19 -36.18 -20.08
N ARG B 71 -48.18 -36.93 -18.98
CA ARG B 71 -48.56 -36.40 -17.67
C ARG B 71 -47.52 -35.43 -17.13
N VAL B 72 -46.27 -35.88 -17.06
CA VAL B 72 -45.18 -35.05 -16.56
C VAL B 72 -44.97 -33.80 -17.40
N TYR B 73 -45.17 -33.91 -18.71
CA TYR B 73 -45.00 -32.76 -19.59
C TYR B 73 -46.15 -31.76 -19.48
N GLN B 74 -47.28 -32.21 -18.95
CA GLN B 74 -48.45 -31.32 -18.80
C GLN B 74 -48.30 -30.48 -17.54
N LYS B 75 -47.82 -31.11 -16.48
CA LYS B 75 -47.65 -30.43 -15.21
C LYS B 75 -46.39 -29.55 -15.15
N SER B 76 -45.53 -29.67 -16.14
CA SER B 76 -44.28 -28.90 -16.18
C SER B 76 -44.50 -27.39 -16.19
N ARG B 77 -45.63 -26.98 -16.75
CA ARG B 77 -45.95 -25.57 -16.84
C ARG B 77 -44.91 -24.84 -17.68
N ILE B 78 -44.39 -25.55 -18.66
CA ILE B 78 -43.40 -25.02 -19.58
C ILE B 78 -44.04 -25.05 -20.96
N THR B 79 -43.89 -23.96 -21.70
CA THR B 79 -44.43 -23.86 -23.05
C THR B 79 -43.32 -24.12 -24.06
N THR B 80 -42.15 -23.54 -23.79
CA THR B 80 -40.99 -23.69 -24.64
C THR B 80 -39.70 -23.59 -23.85
N ARG B 81 -38.65 -24.18 -24.40
CA ARG B 81 -37.32 -24.11 -23.83
C ARG B 81 -36.36 -24.20 -25.01
N ARG B 82 -35.24 -23.49 -24.90
CA ARG B 82 -34.24 -23.47 -25.96
C ARG B 82 -33.22 -24.55 -25.76
N MET B 83 -32.73 -25.09 -26.88
CA MET B 83 -31.72 -26.14 -26.86
C MET B 83 -30.66 -26.00 -27.95
N ALA B 84 -29.41 -26.07 -27.53
CA ALA B 84 -28.26 -25.98 -28.43
C ALA B 84 -28.23 -27.17 -29.37
N VAL B 85 -28.80 -28.27 -28.92
CA VAL B 85 -28.85 -29.51 -29.66
C VAL B 85 -30.23 -30.14 -29.58
N ASP B 86 -30.66 -30.77 -30.68
CA ASP B 86 -31.95 -31.43 -30.71
C ASP B 86 -31.67 -32.89 -30.37
N PRO B 87 -31.71 -33.25 -29.08
CA PRO B 87 -31.44 -34.63 -28.65
C PRO B 87 -32.26 -35.73 -29.32
N LEU B 88 -33.33 -35.34 -30.01
CA LEU B 88 -34.17 -36.32 -30.69
C LEU B 88 -33.94 -36.34 -32.20
N ASP B 89 -32.92 -35.61 -32.63
CA ASP B 89 -32.53 -35.54 -34.04
C ASP B 89 -32.02 -36.93 -34.46
N ALA B 90 -32.31 -37.33 -35.69
CA ALA B 90 -31.89 -38.64 -36.19
C ALA B 90 -30.42 -38.96 -35.92
N LYS B 91 -29.58 -37.93 -35.94
CA LYS B 91 -28.15 -38.11 -35.69
C LYS B 91 -27.87 -38.41 -34.23
N PHE B 92 -28.30 -37.50 -33.35
CA PHE B 92 -28.09 -37.65 -31.91
C PHE B 92 -28.81 -38.87 -31.32
N ASP B 93 -29.79 -39.41 -32.02
CA ASP B 93 -30.52 -40.56 -31.50
C ASP B 93 -29.62 -41.77 -31.28
N VAL B 94 -28.80 -42.07 -32.27
CA VAL B 94 -27.88 -43.21 -32.19
C VAL B 94 -26.81 -42.96 -31.12
N PHE B 95 -26.34 -41.70 -31.09
CA PHE B 95 -25.32 -41.25 -30.16
C PHE B 95 -25.81 -41.31 -28.73
N ARG B 96 -27.08 -40.94 -28.55
CA ARG B 96 -27.72 -40.92 -27.23
C ARG B 96 -27.81 -42.30 -26.59
N ARG B 97 -28.09 -43.30 -27.41
CA ARG B 97 -28.21 -44.66 -26.91
C ARG B 97 -26.87 -45.28 -26.58
N GLU B 98 -25.79 -44.63 -27.01
CA GLU B 98 -24.46 -45.15 -26.75
C GLU B 98 -23.97 -44.85 -25.33
N PRO B 99 -23.14 -45.74 -24.78
CA PRO B 99 -22.59 -45.55 -23.44
C PRO B 99 -21.21 -44.91 -23.60
N ALA B 100 -20.60 -44.54 -22.48
CA ALA B 100 -19.27 -43.95 -22.50
C ALA B 100 -19.15 -42.84 -23.53
N THR B 101 -19.89 -41.75 -23.34
CA THR B 101 -19.84 -40.64 -24.28
C THR B 101 -19.70 -39.27 -23.62
N ILE B 102 -19.44 -39.23 -22.30
CA ILE B 102 -19.33 -37.93 -21.63
C ILE B 102 -18.30 -37.03 -22.27
N ARG B 103 -17.13 -37.59 -22.58
CA ARG B 103 -16.08 -36.80 -23.18
C ARG B 103 -16.58 -36.12 -24.45
N ASP B 104 -17.18 -36.89 -25.35
CA ASP B 104 -17.69 -36.28 -26.57
C ASP B 104 -18.71 -35.20 -26.24
N ARG B 105 -19.55 -35.49 -25.23
CA ARG B 105 -20.57 -34.56 -24.81
C ARG B 105 -19.96 -33.29 -24.21
N MET B 106 -18.82 -33.42 -23.54
CA MET B 106 -18.20 -32.23 -22.96
C MET B 106 -17.66 -31.36 -24.11
N HIS B 107 -17.20 -31.98 -25.19
CA HIS B 107 -16.69 -31.23 -26.34
C HIS B 107 -17.88 -30.53 -26.98
N LEU B 108 -19.00 -31.25 -27.11
CA LEU B 108 -20.23 -30.66 -27.68
C LEU B 108 -20.58 -29.43 -26.86
N PHE B 109 -20.52 -29.58 -25.54
CA PHE B 109 -20.81 -28.48 -24.65
C PHE B 109 -19.98 -27.28 -25.05
N TYR B 110 -18.67 -27.48 -25.13
CA TYR B 110 -17.74 -26.40 -25.48
C TYR B 110 -18.04 -25.79 -26.85
N GLU B 111 -18.34 -26.65 -27.81
CA GLU B 111 -18.65 -26.24 -29.17
C GLU B 111 -19.77 -25.22 -29.20
N HIS B 112 -20.85 -25.54 -28.51
CA HIS B 112 -22.00 -24.65 -28.49
C HIS B 112 -21.97 -23.56 -27.43
N ALA B 113 -21.23 -23.78 -26.35
CA ALA B 113 -21.16 -22.80 -25.28
C ALA B 113 -20.34 -21.55 -25.63
N VAL B 114 -19.17 -21.75 -26.23
CA VAL B 114 -18.31 -20.63 -26.58
C VAL B 114 -19.04 -19.50 -27.29
N PRO B 115 -19.66 -19.79 -28.44
CA PRO B 115 -20.39 -18.79 -29.23
C PRO B 115 -21.42 -18.03 -28.40
N LEU B 116 -22.26 -18.77 -27.69
CA LEU B 116 -23.31 -18.16 -26.86
C LEU B 116 -22.74 -17.25 -25.77
N ALA B 117 -21.79 -17.77 -24.98
CA ALA B 117 -21.20 -16.99 -23.91
C ALA B 117 -20.48 -15.74 -24.41
N VAL B 118 -19.85 -15.83 -25.58
CA VAL B 118 -19.15 -14.69 -26.14
C VAL B 118 -20.15 -13.60 -26.50
N ASP B 119 -21.21 -13.98 -27.21
CA ASP B 119 -22.23 -13.05 -27.63
C ASP B 119 -22.93 -12.40 -26.42
N VAL B 120 -23.27 -13.20 -25.43
CA VAL B 120 -23.93 -12.69 -24.23
C VAL B 120 -22.99 -11.78 -23.43
N SER B 121 -21.71 -12.11 -23.40
CA SER B 121 -20.76 -11.29 -22.66
C SER B 121 -20.57 -9.97 -23.41
N LYS B 122 -20.46 -10.03 -24.73
CA LYS B 122 -20.29 -8.80 -25.52
C LYS B 122 -21.46 -7.85 -25.25
N ARG B 123 -22.67 -8.40 -25.18
CA ARG B 123 -23.83 -7.55 -24.94
C ARG B 123 -23.85 -6.96 -23.55
N ALA B 124 -23.46 -7.74 -22.55
CA ALA B 124 -23.45 -7.25 -21.17
C ALA B 124 -22.56 -6.03 -21.04
N LEU B 125 -21.52 -5.98 -21.87
CA LEU B 125 -20.57 -4.87 -21.84
C LEU B 125 -20.87 -3.80 -22.89
N ALA B 126 -21.63 -4.16 -23.92
CA ALA B 126 -21.98 -3.24 -25.00
C ALA B 126 -22.38 -1.83 -24.54
N GLY B 127 -23.12 -1.72 -23.44
CA GLY B 127 -23.54 -0.41 -22.99
C GLY B 127 -22.55 0.41 -22.16
N LEU B 128 -21.55 -0.25 -21.59
CA LEU B 128 -20.59 0.47 -20.77
C LEU B 128 -19.38 0.95 -21.56
N PRO B 129 -18.69 1.97 -21.04
CA PRO B 129 -17.50 2.52 -21.69
C PRO B 129 -16.25 1.74 -21.29
N TYR B 130 -16.35 1.00 -20.20
CA TYR B 130 -15.23 0.22 -19.70
C TYR B 130 -14.39 -0.38 -20.80
N ARG B 131 -13.10 -0.16 -20.70
CA ARG B 131 -12.14 -0.68 -21.66
C ARG B 131 -11.68 -2.02 -21.11
N ALA B 132 -11.12 -2.86 -21.97
CA ALA B 132 -10.64 -4.18 -21.57
C ALA B 132 -9.76 -4.16 -20.31
N ALA B 133 -8.98 -3.10 -20.16
CA ALA B 133 -8.08 -3.00 -19.02
C ALA B 133 -8.78 -2.77 -17.68
N GLU B 134 -10.08 -2.47 -17.69
CA GLU B 134 -10.78 -2.25 -16.42
C GLU B 134 -11.52 -3.47 -15.90
N ILE B 135 -11.53 -4.54 -16.67
CA ILE B 135 -12.19 -5.77 -16.28
C ILE B 135 -11.13 -6.69 -15.68
N GLY B 136 -11.09 -6.77 -14.37
CA GLY B 136 -10.09 -7.58 -13.70
C GLY B 136 -10.47 -8.98 -13.27
N LEU B 137 -11.74 -9.34 -13.43
CA LEU B 137 -12.14 -10.68 -13.03
C LEU B 137 -13.25 -11.24 -13.92
N LEU B 138 -13.12 -12.52 -14.21
CA LEU B 138 -14.11 -13.23 -15.01
C LEU B 138 -14.48 -14.47 -14.20
N VAL B 139 -15.76 -14.57 -13.81
CA VAL B 139 -16.24 -15.72 -13.06
C VAL B 139 -17.14 -16.51 -13.97
N LEU B 140 -16.84 -17.79 -14.17
CA LEU B 140 -17.63 -18.63 -15.05
C LEU B 140 -18.32 -19.71 -14.21
N ALA B 141 -19.65 -19.81 -14.34
CA ALA B 141 -20.41 -20.82 -13.59
C ALA B 141 -21.16 -21.77 -14.52
N THR B 142 -21.03 -23.07 -14.25
CA THR B 142 -21.69 -24.10 -15.03
C THR B 142 -21.74 -25.38 -14.23
N SER B 143 -22.73 -26.22 -14.55
CA SER B 143 -22.92 -27.51 -13.92
C SER B 143 -23.27 -28.50 -15.05
N THR B 144 -23.11 -28.07 -16.30
CA THR B 144 -23.44 -28.92 -17.44
C THR B 144 -22.31 -29.22 -18.40
N GLY B 145 -21.09 -28.85 -18.04
CA GLY B 145 -19.95 -29.11 -18.93
C GLY B 145 -18.60 -28.92 -18.25
N PHE B 146 -17.71 -29.89 -18.45
CA PHE B 146 -16.37 -29.82 -17.84
C PHE B 146 -15.24 -30.04 -18.85
N ILE B 147 -14.48 -28.98 -19.10
CA ILE B 147 -13.33 -28.99 -20.02
C ILE B 147 -12.37 -27.85 -19.71
N ALA B 148 -11.09 -28.10 -19.91
CA ALA B 148 -10.07 -27.08 -19.66
C ALA B 148 -8.99 -27.18 -20.74
N PRO B 149 -8.65 -26.04 -21.35
CA PRO B 149 -9.21 -24.71 -21.08
C PRO B 149 -10.67 -24.60 -21.51
N GLY B 150 -11.48 -23.90 -20.72
CA GLY B 150 -12.90 -23.79 -21.03
C GLY B 150 -13.41 -22.48 -21.59
N VAL B 151 -14.72 -22.30 -21.47
CA VAL B 151 -15.39 -21.11 -21.97
C VAL B 151 -14.81 -19.79 -21.47
N ASP B 152 -14.25 -19.80 -20.26
CA ASP B 152 -13.66 -18.58 -19.72
C ASP B 152 -12.42 -18.16 -20.52
N VAL B 153 -11.62 -19.12 -20.94
CA VAL B 153 -10.43 -18.80 -21.71
C VAL B 153 -10.85 -18.26 -23.07
N ALA B 154 -11.87 -18.89 -23.64
CA ALA B 154 -12.41 -18.49 -24.94
C ALA B 154 -12.97 -17.07 -24.90
N ILE B 155 -13.64 -16.71 -23.81
CA ILE B 155 -14.20 -15.38 -23.66
C ILE B 155 -13.11 -14.31 -23.61
N VAL B 156 -12.07 -14.56 -22.81
CA VAL B 156 -10.97 -13.60 -22.69
C VAL B 156 -10.30 -13.30 -24.05
N LYS B 157 -10.09 -14.33 -24.85
CA LYS B 157 -9.47 -14.17 -26.15
C LYS B 157 -10.44 -13.54 -27.14
N GLU B 158 -11.66 -14.07 -27.19
CA GLU B 158 -12.67 -13.58 -28.12
C GLU B 158 -13.09 -12.14 -27.90
N LEU B 159 -13.07 -11.70 -26.65
CA LEU B 159 -13.49 -10.33 -26.33
C LEU B 159 -12.32 -9.37 -26.28
N GLY B 160 -11.11 -9.89 -26.20
CA GLY B 160 -9.94 -9.03 -26.14
C GLY B 160 -9.71 -8.50 -24.75
N LEU B 161 -9.98 -9.33 -23.76
CA LEU B 161 -9.79 -8.93 -22.36
C LEU B 161 -8.31 -9.15 -22.00
N SER B 162 -7.85 -8.49 -20.95
CA SER B 162 -6.46 -8.63 -20.53
C SER B 162 -6.05 -10.07 -20.19
N PRO B 163 -4.89 -10.50 -20.70
CA PRO B 163 -4.35 -11.85 -20.48
C PRO B 163 -4.00 -12.01 -19.00
N SER B 164 -3.94 -10.89 -18.30
CA SER B 164 -3.62 -10.90 -16.88
C SER B 164 -4.88 -10.79 -16.01
N ILE B 165 -6.05 -10.94 -16.62
CA ILE B 165 -7.31 -10.88 -15.89
C ILE B 165 -7.50 -12.10 -14.98
N SER B 166 -8.04 -11.87 -13.79
CA SER B 166 -8.27 -12.95 -12.84
C SER B 166 -9.47 -13.80 -13.29
N ARG B 167 -9.39 -15.11 -13.07
CA ARG B 167 -10.45 -16.03 -13.45
C ARG B 167 -10.72 -17.13 -12.43
N VAL B 168 -12.01 -17.44 -12.25
CA VAL B 168 -12.42 -18.50 -11.34
C VAL B 168 -13.58 -19.22 -11.99
N VAL B 169 -13.49 -20.54 -12.05
CA VAL B 169 -14.54 -21.36 -12.64
C VAL B 169 -15.30 -22.07 -11.54
N VAL B 170 -16.58 -21.75 -11.42
CA VAL B 170 -17.46 -22.34 -10.40
C VAL B 170 -18.31 -23.45 -11.02
N ASN B 171 -17.97 -24.70 -10.70
CA ASN B 171 -18.69 -25.84 -11.25
C ASN B 171 -19.47 -26.63 -10.19
N PHE B 172 -20.56 -27.24 -10.64
CA PHE B 172 -21.42 -28.07 -9.81
C PHE B 172 -22.07 -27.43 -8.59
N MET B 173 -22.33 -26.12 -8.67
CA MET B 173 -23.00 -25.42 -7.59
C MET B 173 -24.47 -25.26 -7.97
N GLY B 174 -24.83 -25.95 -9.05
CA GLY B 174 -26.20 -25.99 -9.54
C GLY B 174 -26.98 -24.74 -9.87
N CYS B 175 -28.28 -24.84 -9.62
CA CYS B 175 -29.25 -23.80 -9.91
C CYS B 175 -28.98 -22.47 -9.20
N ALA B 176 -28.22 -22.49 -8.12
CA ALA B 176 -27.93 -21.26 -7.40
C ALA B 176 -26.54 -20.65 -7.64
N ALA B 177 -25.79 -21.24 -8.57
CA ALA B 177 -24.43 -20.78 -8.88
C ALA B 177 -24.25 -19.27 -9.18
N ALA B 178 -25.23 -18.64 -9.83
CA ALA B 178 -25.12 -17.20 -10.13
C ALA B 178 -24.86 -16.38 -8.87
N MET B 179 -25.45 -16.79 -7.75
CA MET B 179 -25.25 -16.10 -6.48
C MET B 179 -23.84 -16.34 -5.92
N ASN B 180 -23.35 -17.58 -6.02
CA ASN B 180 -22.01 -17.87 -5.54
C ASN B 180 -21.02 -17.08 -6.41
N ALA B 181 -21.32 -17.03 -7.71
CA ALA B 181 -20.48 -16.33 -8.66
C ALA B 181 -20.50 -14.83 -8.39
N LEU B 182 -21.70 -14.27 -8.26
CA LEU B 182 -21.87 -12.86 -8.00
C LEU B 182 -21.17 -12.44 -6.70
N GLY B 183 -21.20 -13.32 -5.71
CA GLY B 183 -20.57 -13.02 -4.44
C GLY B 183 -19.07 -12.83 -4.64
N THR B 184 -18.50 -13.69 -5.47
CA THR B 184 -17.08 -13.65 -5.77
C THR B 184 -16.75 -12.33 -6.47
N ALA B 185 -17.62 -11.88 -7.36
CA ALA B 185 -17.43 -10.63 -8.08
C ALA B 185 -17.62 -9.45 -7.15
N THR B 186 -18.57 -9.59 -6.22
CA THR B 186 -18.87 -8.56 -5.23
C THR B 186 -17.67 -8.30 -4.32
N ASN B 187 -17.05 -9.38 -3.83
CA ASN B 187 -15.88 -9.25 -2.96
C ASN B 187 -14.73 -8.63 -3.76
N TYR B 188 -14.53 -9.14 -4.98
CA TYR B 188 -13.47 -8.63 -5.85
C TYR B 188 -13.54 -7.11 -6.02
N VAL B 189 -14.68 -6.65 -6.53
CA VAL B 189 -14.93 -5.25 -6.79
C VAL B 189 -14.81 -4.38 -5.52
N ARG B 190 -15.19 -4.92 -4.37
CA ARG B 190 -15.06 -4.17 -3.12
C ARG B 190 -13.59 -4.08 -2.76
N ALA B 191 -12.81 -5.09 -3.15
CA ALA B 191 -11.38 -5.11 -2.86
C ALA B 191 -10.58 -4.30 -3.90
N HIS B 192 -11.15 -4.12 -5.09
CA HIS B 192 -10.51 -3.35 -6.16
C HIS B 192 -11.56 -2.44 -6.80
N PRO B 193 -11.98 -1.40 -6.06
CA PRO B 193 -12.99 -0.41 -6.46
C PRO B 193 -12.87 0.20 -7.85
N ALA B 194 -11.65 0.26 -8.37
CA ALA B 194 -11.42 0.84 -9.69
C ALA B 194 -11.57 -0.19 -10.79
N MET B 195 -11.81 -1.44 -10.42
CA MET B 195 -11.94 -2.53 -11.40
C MET B 195 -13.37 -3.08 -11.51
N LYS B 196 -13.61 -3.78 -12.61
CA LYS B 196 -14.91 -4.39 -12.87
C LYS B 196 -14.80 -5.90 -12.92
N ALA B 197 -15.94 -6.57 -12.78
CA ALA B 197 -15.94 -8.02 -12.82
C ALA B 197 -17.00 -8.46 -13.82
N LEU B 198 -16.70 -9.56 -14.53
CA LEU B 198 -17.64 -10.10 -15.49
C LEU B 198 -18.09 -11.47 -14.99
N VAL B 199 -19.39 -11.63 -14.81
CA VAL B 199 -19.96 -12.90 -14.34
C VAL B 199 -20.72 -13.55 -15.49
N VAL B 200 -20.31 -14.77 -15.84
CA VAL B 200 -20.95 -15.50 -16.92
C VAL B 200 -21.45 -16.87 -16.47
N CYS B 201 -22.75 -17.09 -16.63
CA CYS B 201 -23.34 -18.37 -16.30
C CYS B 201 -23.76 -19.01 -17.63
N ILE B 202 -23.33 -20.26 -17.85
CA ILE B 202 -23.68 -20.97 -19.09
C ILE B 202 -24.16 -22.34 -18.72
N GLU B 203 -25.32 -22.68 -19.25
CA GLU B 203 -25.90 -23.96 -18.96
C GLU B 203 -26.48 -24.51 -20.26
N LEU B 204 -26.00 -25.68 -20.65
CA LEU B 204 -26.43 -26.37 -21.86
C LEU B 204 -26.82 -27.81 -21.52
N CYS B 205 -28.02 -27.97 -20.95
CA CYS B 205 -28.49 -29.30 -20.57
C CYS B 205 -28.74 -30.24 -21.75
N SER B 206 -29.23 -29.71 -22.87
CA SER B 206 -29.53 -30.55 -24.02
C SER B 206 -28.38 -31.46 -24.39
N VAL B 207 -27.18 -30.99 -24.10
CA VAL B 207 -25.97 -31.72 -24.42
C VAL B 207 -25.76 -32.99 -23.57
N ASN B 208 -26.51 -33.09 -22.47
CA ASN B 208 -26.38 -34.25 -21.60
C ASN B 208 -27.63 -35.14 -21.65
N ALA B 209 -28.50 -34.91 -22.62
CA ALA B 209 -29.75 -35.68 -22.75
C ALA B 209 -29.50 -37.17 -22.99
N VAL B 210 -30.22 -38.02 -22.25
CA VAL B 210 -30.07 -39.46 -22.36
C VAL B 210 -31.41 -40.21 -22.46
N PHE B 211 -32.47 -39.59 -21.95
CA PHE B 211 -33.80 -40.19 -21.99
C PHE B 211 -33.78 -41.58 -21.38
N ALA B 212 -33.42 -41.66 -20.10
CA ALA B 212 -33.35 -42.93 -19.40
C ALA B 212 -34.72 -43.36 -18.89
N ASP B 213 -34.79 -44.57 -18.33
CA ASP B 213 -36.04 -45.14 -17.83
C ASP B 213 -36.64 -44.60 -16.54
N ASP B 214 -35.82 -44.37 -15.52
CA ASP B 214 -36.32 -43.88 -14.23
C ASP B 214 -37.19 -42.62 -14.30
N ILE B 215 -37.98 -42.44 -13.25
CA ILE B 215 -38.90 -41.32 -13.13
C ILE B 215 -38.20 -39.96 -12.98
N ASN B 216 -37.14 -39.92 -12.17
CA ASN B 216 -36.44 -38.66 -11.97
C ASN B 216 -35.80 -38.15 -13.27
N ASP B 217 -35.33 -39.07 -14.10
CA ASP B 217 -34.69 -38.72 -15.37
C ASP B 217 -35.78 -38.17 -16.29
N VAL B 218 -36.94 -38.81 -16.26
CA VAL B 218 -38.04 -38.35 -17.10
C VAL B 218 -38.44 -36.94 -16.68
N VAL B 219 -38.40 -36.66 -15.38
CA VAL B 219 -38.76 -35.35 -14.84
C VAL B 219 -37.78 -34.26 -15.28
N ILE B 220 -36.49 -34.42 -15.03
CA ILE B 220 -35.53 -33.39 -15.42
C ILE B 220 -35.48 -33.19 -16.94
N HIS B 221 -35.66 -34.27 -17.70
CA HIS B 221 -35.65 -34.16 -19.16
C HIS B 221 -36.83 -33.38 -19.69
N SER B 222 -37.86 -33.22 -18.86
CA SER B 222 -39.04 -32.46 -19.25
C SER B 222 -38.97 -31.01 -18.72
N LEU B 223 -38.09 -30.74 -17.75
CA LEU B 223 -37.96 -29.41 -17.18
C LEU B 223 -36.74 -28.57 -17.59
N PHE B 224 -35.59 -29.22 -17.79
CA PHE B 224 -34.36 -28.51 -18.13
C PHE B 224 -34.21 -27.93 -19.54
N GLY B 225 -33.68 -26.71 -19.59
CA GLY B 225 -33.45 -26.03 -20.87
C GLY B 225 -32.05 -25.44 -20.95
N ASP B 226 -31.74 -24.82 -22.10
CA ASP B 226 -30.43 -24.24 -22.34
C ASP B 226 -30.47 -22.71 -22.25
N GLY B 227 -29.41 -22.12 -21.73
CA GLY B 227 -29.36 -20.67 -21.62
C GLY B 227 -28.03 -20.13 -21.16
N CYS B 228 -27.91 -18.81 -21.21
CA CYS B 228 -26.69 -18.12 -20.80
C CYS B 228 -27.03 -16.71 -20.34
N ALA B 229 -26.25 -16.19 -19.41
CA ALA B 229 -26.47 -14.83 -18.92
C ALA B 229 -25.16 -14.33 -18.36
N ALA B 230 -24.98 -13.02 -18.40
CA ALA B 230 -23.76 -12.41 -17.91
C ALA B 230 -24.03 -11.09 -17.19
N LEU B 231 -23.22 -10.83 -16.16
CA LEU B 231 -23.36 -9.59 -15.38
C LEU B 231 -22.02 -8.84 -15.32
N VAL B 232 -22.10 -7.52 -15.40
CA VAL B 232 -20.94 -6.67 -15.31
C VAL B 232 -21.10 -5.99 -13.95
N ILE B 233 -20.18 -6.26 -13.02
CA ILE B 233 -20.28 -5.70 -11.69
C ILE B 233 -19.22 -4.63 -11.42
N GLY B 234 -19.56 -3.65 -10.60
CA GLY B 234 -18.65 -2.57 -10.29
C GLY B 234 -18.89 -2.08 -8.87
N ALA B 235 -18.00 -1.22 -8.39
CA ALA B 235 -18.13 -0.66 -7.04
C ALA B 235 -18.43 0.81 -7.18
N SER B 236 -19.19 1.34 -6.24
CA SER B 236 -19.55 2.75 -6.29
C SER B 236 -19.74 3.33 -4.90
N GLN B 237 -19.53 4.64 -4.77
CA GLN B 237 -19.71 5.30 -3.48
C GLN B 237 -21.21 5.27 -3.15
N VAL B 238 -21.55 5.43 -1.88
CA VAL B 238 -22.95 5.41 -1.48
C VAL B 238 -23.62 6.67 -2.01
N GLN B 239 -22.88 7.76 -1.99
CA GLN B 239 -23.36 9.06 -2.45
C GLN B 239 -23.69 9.13 -3.93
N GLU B 240 -22.99 8.35 -4.75
CA GLU B 240 -23.22 8.41 -6.19
C GLU B 240 -24.68 8.15 -6.57
N LYS B 241 -25.25 9.04 -7.36
CA LYS B 241 -26.62 8.87 -7.80
C LYS B 241 -26.59 8.01 -9.06
N LEU B 242 -26.99 6.76 -8.90
CA LEU B 242 -27.01 5.80 -9.99
C LEU B 242 -28.13 6.07 -10.99
N GLU B 243 -27.90 5.66 -12.24
CA GLU B 243 -28.88 5.86 -13.28
C GLU B 243 -29.88 4.70 -13.34
N PRO B 244 -31.06 4.94 -13.92
CA PRO B 244 -32.12 3.94 -14.05
C PRO B 244 -31.67 2.60 -14.66
N GLY B 245 -32.17 1.51 -14.09
CA GLY B 245 -31.81 0.20 -14.59
C GLY B 245 -30.69 -0.46 -13.80
N LYS B 246 -29.85 0.35 -13.16
CA LYS B 246 -28.76 -0.21 -12.37
C LYS B 246 -29.32 -0.93 -11.15
N VAL B 247 -28.68 -2.04 -10.78
CA VAL B 247 -29.10 -2.84 -9.64
C VAL B 247 -28.04 -2.90 -8.56
N VAL B 248 -28.39 -2.43 -7.37
CA VAL B 248 -27.48 -2.42 -6.23
C VAL B 248 -27.63 -3.72 -5.44
N VAL B 249 -26.53 -4.44 -5.27
CA VAL B 249 -26.54 -5.69 -4.50
C VAL B 249 -26.35 -5.26 -3.04
N ARG B 250 -27.47 -5.20 -2.31
CA ARG B 250 -27.44 -4.76 -0.91
C ARG B 250 -26.86 -5.74 0.09
N SER B 251 -27.32 -6.99 0.04
CA SER B 251 -26.86 -8.00 0.96
C SER B 251 -27.04 -9.38 0.36
N SER B 252 -26.00 -10.20 0.45
CA SER B 252 -26.07 -11.56 -0.08
C SER B 252 -26.16 -12.50 1.12
N PHE B 253 -26.75 -13.68 0.93
CA PHE B 253 -26.86 -14.65 2.01
C PHE B 253 -26.83 -16.09 1.52
N SER B 254 -26.47 -16.99 2.42
CA SER B 254 -26.39 -18.42 2.12
C SER B 254 -26.89 -19.17 3.35
N GLN B 255 -27.42 -20.37 3.15
CA GLN B 255 -27.91 -21.16 4.27
C GLN B 255 -27.98 -22.65 4.00
N LEU B 256 -27.04 -23.38 4.58
CA LEU B 256 -27.02 -24.82 4.43
C LEU B 256 -28.19 -25.31 5.29
N LEU B 257 -29.19 -25.94 4.71
CA LEU B 257 -30.34 -26.41 5.48
C LEU B 257 -30.10 -27.78 6.12
N ASP B 258 -30.30 -27.88 7.42
CA ASP B 258 -30.09 -29.14 8.12
C ASP B 258 -30.90 -30.29 7.55
N ASN B 259 -30.22 -31.42 7.39
CA ASN B 259 -30.82 -32.66 6.88
C ASN B 259 -31.62 -32.53 5.61
N THR B 260 -30.95 -32.18 4.52
CA THR B 260 -31.60 -32.05 3.22
C THR B 260 -30.60 -32.41 2.14
N GLU B 261 -29.46 -32.98 2.56
CA GLU B 261 -28.39 -33.38 1.63
C GLU B 261 -28.84 -34.18 0.44
N ASP B 262 -29.92 -34.96 0.59
CA ASP B 262 -30.42 -35.76 -0.52
C ASP B 262 -31.38 -34.95 -1.39
N GLY B 263 -31.55 -33.68 -1.05
CA GLY B 263 -32.47 -32.81 -1.80
C GLY B 263 -32.10 -32.60 -3.26
N ILE B 264 -30.86 -32.21 -3.53
CA ILE B 264 -30.40 -31.98 -4.90
C ILE B 264 -29.05 -32.66 -5.14
N VAL B 265 -29.04 -33.66 -6.01
CA VAL B 265 -27.83 -34.38 -6.30
C VAL B 265 -27.36 -34.22 -7.75
N LEU B 266 -26.06 -33.98 -7.89
CA LEU B 266 -25.43 -33.80 -9.19
C LEU B 266 -24.35 -34.86 -9.31
N GLY B 267 -24.23 -35.44 -10.49
CA GLY B 267 -23.21 -36.45 -10.67
C GLY B 267 -22.77 -36.47 -12.11
N VAL B 268 -21.71 -37.23 -12.38
CA VAL B 268 -21.20 -37.37 -13.72
C VAL B 268 -21.27 -38.84 -14.12
N ASN B 269 -22.11 -39.15 -15.12
CA ASN B 269 -22.24 -40.53 -15.60
C ASN B 269 -21.47 -40.72 -16.91
N HIS B 270 -21.17 -41.97 -17.22
CA HIS B 270 -20.42 -42.30 -18.43
C HIS B 270 -21.04 -41.73 -19.70
N ASN B 271 -22.34 -41.43 -19.62
CA ASN B 271 -23.04 -40.89 -20.78
C ASN B 271 -23.65 -39.52 -20.53
N GLY B 272 -23.09 -38.80 -19.56
CA GLY B 272 -23.59 -37.47 -19.29
C GLY B 272 -23.75 -37.08 -17.85
N ILE B 273 -23.89 -35.78 -17.65
CA ILE B 273 -24.07 -35.18 -16.34
C ILE B 273 -25.56 -35.37 -15.94
N THR B 274 -25.81 -35.67 -14.67
CA THR B 274 -27.18 -35.87 -14.20
C THR B 274 -27.45 -35.06 -12.96
N CYS B 275 -28.74 -34.98 -12.63
CA CYS B 275 -29.24 -34.29 -11.47
C CYS B 275 -30.30 -35.23 -10.90
N GLU B 276 -30.30 -35.41 -9.59
CA GLU B 276 -31.27 -36.28 -8.95
C GLU B 276 -32.02 -35.51 -7.88
N LEU B 277 -33.24 -35.11 -8.21
CA LEU B 277 -34.05 -34.35 -7.28
C LEU B 277 -34.82 -35.27 -6.34
N SER B 278 -34.89 -34.89 -5.07
CA SER B 278 -35.60 -35.69 -4.09
C SER B 278 -37.06 -35.26 -4.00
N GLU B 279 -37.95 -36.22 -3.75
CA GLU B 279 -39.35 -35.91 -3.65
C GLU B 279 -39.57 -34.97 -2.46
N ASN B 280 -38.65 -35.02 -1.50
CA ASN B 280 -38.70 -34.17 -0.30
C ASN B 280 -38.25 -32.72 -0.56
N LEU B 281 -37.69 -32.44 -1.72
CA LEU B 281 -37.18 -31.09 -2.02
C LEU B 281 -38.19 -29.96 -1.78
N PRO B 282 -39.35 -29.99 -2.46
CA PRO B 282 -40.32 -28.91 -2.25
C PRO B 282 -40.70 -28.67 -0.79
N GLY B 283 -40.70 -29.73 0.01
CA GLY B 283 -41.00 -29.58 1.42
C GLY B 283 -39.79 -28.93 2.09
N TYR B 284 -38.58 -29.32 1.68
CA TYR B 284 -37.35 -28.74 2.24
C TYR B 284 -37.39 -27.24 1.95
N ILE B 285 -37.97 -26.91 0.81
CA ILE B 285 -38.11 -25.53 0.36
C ILE B 285 -39.18 -24.77 1.13
N PHE B 286 -40.30 -25.44 1.39
CA PHE B 286 -41.39 -24.81 2.11
C PHE B 286 -40.92 -24.39 3.50
N SER B 287 -40.23 -25.28 4.18
CA SER B 287 -39.77 -24.97 5.53
C SER B 287 -38.45 -24.22 5.63
N GLY B 288 -37.66 -24.20 4.55
CA GLY B 288 -36.39 -23.52 4.60
C GLY B 288 -36.31 -22.07 4.15
N VAL B 289 -37.12 -21.69 3.17
CA VAL B 289 -37.12 -20.33 2.64
C VAL B 289 -37.47 -19.22 3.63
N ALA B 290 -38.63 -19.33 4.28
CA ALA B 290 -39.11 -18.31 5.22
C ALA B 290 -38.17 -17.88 6.34
N PRO B 291 -37.69 -18.83 7.17
CA PRO B 291 -36.79 -18.44 8.26
C PRO B 291 -35.52 -17.72 7.80
N VAL B 292 -34.96 -18.17 6.67
CA VAL B 292 -33.76 -17.55 6.11
C VAL B 292 -34.03 -16.12 5.65
N VAL B 293 -34.99 -15.97 4.76
CA VAL B 293 -35.35 -14.65 4.22
C VAL B 293 -35.75 -13.67 5.32
N THR B 294 -36.60 -14.12 6.24
CA THR B 294 -37.07 -13.27 7.35
C THR B 294 -35.92 -12.70 8.21
N GLU B 295 -34.95 -13.55 8.53
CA GLU B 295 -33.81 -13.12 9.34
C GLU B 295 -32.97 -12.08 8.60
N MET B 296 -32.66 -12.39 7.34
CA MET B 296 -31.86 -11.51 6.51
C MET B 296 -32.52 -10.13 6.34
N LEU B 297 -33.83 -10.13 6.16
CA LEU B 297 -34.55 -8.87 5.99
C LEU B 297 -34.53 -8.09 7.29
N TRP B 298 -34.79 -8.79 8.39
CA TRP B 298 -34.78 -8.16 9.71
C TRP B 298 -33.42 -7.50 9.96
N ASP B 299 -32.35 -8.14 9.52
CA ASP B 299 -31.02 -7.57 9.71
C ASP B 299 -30.91 -6.27 8.94
N ASN B 300 -31.79 -6.11 7.95
CA ASN B 300 -31.81 -4.90 7.13
C ASN B 300 -33.05 -4.06 7.41
N GLY B 301 -33.63 -4.24 8.60
CA GLY B 301 -34.80 -3.48 8.98
C GLY B 301 -36.00 -3.58 8.04
N LEU B 302 -36.17 -4.72 7.41
CA LEU B 302 -37.27 -4.93 6.48
C LEU B 302 -38.06 -6.19 6.80
N GLN B 303 -39.30 -6.23 6.32
CA GLN B 303 -40.20 -7.36 6.49
C GLN B 303 -40.53 -7.91 5.11
N ILE B 304 -41.10 -9.11 5.08
CA ILE B 304 -41.50 -9.73 3.83
C ILE B 304 -42.50 -8.84 3.10
N SER B 305 -43.37 -8.15 3.85
CA SER B 305 -44.39 -7.28 3.27
C SER B 305 -43.79 -5.99 2.71
N ASP B 306 -42.50 -5.79 2.90
CA ASP B 306 -41.83 -4.58 2.40
C ASP B 306 -41.27 -4.78 1.00
N ILE B 307 -41.10 -6.04 0.61
CA ILE B 307 -40.51 -6.38 -0.69
C ILE B 307 -41.41 -6.18 -1.89
N ASP B 308 -40.90 -5.50 -2.90
CA ASP B 308 -41.64 -5.24 -4.14
C ASP B 308 -41.50 -6.36 -5.16
N LEU B 309 -40.30 -6.92 -5.23
CA LEU B 309 -40.00 -7.96 -6.20
C LEU B 309 -39.51 -9.25 -5.56
N TRP B 310 -39.97 -10.37 -6.09
CA TRP B 310 -39.53 -11.66 -5.58
C TRP B 310 -39.01 -12.52 -6.73
N ALA B 311 -37.71 -12.41 -6.97
CA ALA B 311 -37.07 -13.17 -8.04
C ALA B 311 -36.77 -14.58 -7.51
N ILE B 312 -37.81 -15.41 -7.56
CA ILE B 312 -37.74 -16.80 -7.11
C ILE B 312 -37.20 -17.66 -8.24
N HIS B 313 -36.22 -18.51 -7.94
CA HIS B 313 -35.66 -19.36 -8.98
C HIS B 313 -36.74 -20.23 -9.62
N PRO B 314 -36.98 -20.06 -10.92
CA PRO B 314 -38.01 -20.86 -11.59
C PRO B 314 -37.53 -22.25 -11.99
N GLY B 315 -37.15 -23.05 -11.00
CA GLY B 315 -36.68 -24.39 -11.31
C GLY B 315 -37.75 -25.41 -11.61
N GLY B 316 -39.02 -25.04 -11.39
CA GLY B 316 -40.12 -25.95 -11.63
C GLY B 316 -41.37 -25.48 -10.91
N PRO B 317 -42.56 -25.96 -11.30
CA PRO B 317 -43.81 -25.53 -10.65
C PRO B 317 -43.81 -25.63 -9.13
N LYS B 318 -43.30 -26.72 -8.59
CA LYS B 318 -43.26 -26.90 -7.14
C LYS B 318 -42.20 -26.05 -6.44
N ILE B 319 -41.08 -25.82 -7.10
CA ILE B 319 -40.02 -25.00 -6.51
C ILE B 319 -40.58 -23.60 -6.29
N ILE B 320 -41.32 -23.12 -7.28
CA ILE B 320 -41.92 -21.80 -7.19
C ILE B 320 -43.10 -21.86 -6.21
N GLU B 321 -43.97 -22.84 -6.44
CA GLU B 321 -45.15 -23.07 -5.61
C GLU B 321 -44.81 -23.00 -4.10
N GLN B 322 -43.85 -23.80 -3.68
CA GLN B 322 -43.45 -23.85 -2.28
C GLN B 322 -42.67 -22.64 -1.77
N SER B 323 -41.98 -21.93 -2.66
CA SER B 323 -41.25 -20.74 -2.27
C SER B 323 -42.26 -19.65 -1.88
N VAL B 324 -43.30 -19.53 -2.71
CA VAL B 324 -44.34 -18.55 -2.47
C VAL B 324 -45.08 -18.92 -1.17
N ARG B 325 -45.41 -20.20 -1.02
CA ARG B 325 -46.11 -20.66 0.17
C ARG B 325 -45.30 -20.44 1.44
N SER B 326 -43.99 -20.63 1.36
CA SER B 326 -43.17 -20.43 2.52
C SER B 326 -43.23 -18.98 3.01
N LEU B 327 -43.10 -18.04 2.09
CA LEU B 327 -43.11 -16.61 2.42
C LEU B 327 -44.52 -16.10 2.72
N GLY B 328 -45.52 -16.87 2.29
CA GLY B 328 -46.91 -16.49 2.51
C GLY B 328 -47.29 -15.24 1.75
N ILE B 329 -46.66 -15.02 0.60
CA ILE B 329 -46.94 -13.85 -0.20
C ILE B 329 -47.96 -14.17 -1.29
N SER B 330 -48.47 -13.13 -1.93
CA SER B 330 -49.44 -13.29 -3.01
C SER B 330 -48.80 -14.11 -4.13
N ALA B 331 -49.61 -14.97 -4.74
CA ALA B 331 -49.13 -15.83 -5.83
C ALA B 331 -48.65 -15.03 -7.03
N GLU B 332 -49.29 -13.91 -7.28
CA GLU B 332 -48.94 -13.05 -8.40
C GLU B 332 -47.53 -12.45 -8.30
N LEU B 333 -47.01 -12.35 -7.09
CA LEU B 333 -45.66 -11.79 -6.91
C LEU B 333 -44.60 -12.66 -7.57
N ALA B 334 -44.98 -13.87 -7.96
CA ALA B 334 -44.07 -14.80 -8.62
C ALA B 334 -44.30 -14.78 -10.13
N ALA B 335 -45.08 -13.81 -10.58
CA ALA B 335 -45.40 -13.71 -12.01
C ALA B 335 -44.16 -13.81 -12.90
N GLN B 336 -43.15 -12.97 -12.64
CA GLN B 336 -41.94 -12.99 -13.45
C GLN B 336 -41.24 -14.34 -13.41
N SER B 337 -41.30 -15.02 -12.27
CA SER B 337 -40.65 -16.33 -12.16
C SER B 337 -41.32 -17.41 -13.03
N TRP B 338 -42.66 -17.40 -13.07
CA TRP B 338 -43.39 -18.39 -13.87
C TRP B 338 -43.18 -18.17 -15.36
N ASP B 339 -43.10 -16.90 -15.76
CA ASP B 339 -42.92 -16.53 -17.16
C ASP B 339 -41.64 -17.13 -17.70
N VAL B 340 -40.56 -16.94 -16.95
CA VAL B 340 -39.26 -17.45 -17.34
C VAL B 340 -39.33 -18.97 -17.51
N LEU B 341 -39.90 -19.64 -16.53
CA LEU B 341 -40.06 -21.09 -16.58
C LEU B 341 -40.84 -21.49 -17.84
N ALA B 342 -41.90 -20.75 -18.12
CA ALA B 342 -42.74 -21.04 -19.29
C ALA B 342 -41.99 -20.93 -20.62
N ARG B 343 -41.18 -19.89 -20.74
CA ARG B 343 -40.45 -19.63 -21.97
C ARG B 343 -39.11 -20.33 -22.16
N PHE B 344 -38.49 -20.79 -21.08
CA PHE B 344 -37.16 -21.42 -21.17
C PHE B 344 -36.96 -22.68 -20.35
N GLY B 345 -37.92 -23.00 -19.49
CA GLY B 345 -37.75 -24.16 -18.64
C GLY B 345 -36.69 -23.80 -17.62
N ASN B 346 -36.10 -24.81 -16.97
CA ASN B 346 -35.09 -24.57 -15.96
C ASN B 346 -33.69 -24.56 -16.60
N MET B 347 -33.09 -23.38 -16.71
CA MET B 347 -31.74 -23.25 -17.28
C MET B 347 -30.67 -23.17 -16.16
N LEU B 348 -30.94 -23.81 -15.04
CA LEU B 348 -30.02 -23.83 -13.89
C LEU B 348 -29.61 -22.45 -13.33
N SER B 349 -28.31 -22.20 -13.19
CA SER B 349 -27.84 -20.92 -12.63
C SER B 349 -28.28 -19.70 -13.43
N VAL B 350 -28.54 -19.91 -14.73
CA VAL B 350 -28.95 -18.85 -15.63
C VAL B 350 -30.32 -18.26 -15.31
N SER B 351 -31.27 -19.13 -14.98
CA SER B 351 -32.64 -18.73 -14.69
C SER B 351 -32.79 -17.49 -13.84
N LEU B 352 -32.09 -17.45 -12.72
CA LEU B 352 -32.21 -16.31 -11.82
C LEU B 352 -31.93 -14.96 -12.50
N ILE B 353 -30.94 -14.93 -13.39
CA ILE B 353 -30.60 -13.68 -14.09
C ILE B 353 -31.66 -13.26 -15.12
N PHE B 354 -32.34 -14.21 -15.74
CA PHE B 354 -33.39 -13.88 -16.69
C PHE B 354 -34.50 -13.14 -15.92
N VAL B 355 -34.90 -13.71 -14.77
CA VAL B 355 -35.92 -13.10 -13.94
C VAL B 355 -35.52 -11.68 -13.57
N LEU B 356 -34.26 -11.49 -13.20
CA LEU B 356 -33.78 -10.16 -12.82
C LEU B 356 -33.92 -9.21 -14.00
N GLU B 357 -33.60 -9.68 -15.20
CA GLU B 357 -33.70 -8.83 -16.39
C GLU B 357 -35.13 -8.37 -16.60
N THR B 358 -36.08 -9.30 -16.44
CA THR B 358 -37.50 -9.00 -16.60
C THR B 358 -37.87 -7.87 -15.65
N MET B 359 -37.42 -7.98 -14.40
CA MET B 359 -37.71 -6.97 -13.39
C MET B 359 -37.02 -5.62 -13.68
N VAL B 360 -35.84 -5.66 -14.29
CA VAL B 360 -35.15 -4.43 -14.62
C VAL B 360 -35.88 -3.77 -15.81
N GLN B 361 -36.44 -4.59 -16.68
CA GLN B 361 -37.17 -4.12 -17.84
C GLN B 361 -38.58 -3.63 -17.53
N GLN B 362 -39.33 -4.37 -16.70
CA GLN B 362 -40.69 -3.97 -16.36
C GLN B 362 -40.96 -3.67 -14.87
N ALA B 363 -41.12 -2.39 -14.57
CA ALA B 363 -41.38 -1.89 -13.23
C ALA B 363 -42.69 -2.45 -12.67
N GLU B 364 -42.68 -2.82 -11.38
CA GLU B 364 -43.88 -3.38 -10.74
C GLU B 364 -44.69 -2.32 -9.98
N SER B 365 -44.15 -1.12 -9.90
CA SER B 365 -44.82 -0.01 -9.21
C SER B 365 -44.29 1.30 -9.77
N ALA B 366 -44.77 2.41 -9.22
CA ALA B 366 -44.33 3.71 -9.69
C ALA B 366 -43.34 4.34 -8.73
N LYS B 367 -42.82 3.54 -7.80
CA LYS B 367 -41.86 4.08 -6.84
C LYS B 367 -40.47 4.18 -7.42
N ALA B 368 -39.72 5.19 -6.99
CA ALA B 368 -38.35 5.34 -7.43
C ALA B 368 -37.66 4.26 -6.61
N ILE B 369 -36.82 3.45 -7.23
CA ILE B 369 -36.14 2.38 -6.51
C ILE B 369 -37.09 1.31 -6.00
N SER B 370 -36.98 0.11 -6.56
CA SER B 370 -37.79 -1.03 -6.14
C SER B 370 -36.85 -1.95 -5.36
N THR B 371 -37.35 -2.53 -4.27
CA THR B 371 -36.53 -3.44 -3.49
C THR B 371 -36.99 -4.86 -3.71
N GLY B 372 -36.04 -5.74 -4.04
CA GLY B 372 -36.40 -7.12 -4.28
C GLY B 372 -35.51 -8.10 -3.53
N VAL B 373 -35.90 -9.36 -3.58
CA VAL B 373 -35.15 -10.43 -2.95
C VAL B 373 -35.08 -11.55 -4.00
N ALA B 374 -33.89 -12.12 -4.17
CA ALA B 374 -33.70 -13.20 -5.12
C ALA B 374 -33.10 -14.37 -4.39
N PHE B 375 -33.51 -15.57 -4.75
CA PHE B 375 -32.95 -16.75 -4.11
C PHE B 375 -33.16 -17.98 -4.96
N ALA B 376 -32.24 -18.93 -4.82
CA ALA B 376 -32.29 -20.18 -5.56
C ALA B 376 -31.71 -21.24 -4.64
N PHE B 377 -31.83 -22.49 -5.05
CA PHE B 377 -31.34 -23.57 -4.21
C PHE B 377 -30.17 -24.35 -4.79
N GLY B 378 -29.16 -24.55 -3.96
CA GLY B 378 -27.97 -25.29 -4.36
C GLY B 378 -27.96 -26.69 -3.76
N PRO B 379 -27.08 -27.58 -4.24
CA PRO B 379 -26.89 -28.98 -3.85
C PRO B 379 -27.12 -29.49 -2.42
N GLY B 380 -26.23 -29.16 -1.49
CA GLY B 380 -26.40 -29.68 -0.12
C GLY B 380 -27.74 -29.23 0.39
N VAL B 381 -28.36 -28.47 -0.50
CA VAL B 381 -29.62 -27.81 -0.33
C VAL B 381 -29.23 -26.68 0.56
N THR B 382 -28.71 -25.69 -0.13
CA THR B 382 -28.24 -24.45 0.42
C THR B 382 -29.15 -23.41 -0.21
N VAL B 383 -29.69 -22.53 0.62
CA VAL B 383 -30.53 -21.45 0.12
C VAL B 383 -29.50 -20.35 -0.17
N GLU B 384 -29.55 -19.84 -1.40
CA GLU B 384 -28.63 -18.80 -1.88
C GLU B 384 -29.42 -17.62 -2.41
N GLY B 385 -29.06 -16.41 -1.98
CA GLY B 385 -29.81 -15.25 -2.47
C GLY B 385 -29.20 -13.88 -2.18
N MET B 386 -29.99 -12.83 -2.38
CA MET B 386 -29.53 -11.46 -2.14
C MET B 386 -30.67 -10.46 -2.00
N LEU B 387 -30.38 -9.34 -1.33
CA LEU B 387 -31.34 -8.26 -1.19
C LEU B 387 -30.81 -7.29 -2.26
N PHE B 388 -31.70 -6.73 -3.06
CA PHE B 388 -31.27 -5.81 -4.11
C PHE B 388 -32.24 -4.68 -4.36
N ASP B 389 -31.70 -3.59 -4.90
CA ASP B 389 -32.50 -2.42 -5.25
C ASP B 389 -32.37 -2.17 -6.75
N ILE B 390 -33.50 -1.98 -7.42
CA ILE B 390 -33.48 -1.65 -8.84
C ILE B 390 -33.85 -0.18 -8.85
N ILE B 391 -33.02 0.64 -9.49
CA ILE B 391 -33.29 2.06 -9.55
C ILE B 391 -34.19 2.38 -10.72
N ARG B 392 -35.35 2.95 -10.42
CA ARG B 392 -36.32 3.29 -11.45
C ARG B 392 -36.12 4.70 -11.98
N ARG B 393 -35.86 5.65 -11.07
CA ARG B 393 -35.62 7.04 -11.47
C ARG B 393 -34.79 7.73 -10.40
N ALA C 22 5.76 28.86 45.31
CA ALA C 22 5.01 29.25 44.08
C ALA C 22 5.97 29.47 42.91
N GLN C 23 6.61 28.37 42.47
CA GLN C 23 7.55 28.41 41.35
C GLN C 23 6.77 27.90 40.14
N LEU C 24 5.47 28.15 40.16
CA LEU C 24 4.55 27.74 39.10
C LEU C 24 5.04 28.26 37.75
N PRO C 25 4.50 27.71 36.66
CA PRO C 25 4.95 28.19 35.35
C PRO C 25 4.34 29.56 35.10
N PRO C 26 5.05 30.41 34.34
CA PRO C 26 4.48 31.73 34.07
C PRO C 26 3.18 31.53 33.29
N ALA C 27 2.33 32.56 33.27
CA ALA C 27 1.07 32.49 32.55
C ALA C 27 1.35 32.44 31.05
N PRO C 28 0.54 31.70 30.29
CA PRO C 28 0.80 31.62 28.85
C PRO C 28 0.22 32.82 28.12
N PRO C 29 0.79 33.17 26.95
CA PRO C 29 0.26 34.29 26.18
C PRO C 29 -1.17 33.92 25.88
N THR C 30 -1.99 34.92 25.57
CA THR C 30 -3.40 34.66 25.34
C THR C 30 -3.92 35.03 23.94
N THR C 31 -3.04 35.60 23.14
CA THR C 31 -3.35 35.98 21.77
C THR C 31 -3.51 34.73 20.91
N VAL C 32 -4.05 34.90 19.72
CA VAL C 32 -4.20 33.81 18.78
C VAL C 32 -3.44 34.21 17.51
N ALA C 33 -2.78 33.25 16.87
CA ALA C 33 -2.03 33.56 15.65
C ALA C 33 -3.01 33.71 14.50
N VAL C 34 -2.71 34.61 13.59
CA VAL C 34 -3.60 34.84 12.46
C VAL C 34 -2.83 35.01 11.16
N ILE C 35 -3.34 34.36 10.12
CA ILE C 35 -2.73 34.46 8.81
C ILE C 35 -3.35 35.73 8.22
N GLU C 36 -2.59 36.82 8.29
CA GLU C 36 -3.05 38.12 7.80
C GLU C 36 -2.78 38.32 6.32
N GLY C 37 -1.84 37.55 5.80
CA GLY C 37 -1.48 37.62 4.40
C GLY C 37 -1.21 36.26 3.82
N LEU C 38 -1.60 36.06 2.58
CA LEU C 38 -1.41 34.77 1.94
C LEU C 38 -1.26 34.96 0.44
N ALA C 39 -0.26 34.32 -0.15
CA ALA C 39 -0.03 34.41 -1.58
C ALA C 39 0.60 33.13 -2.06
N THR C 40 0.19 32.69 -3.24
CA THR C 40 0.73 31.48 -3.84
C THR C 40 1.37 31.84 -5.19
N GLY C 41 2.26 30.98 -5.66
CA GLY C 41 2.90 31.24 -6.93
C GLY C 41 3.52 30.01 -7.55
N THR C 42 3.88 30.11 -8.83
CA THR C 42 4.45 28.96 -9.48
C THR C 42 5.24 29.32 -10.72
N PRO C 43 6.16 28.44 -11.13
CA PRO C 43 6.91 28.77 -12.34
C PRO C 43 5.88 28.85 -13.48
N ARG C 44 6.21 29.58 -14.53
CA ARG C 44 5.29 29.81 -15.64
C ARG C 44 4.97 28.62 -16.55
N ARG C 45 5.95 27.74 -16.75
CA ARG C 45 5.75 26.59 -17.62
C ARG C 45 4.69 25.60 -17.15
N VAL C 46 3.72 25.34 -18.03
CA VAL C 46 2.63 24.41 -17.75
C VAL C 46 2.91 23.10 -18.48
N VAL C 47 2.95 22.01 -17.72
CA VAL C 47 3.22 20.70 -18.30
C VAL C 47 1.95 19.87 -18.25
N ASN C 48 1.38 19.60 -19.42
CA ASN C 48 0.17 18.81 -19.54
C ASN C 48 0.51 17.34 -19.24
N GLN C 49 -0.30 16.72 -18.38
CA GLN C 49 -0.08 15.33 -17.97
C GLN C 49 -0.11 14.31 -19.09
N SER C 50 -1.05 14.46 -20.02
CA SER C 50 -1.13 13.52 -21.13
C SER C 50 0.13 13.65 -21.97
N ASP C 51 0.59 14.89 -22.18
CA ASP C 51 1.78 15.15 -22.98
C ASP C 51 3.00 14.60 -22.25
N ALA C 52 3.04 14.83 -20.93
CA ALA C 52 4.14 14.35 -20.08
C ALA C 52 4.26 12.84 -20.16
N ALA C 53 3.12 12.14 -20.19
CA ALA C 53 3.10 10.70 -20.28
C ALA C 53 3.62 10.28 -21.65
N ASP C 54 3.18 10.97 -22.71
CA ASP C 54 3.63 10.67 -24.05
C ASP C 54 5.15 10.80 -24.15
N ARG C 55 5.67 11.88 -23.60
CA ARG C 55 7.11 12.16 -23.65
C ARG C 55 7.96 11.24 -22.80
N VAL C 56 7.49 10.90 -21.60
CA VAL C 56 8.23 10.00 -20.72
C VAL C 56 8.12 8.57 -21.22
N ALA C 57 7.01 8.24 -21.88
CA ALA C 57 6.82 6.90 -22.42
C ALA C 57 7.85 6.55 -23.49
N GLU C 58 8.56 7.56 -23.99
CA GLU C 58 9.56 7.34 -25.02
C GLU C 58 10.98 7.09 -24.52
N LEU C 59 11.28 7.57 -23.32
CA LEU C 59 12.60 7.38 -22.73
C LEU C 59 12.94 5.91 -22.61
N GLY C 64 11.42 -1.72 -25.19
CA GLY C 64 10.59 -2.91 -25.27
C GLY C 64 9.13 -2.61 -24.94
N GLN C 65 8.77 -2.77 -23.67
CA GLN C 65 7.41 -2.51 -23.22
C GLN C 65 7.37 -1.25 -22.36
N ARG C 66 6.85 -0.17 -22.95
CA ARG C 66 6.74 1.11 -22.26
C ARG C 66 5.30 1.34 -21.82
N GLU C 67 4.55 0.24 -21.74
CA GLU C 67 3.16 0.27 -21.33
C GLU C 67 3.02 0.77 -19.90
N ARG C 68 4.11 0.66 -19.14
CA ARG C 68 4.12 1.08 -17.75
C ARG C 68 3.77 2.56 -17.57
N ILE C 69 4.37 3.43 -18.38
CA ILE C 69 4.13 4.86 -18.25
C ILE C 69 2.69 5.31 -18.40
N PRO C 70 2.03 4.97 -19.52
CA PRO C 70 0.63 5.38 -19.69
C PRO C 70 -0.24 4.85 -18.55
N ARG C 71 0.18 3.72 -17.99
CA ARG C 71 -0.52 3.07 -16.89
C ARG C 71 -0.50 3.91 -15.62
N VAL C 72 0.70 4.23 -15.14
CA VAL C 72 0.83 5.01 -13.91
C VAL C 72 0.30 6.43 -14.02
N TYR C 73 0.47 7.06 -15.20
CA TYR C 73 0.02 8.43 -15.40
C TYR C 73 -1.51 8.59 -15.45
N GLN C 74 -2.20 7.63 -16.06
CA GLN C 74 -3.65 7.72 -16.15
C GLN C 74 -4.30 7.55 -14.78
N LYS C 75 -3.50 7.18 -13.78
CA LYS C 75 -4.01 6.98 -12.44
C LYS C 75 -3.62 8.10 -11.46
N SER C 76 -2.86 9.07 -11.94
CA SER C 76 -2.39 10.18 -11.13
C SER C 76 -3.45 11.20 -10.75
N ARG C 77 -4.49 11.28 -11.57
CA ARG C 77 -5.59 12.23 -11.37
C ARG C 77 -5.06 13.66 -11.45
N ILE C 78 -4.04 13.84 -12.29
CA ILE C 78 -3.42 15.14 -12.51
C ILE C 78 -3.62 15.56 -13.97
N THR C 79 -3.93 16.83 -14.17
CA THR C 79 -4.14 17.38 -15.51
C THR C 79 -2.97 18.25 -15.92
N THR C 80 -2.45 19.01 -14.96
CA THR C 80 -1.31 19.88 -15.20
C THR C 80 -0.40 20.01 -13.97
N ARG C 81 0.82 20.46 -14.22
CA ARG C 81 1.83 20.69 -13.19
C ARG C 81 2.67 21.85 -13.72
N ARG C 82 3.29 22.58 -12.82
CA ARG C 82 4.16 23.68 -13.23
C ARG C 82 5.57 23.21 -12.90
N MET C 83 6.54 23.59 -13.72
CA MET C 83 7.92 23.18 -13.47
C MET C 83 8.92 24.26 -13.88
N ALA C 84 9.83 24.58 -12.97
CA ALA C 84 10.83 25.61 -13.22
C ALA C 84 11.74 25.18 -14.35
N VAL C 85 11.84 23.87 -14.52
CA VAL C 85 12.72 23.30 -15.52
C VAL C 85 12.02 22.23 -16.36
N ASP C 86 12.31 22.20 -17.66
CA ASP C 86 11.73 21.18 -18.52
C ASP C 86 12.77 20.08 -18.49
N PRO C 87 12.53 19.02 -17.69
CA PRO C 87 13.47 17.89 -17.58
C PRO C 87 13.78 17.17 -18.89
N LEU C 88 12.81 17.11 -19.80
CA LEU C 88 13.03 16.43 -21.06
C LEU C 88 13.37 17.40 -22.18
N ASP C 89 14.09 18.45 -21.83
CA ASP C 89 14.53 19.45 -22.78
C ASP C 89 15.80 18.92 -23.41
N ALA C 90 16.12 19.37 -24.61
CA ALA C 90 17.32 18.91 -25.29
C ALA C 90 18.57 19.29 -24.51
N LYS C 91 18.45 20.33 -23.69
CA LYS C 91 19.58 20.79 -22.88
C LYS C 91 19.78 19.94 -21.62
N PHE C 92 18.68 19.70 -20.90
CA PHE C 92 18.76 18.92 -19.67
C PHE C 92 18.70 17.42 -19.88
N ASP C 93 17.99 16.97 -20.90
CA ASP C 93 17.88 15.54 -21.17
C ASP C 93 19.22 14.80 -21.15
N VAL C 94 20.31 15.49 -21.47
CA VAL C 94 21.64 14.86 -21.46
C VAL C 94 22.26 14.98 -20.06
N PHE C 95 22.07 16.14 -19.44
CA PHE C 95 22.56 16.45 -18.11
C PHE C 95 21.89 15.53 -17.09
N ARG C 96 20.60 15.23 -17.32
CA ARG C 96 19.82 14.39 -16.42
C ARG C 96 20.31 12.96 -16.39
N ARG C 97 21.09 12.59 -17.40
CA ARG C 97 21.62 11.23 -17.52
C ARG C 97 22.96 11.01 -16.83
N GLU C 98 23.71 12.09 -16.66
CA GLU C 98 25.04 12.01 -16.06
C GLU C 98 24.98 11.82 -14.56
N PRO C 99 26.08 11.30 -13.98
CA PRO C 99 26.11 11.10 -12.53
C PRO C 99 26.77 12.29 -11.85
N ALA C 100 26.67 12.34 -10.53
CA ALA C 100 27.32 13.41 -9.76
C ALA C 100 26.90 14.84 -10.11
N THR C 101 25.60 15.05 -10.30
CA THR C 101 25.10 16.37 -10.64
C THR C 101 24.41 17.14 -9.50
N ILE C 102 24.32 16.57 -8.30
CA ILE C 102 23.64 17.24 -7.19
C ILE C 102 23.95 18.71 -6.99
N ARG C 103 25.24 19.03 -6.88
CA ARG C 103 25.63 20.41 -6.65
C ARG C 103 25.02 21.33 -7.71
N ASP C 104 25.12 20.93 -8.98
CA ASP C 104 24.55 21.75 -10.05
C ASP C 104 23.05 21.89 -9.87
N ARG C 105 22.39 20.78 -9.55
CA ARG C 105 20.95 20.78 -9.34
C ARG C 105 20.57 21.72 -8.17
N MET C 106 21.42 21.79 -7.15
CA MET C 106 21.15 22.66 -6.02
C MET C 106 21.33 24.12 -6.47
N HIS C 107 22.36 24.39 -7.27
CA HIS C 107 22.55 25.74 -7.79
C HIS C 107 21.35 26.03 -8.67
N LEU C 108 20.91 25.03 -9.42
CA LEU C 108 19.74 25.21 -10.28
C LEU C 108 18.53 25.63 -9.45
N PHE C 109 18.34 24.96 -8.31
CA PHE C 109 17.25 25.26 -7.39
C PHE C 109 17.31 26.72 -6.95
N TYR C 110 18.50 27.18 -6.58
CA TYR C 110 18.67 28.55 -6.13
C TYR C 110 18.32 29.56 -7.23
N GLU C 111 18.82 29.28 -8.42
CA GLU C 111 18.62 30.13 -9.58
C GLU C 111 17.13 30.41 -9.84
N HIS C 112 16.32 29.35 -9.81
CA HIS C 112 14.89 29.47 -10.05
C HIS C 112 14.06 29.82 -8.82
N ALA C 113 14.45 29.28 -7.67
CA ALA C 113 13.73 29.54 -6.43
C ALA C 113 13.69 31.01 -5.98
N VAL C 114 14.83 31.69 -6.06
CA VAL C 114 14.89 33.09 -5.62
C VAL C 114 13.83 33.97 -6.29
N PRO C 115 13.79 34.01 -7.64
CA PRO C 115 12.79 34.83 -8.33
C PRO C 115 11.37 34.58 -7.82
N LEU C 116 10.95 33.32 -7.87
CA LEU C 116 9.62 32.91 -7.43
C LEU C 116 9.34 33.25 -5.96
N ALA C 117 10.25 32.87 -5.06
CA ALA C 117 10.05 33.12 -3.64
C ALA C 117 9.91 34.61 -3.34
N VAL C 118 10.74 35.43 -3.99
CA VAL C 118 10.68 36.87 -3.79
C VAL C 118 9.33 37.43 -4.23
N ASP C 119 8.87 37.04 -5.42
CA ASP C 119 7.60 37.55 -5.91
C ASP C 119 6.43 37.17 -5.00
N VAL C 120 6.32 35.89 -4.66
CA VAL C 120 5.25 35.41 -3.80
C VAL C 120 5.27 36.12 -2.45
N SER C 121 6.47 36.27 -1.88
CA SER C 121 6.63 36.93 -0.58
C SER C 121 6.16 38.38 -0.63
N LYS C 122 6.56 39.10 -1.68
CA LYS C 122 6.15 40.49 -1.83
C LYS C 122 4.62 40.57 -1.86
N ARG C 123 4.01 39.67 -2.63
CA ARG C 123 2.57 39.68 -2.73
C ARG C 123 1.85 39.32 -1.43
N ALA C 124 2.42 38.41 -0.66
CA ALA C 124 1.80 38.03 0.62
C ALA C 124 1.73 39.23 1.56
N LEU C 125 2.66 40.16 1.41
CA LEU C 125 2.75 41.36 2.24
C LEU C 125 2.05 42.59 1.65
N ALA C 126 1.85 42.56 0.32
CA ALA C 126 1.25 43.66 -0.43
C ALA C 126 0.03 44.32 0.20
N GLY C 127 -0.90 43.50 0.72
CA GLY C 127 -2.09 44.06 1.33
C GLY C 127 -1.85 44.66 2.71
N LEU C 128 -0.83 44.18 3.41
CA LEU C 128 -0.54 44.68 4.75
C LEU C 128 0.27 45.98 4.78
N PRO C 129 0.09 46.78 5.84
CA PRO C 129 0.77 48.05 6.04
C PRO C 129 1.99 47.88 6.95
N TYR C 130 2.45 46.65 7.10
CA TYR C 130 3.59 46.40 7.96
C TYR C 130 4.92 46.87 7.42
N ARG C 131 5.65 47.56 8.29
CA ARG C 131 6.96 48.09 7.97
C ARG C 131 7.98 46.97 8.18
N ALA C 132 9.16 47.11 7.59
CA ALA C 132 10.19 46.09 7.72
C ALA C 132 10.59 45.84 9.17
N ALA C 133 10.60 46.88 9.98
CA ALA C 133 10.96 46.75 11.39
C ALA C 133 9.94 45.93 12.18
N GLU C 134 8.78 45.68 11.56
CA GLU C 134 7.74 44.91 12.22
C GLU C 134 7.81 43.42 11.92
N ILE C 135 8.56 43.07 10.88
CA ILE C 135 8.71 41.67 10.52
C ILE C 135 9.94 41.12 11.24
N GLY C 136 9.70 40.44 12.36
CA GLY C 136 10.80 39.90 13.14
C GLY C 136 11.29 38.51 12.83
N LEU C 137 10.55 37.74 12.05
CA LEU C 137 10.98 36.39 11.75
C LEU C 137 10.66 35.93 10.33
N LEU C 138 11.57 35.14 9.77
CA LEU C 138 11.42 34.58 8.44
C LEU C 138 11.70 33.09 8.57
N VAL C 139 10.72 32.28 8.20
CA VAL C 139 10.88 30.83 8.25
C VAL C 139 10.74 30.30 6.82
N LEU C 140 11.78 29.63 6.34
CA LEU C 140 11.78 29.09 4.99
C LEU C 140 11.79 27.57 5.08
N ALA C 141 10.93 26.91 4.31
CA ALA C 141 10.87 25.45 4.30
C ALA C 141 11.03 24.87 2.89
N THR C 142 11.76 23.76 2.81
CA THR C 142 11.99 23.07 1.53
C THR C 142 12.56 21.69 1.77
N SER C 143 12.43 20.84 0.76
CA SER C 143 12.97 19.48 0.78
C SER C 143 13.54 19.21 -0.63
N THR C 144 13.71 20.28 -1.41
CA THR C 144 14.21 20.14 -2.77
C THR C 144 15.38 21.06 -3.12
N GLY C 145 16.03 21.64 -2.10
CA GLY C 145 17.14 22.55 -2.33
C GLY C 145 18.44 22.27 -1.59
N PHE C 146 18.80 23.11 -0.62
CA PHE C 146 20.04 22.98 0.18
C PHE C 146 21.24 23.69 -0.47
N ILE C 147 21.45 24.97 -0.17
CA ILE C 147 22.58 25.75 -0.73
C ILE C 147 23.12 26.72 0.32
N ALA C 148 24.40 27.09 0.21
CA ALA C 148 25.10 28.02 1.13
C ALA C 148 24.18 29.17 1.48
N PRO C 149 24.60 30.45 1.29
CA PRO C 149 23.47 31.29 1.70
C PRO C 149 22.31 30.92 0.77
N GLY C 150 21.15 30.64 1.35
CA GLY C 150 20.01 30.22 0.56
C GLY C 150 18.99 31.28 0.18
N VAL C 151 17.80 30.79 -0.14
CA VAL C 151 16.70 31.64 -0.56
C VAL C 151 16.22 32.63 0.51
N ASP C 152 16.39 32.26 1.78
CA ASP C 152 15.97 33.14 2.88
C ASP C 152 16.77 34.44 2.91
N VAL C 153 18.08 34.33 2.67
CA VAL C 153 18.93 35.51 2.65
C VAL C 153 18.53 36.42 1.48
N ALA C 154 18.22 35.82 0.34
CA ALA C 154 17.82 36.59 -0.84
C ALA C 154 16.49 37.31 -0.60
N ILE C 155 15.58 36.68 0.12
CA ILE C 155 14.29 37.31 0.39
C ILE C 155 14.48 38.56 1.23
N VAL C 156 15.36 38.47 2.23
CA VAL C 156 15.65 39.59 3.12
C VAL C 156 16.22 40.79 2.36
N LYS C 157 17.11 40.52 1.40
CA LYS C 157 17.72 41.60 0.62
C LYS C 157 16.80 42.17 -0.43
N GLU C 158 16.09 41.32 -1.15
CA GLU C 158 15.18 41.78 -2.19
C GLU C 158 13.99 42.57 -1.64
N LEU C 159 13.48 42.15 -0.49
CA LEU C 159 12.32 42.82 0.07
C LEU C 159 12.69 43.95 1.00
N GLY C 160 13.97 44.04 1.32
CA GLY C 160 14.41 45.10 2.20
C GLY C 160 14.01 44.83 3.64
N LEU C 161 14.05 43.57 4.03
CA LEU C 161 13.71 43.22 5.40
C LEU C 161 14.89 43.63 6.28
N SER C 162 14.67 43.65 7.59
CA SER C 162 15.70 44.03 8.54
C SER C 162 16.86 43.05 8.58
N PRO C 163 18.10 43.55 8.65
CA PRO C 163 19.25 42.64 8.70
C PRO C 163 19.28 41.86 10.01
N SER C 164 18.59 42.37 11.02
CA SER C 164 18.55 41.71 12.32
C SER C 164 17.40 40.70 12.47
N ILE C 165 16.60 40.54 11.42
CA ILE C 165 15.49 39.59 11.46
C ILE C 165 15.99 38.18 11.73
N SER C 166 15.19 37.41 12.44
CA SER C 166 15.54 36.02 12.77
C SER C 166 15.13 35.16 11.60
N ARG C 167 15.94 34.15 11.30
CA ARG C 167 15.66 33.23 10.22
C ARG C 167 15.83 31.80 10.69
N VAL C 168 14.94 30.94 10.21
CA VAL C 168 14.98 29.53 10.53
C VAL C 168 14.69 28.81 9.23
N VAL C 169 15.56 27.90 8.85
CA VAL C 169 15.38 27.13 7.62
C VAL C 169 15.06 25.70 8.01
N VAL C 170 13.91 25.23 7.53
CA VAL C 170 13.44 23.89 7.83
C VAL C 170 13.54 23.01 6.58
N ASN C 171 14.49 22.09 6.60
CA ASN C 171 14.73 21.19 5.49
C ASN C 171 14.32 19.76 5.80
N PHE C 172 13.91 19.05 4.76
CA PHE C 172 13.52 17.65 4.85
C PHE C 172 12.37 17.26 5.77
N MET C 173 11.41 18.15 5.95
CA MET C 173 10.26 17.79 6.77
C MET C 173 9.13 17.44 5.81
N GLY C 174 9.47 17.40 4.53
CA GLY C 174 8.55 17.01 3.48
C GLY C 174 7.27 17.78 3.19
N CYS C 175 6.23 17.02 2.86
CA CYS C 175 4.92 17.55 2.49
C CYS C 175 4.19 18.29 3.60
N ALA C 176 4.59 18.09 4.85
CA ALA C 176 3.92 18.76 5.98
C ALA C 176 4.73 19.91 6.55
N ALA C 177 5.85 20.22 5.92
CA ALA C 177 6.73 21.29 6.41
C ALA C 177 6.03 22.62 6.69
N ALA C 178 4.98 22.94 5.93
CA ALA C 178 4.26 24.19 6.14
C ALA C 178 3.74 24.26 7.57
N MET C 179 3.24 23.14 8.08
CA MET C 179 2.74 23.09 9.46
C MET C 179 3.84 23.31 10.50
N ASN C 180 5.01 22.74 10.25
CA ASN C 180 6.14 22.90 11.17
C ASN C 180 6.63 24.34 11.11
N ALA C 181 6.64 24.91 9.92
CA ALA C 181 7.09 26.29 9.74
C ALA C 181 6.05 27.23 10.32
N LEU C 182 4.76 26.97 10.06
CA LEU C 182 3.72 27.82 10.59
C LEU C 182 3.75 27.77 12.11
N GLY C 183 4.02 26.59 12.66
CA GLY C 183 4.08 26.43 14.10
C GLY C 183 5.16 27.34 14.66
N THR C 184 6.34 27.30 14.05
CA THR C 184 7.45 28.14 14.49
C THR C 184 7.04 29.61 14.48
N ALA C 185 6.22 30.01 13.50
CA ALA C 185 5.77 31.39 13.39
C ALA C 185 4.76 31.79 14.48
N THR C 186 3.81 30.92 14.78
CA THR C 186 2.80 31.20 15.79
C THR C 186 3.41 31.36 17.19
N ASN C 187 4.43 30.55 17.51
CA ASN C 187 5.07 30.67 18.83
C ASN C 187 5.73 32.04 18.92
N TYR C 188 6.41 32.41 17.84
CA TYR C 188 7.11 33.68 17.79
C TYR C 188 6.17 34.86 18.00
N VAL C 189 5.11 34.88 17.20
CA VAL C 189 4.11 35.93 17.21
C VAL C 189 3.36 36.01 18.55
N ARG C 190 3.11 34.87 19.18
CA ARG C 190 2.42 34.87 20.45
C ARG C 190 3.40 35.26 21.56
N ALA C 191 4.67 35.00 21.32
CA ALA C 191 5.71 35.36 22.29
C ALA C 191 6.07 36.84 22.12
N HIS C 192 5.83 37.41 20.94
CA HIS C 192 6.14 38.82 20.66
C HIS C 192 4.97 39.44 19.88
N PRO C 193 3.86 39.70 20.59
CA PRO C 193 2.59 40.29 20.10
C PRO C 193 2.67 41.41 19.07
N ALA C 194 3.69 42.25 19.14
CA ALA C 194 3.83 43.38 18.21
C ALA C 194 4.53 43.04 16.89
N MET C 195 5.09 41.84 16.79
CA MET C 195 5.82 41.46 15.60
C MET C 195 5.07 40.52 14.66
N LYS C 196 5.55 40.45 13.41
CA LYS C 196 4.95 39.56 12.42
C LYS C 196 6.02 38.61 11.93
N ALA C 197 5.57 37.51 11.34
CA ALA C 197 6.48 36.51 10.81
C ALA C 197 6.09 36.17 9.39
N LEU C 198 7.11 35.91 8.58
CA LEU C 198 6.93 35.55 7.17
C LEU C 198 7.31 34.08 7.03
N VAL C 199 6.39 33.30 6.48
CA VAL C 199 6.61 31.88 6.26
C VAL C 199 6.59 31.63 4.77
N VAL C 200 7.62 30.96 4.28
CA VAL C 200 7.72 30.68 2.87
C VAL C 200 8.06 29.22 2.64
N CYS C 201 7.35 28.60 1.71
CA CYS C 201 7.60 27.21 1.36
C CYS C 201 7.89 27.28 -0.13
N ILE C 202 9.04 26.73 -0.54
CA ILE C 202 9.44 26.72 -1.95
C ILE C 202 9.74 25.29 -2.29
N GLU C 203 9.12 24.79 -3.34
CA GLU C 203 9.33 23.41 -3.70
C GLU C 203 9.51 23.30 -5.21
N LEU C 204 10.73 22.97 -5.61
CA LEU C 204 11.09 22.83 -7.01
C LEU C 204 11.57 21.41 -7.29
N CYS C 205 10.62 20.49 -7.47
CA CYS C 205 10.90 19.09 -7.73
C CYS C 205 11.54 18.84 -9.11
N SER C 206 11.15 19.65 -10.10
CA SER C 206 11.67 19.50 -11.48
C SER C 206 13.19 19.48 -11.57
N VAL C 207 13.82 20.30 -10.75
CA VAL C 207 15.27 20.41 -10.68
C VAL C 207 15.93 19.08 -10.26
N ASN C 208 15.13 18.15 -9.76
CA ASN C 208 15.64 16.86 -9.31
C ASN C 208 15.23 15.69 -10.19
N ALA C 209 14.70 15.95 -11.38
CA ALA C 209 14.27 14.88 -12.28
C ALA C 209 15.42 13.95 -12.66
N VAL C 210 15.13 12.65 -12.68
CA VAL C 210 16.11 11.62 -13.01
C VAL C 210 15.54 10.52 -13.92
N PHE C 211 14.26 10.21 -13.76
CA PHE C 211 13.62 9.19 -14.58
C PHE C 211 14.30 7.83 -14.48
N ALA C 212 14.42 7.31 -13.27
CA ALA C 212 15.03 6.01 -13.04
C ALA C 212 14.05 4.91 -13.40
N ASP C 213 14.50 3.65 -13.35
CA ASP C 213 13.70 2.48 -13.70
C ASP C 213 12.54 2.01 -12.80
N ASP C 214 12.72 2.05 -11.49
CA ASP C 214 11.71 1.57 -10.55
C ASP C 214 10.37 2.31 -10.55
N ILE C 215 9.30 1.63 -10.13
CA ILE C 215 7.95 2.22 -10.09
C ILE C 215 7.95 3.43 -9.19
N ASN C 216 8.61 3.31 -8.06
CA ASN C 216 8.62 4.44 -7.14
C ASN C 216 9.11 5.70 -7.81
N ASP C 217 10.21 5.61 -8.55
CA ASP C 217 10.74 6.79 -9.23
C ASP C 217 9.74 7.21 -10.31
N VAL C 218 9.18 6.25 -11.02
CA VAL C 218 8.20 6.53 -12.05
C VAL C 218 6.97 7.23 -11.43
N VAL C 219 6.49 6.72 -10.30
CA VAL C 219 5.33 7.30 -9.63
C VAL C 219 5.59 8.76 -9.17
N ILE C 220 6.72 8.97 -8.50
CA ILE C 220 7.06 10.32 -8.03
C ILE C 220 7.22 11.31 -9.20
N HIS C 221 7.77 10.84 -10.31
CA HIS C 221 7.95 11.71 -11.47
C HIS C 221 6.61 12.00 -12.14
N SER C 222 5.62 11.17 -11.84
CA SER C 222 4.30 11.39 -12.42
C SER C 222 3.44 12.28 -11.52
N LEU C 223 3.84 12.45 -10.26
CA LEU C 223 3.04 13.24 -9.32
C LEU C 223 3.55 14.58 -8.82
N PHE C 224 4.86 14.69 -8.62
CA PHE C 224 5.44 15.91 -8.07
C PHE C 224 5.51 17.07 -9.03
N GLY C 225 5.24 18.26 -8.50
CA GLY C 225 5.26 19.48 -9.28
C GLY C 225 6.02 20.57 -8.54
N ASP C 226 6.02 21.79 -9.07
CA ASP C 226 6.76 22.90 -8.45
C ASP C 226 5.82 24.00 -7.99
N GLY C 227 6.19 24.70 -6.91
CA GLY C 227 5.35 25.76 -6.42
C GLY C 227 5.94 26.53 -5.26
N CYS C 228 5.26 27.59 -4.86
CA CYS C 228 5.70 28.41 -3.75
C CYS C 228 4.52 29.06 -3.07
N ALA C 229 4.62 29.28 -1.76
CA ALA C 229 3.55 29.90 -1.02
C ALA C 229 4.13 30.71 0.15
N ALA C 230 3.46 31.80 0.49
CA ALA C 230 3.92 32.63 1.59
C ALA C 230 2.75 33.04 2.48
N LEU C 231 3.03 33.10 3.77
CA LEU C 231 2.05 33.49 4.77
C LEU C 231 2.68 34.59 5.62
N VAL C 232 1.87 35.56 6.02
CA VAL C 232 2.33 36.61 6.90
C VAL C 232 1.49 36.33 8.14
N ILE C 233 2.15 36.11 9.26
CA ILE C 233 1.46 35.81 10.51
C ILE C 233 1.58 36.90 11.56
N GLY C 234 0.49 37.08 12.30
CA GLY C 234 0.45 38.08 13.36
C GLY C 234 -0.29 37.54 14.56
N ALA C 235 -0.13 38.22 15.69
CA ALA C 235 -0.79 37.85 16.94
C ALA C 235 -1.99 38.76 17.11
N SER C 236 -3.12 38.17 17.47
CA SER C 236 -4.33 38.95 17.65
C SER C 236 -5.00 38.58 18.96
N GLN C 237 -5.61 39.57 19.60
CA GLN C 237 -6.32 39.36 20.85
C GLN C 237 -7.68 38.81 20.43
N VAL C 238 -8.18 37.81 21.16
CA VAL C 238 -9.45 37.16 20.82
C VAL C 238 -10.67 38.06 20.58
N GLN C 239 -10.89 39.03 21.45
CA GLN C 239 -12.04 39.92 21.31
C GLN C 239 -12.01 40.78 20.05
N GLU C 240 -10.91 40.73 19.30
CA GLU C 240 -10.80 41.53 18.10
C GLU C 240 -11.64 41.00 16.94
N LYS C 241 -12.31 41.91 16.25
CA LYS C 241 -13.14 41.54 15.11
C LYS C 241 -12.29 41.63 13.84
N LEU C 242 -12.03 40.49 13.24
CA LEU C 242 -11.22 40.42 12.03
C LEU C 242 -12.08 40.52 10.77
N GLU C 243 -11.53 41.17 9.74
CA GLU C 243 -12.24 41.32 8.47
C GLU C 243 -12.30 39.98 7.73
N PRO C 244 -13.22 39.85 6.77
CA PRO C 244 -13.32 38.59 6.02
C PRO C 244 -12.00 38.24 5.34
N GLY C 245 -11.73 36.95 5.18
CA GLY C 245 -10.50 36.49 4.56
C GLY C 245 -9.41 36.10 5.55
N LYS C 246 -9.36 36.78 6.69
CA LYS C 246 -8.35 36.44 7.68
C LYS C 246 -8.59 35.02 8.17
N VAL C 247 -7.50 34.30 8.47
CA VAL C 247 -7.59 32.93 8.95
C VAL C 247 -6.98 32.79 10.33
N VAL C 248 -7.78 32.24 11.25
CA VAL C 248 -7.36 32.03 12.62
C VAL C 248 -6.84 30.62 12.85
N VAL C 249 -5.60 30.51 13.32
CA VAL C 249 -4.99 29.21 13.61
C VAL C 249 -5.37 28.95 15.06
N ARG C 250 -6.36 28.09 15.25
CA ARG C 250 -6.85 27.79 16.58
C ARG C 250 -6.04 26.78 17.38
N SER C 251 -5.59 25.73 16.72
CA SER C 251 -4.82 24.70 17.40
C SER C 251 -3.93 23.93 16.43
N SER C 252 -2.79 23.45 16.91
CA SER C 252 -1.85 22.71 16.07
C SER C 252 -1.58 21.32 16.65
N PHE C 253 -1.47 20.32 15.78
CA PHE C 253 -1.20 18.96 16.23
C PHE C 253 -0.10 18.27 15.44
N SER C 254 0.57 17.33 16.11
CA SER C 254 1.63 16.50 15.53
C SER C 254 1.43 15.10 16.07
N GLN C 255 1.59 14.08 15.23
CA GLN C 255 1.44 12.71 15.68
C GLN C 255 2.33 11.76 14.92
N LEU C 256 3.32 11.21 15.61
CA LEU C 256 4.22 10.25 15.01
C LEU C 256 3.41 8.96 15.01
N LEU C 257 3.26 8.33 13.85
CA LEU C 257 2.52 7.08 13.78
C LEU C 257 3.48 5.96 14.08
N ASP C 258 3.08 5.07 14.98
CA ASP C 258 3.94 3.98 15.38
C ASP C 258 4.27 2.99 14.27
N ASN C 259 5.56 2.64 14.20
CA ASN C 259 6.08 1.68 13.22
C ASN C 259 5.74 2.02 11.77
N THR C 260 6.11 3.22 11.35
CA THR C 260 5.85 3.65 9.97
C THR C 260 7.04 4.39 9.39
N GLU C 261 8.22 4.17 9.97
CA GLU C 261 9.42 4.86 9.51
C GLU C 261 9.70 4.69 8.02
N ASP C 262 9.22 3.59 7.44
CA ASP C 262 9.44 3.34 6.03
C ASP C 262 8.37 3.99 5.17
N GLY C 263 7.45 4.71 5.81
CA GLY C 263 6.39 5.35 5.05
C GLY C 263 6.89 6.32 4.01
N ILE C 264 7.46 7.43 4.47
CA ILE C 264 7.98 8.47 3.59
C ILE C 264 9.48 8.60 3.81
N VAL C 265 10.27 8.24 2.81
CA VAL C 265 11.71 8.32 2.92
C VAL C 265 12.28 9.36 1.96
N LEU C 266 13.06 10.28 2.52
CA LEU C 266 13.70 11.33 1.73
C LEU C 266 15.21 11.05 1.75
N GLY C 267 15.89 11.36 0.66
CA GLY C 267 17.31 11.11 0.60
C GLY C 267 18.01 11.96 -0.45
N VAL C 268 19.35 12.00 -0.39
CA VAL C 268 20.09 12.77 -1.35
C VAL C 268 20.98 11.84 -2.17
N ASN C 269 20.71 11.74 -3.48
CA ASN C 269 21.53 10.91 -4.35
C ASN C 269 22.49 11.80 -5.11
N HIS C 270 23.48 11.17 -5.72
CA HIS C 270 24.50 11.88 -6.49
C HIS C 270 23.89 12.65 -7.65
N ASN C 271 22.68 12.26 -8.08
CA ASN C 271 22.03 12.94 -9.20
C ASN C 271 20.71 13.65 -8.84
N GLY C 272 20.57 14.04 -7.58
CA GLY C 272 19.36 14.71 -7.15
C GLY C 272 18.70 14.16 -5.90
N ILE C 273 17.84 14.99 -5.30
CA ILE C 273 17.10 14.61 -4.11
C ILE C 273 16.03 13.60 -4.50
N THR C 274 15.72 12.66 -3.62
CA THR C 274 14.70 11.66 -3.91
C THR C 274 13.73 11.49 -2.77
N CYS C 275 12.61 10.85 -3.08
CA CYS C 275 11.60 10.54 -2.11
C CYS C 275 11.21 9.10 -2.36
N GLU C 276 11.17 8.30 -1.30
CA GLU C 276 10.79 6.89 -1.43
C GLU C 276 9.53 6.61 -0.61
N LEU C 277 8.44 6.35 -1.34
CA LEU C 277 7.12 6.07 -0.76
C LEU C 277 6.80 4.59 -0.65
N SER C 278 6.54 4.15 0.57
CA SER C 278 6.19 2.75 0.83
C SER C 278 4.79 2.42 0.31
N GLU C 279 4.58 1.17 -0.07
CA GLU C 279 3.28 0.72 -0.58
C GLU C 279 2.26 0.69 0.53
N ASN C 280 2.75 0.62 1.76
CA ASN C 280 1.90 0.61 2.96
C ASN C 280 1.53 2.03 3.38
N LEU C 281 2.11 3.04 2.74
CA LEU C 281 1.82 4.43 3.09
C LEU C 281 0.31 4.69 3.20
N PRO C 282 -0.45 4.38 2.14
CA PRO C 282 -1.90 4.62 2.23
C PRO C 282 -2.56 3.91 3.41
N GLY C 283 -2.06 2.72 3.76
CA GLY C 283 -2.59 1.99 4.90
C GLY C 283 -2.28 2.72 6.20
N TYR C 284 -1.11 3.34 6.28
CA TYR C 284 -0.71 4.08 7.48
C TYR C 284 -1.61 5.29 7.63
N ILE C 285 -1.93 5.92 6.50
CA ILE C 285 -2.78 7.10 6.48
C ILE C 285 -4.20 6.76 6.93
N PHE C 286 -4.80 5.76 6.31
CA PHE C 286 -6.16 5.38 6.68
C PHE C 286 -6.30 5.15 8.18
N SER C 287 -5.35 4.44 8.76
CA SER C 287 -5.38 4.14 10.18
C SER C 287 -4.95 5.29 11.07
N GLY C 288 -4.13 6.20 10.52
CA GLY C 288 -3.65 7.32 11.31
C GLY C 288 -4.52 8.57 11.36
N VAL C 289 -5.11 8.94 10.24
CA VAL C 289 -5.94 10.14 10.20
C VAL C 289 -7.04 10.17 11.26
N ALA C 290 -7.98 9.23 11.18
CA ALA C 290 -9.10 9.15 12.12
C ALA C 290 -8.78 9.36 13.61
N PRO C 291 -7.99 8.46 14.21
CA PRO C 291 -7.69 8.66 15.64
C PRO C 291 -7.09 10.02 15.98
N VAL C 292 -6.09 10.45 15.22
CA VAL C 292 -5.43 11.74 15.47
C VAL C 292 -6.39 12.93 15.36
N VAL C 293 -7.08 13.03 14.23
CA VAL C 293 -7.98 14.13 14.03
C VAL C 293 -9.07 14.17 15.09
N THR C 294 -9.65 13.01 15.39
CA THR C 294 -10.71 12.89 16.39
C THR C 294 -10.31 13.36 17.78
N GLU C 295 -9.08 13.00 18.17
CA GLU C 295 -8.57 13.39 19.47
C GLU C 295 -8.39 14.91 19.56
N MET C 296 -7.80 15.50 18.52
CA MET C 296 -7.59 16.95 18.50
C MET C 296 -8.91 17.72 18.53
N LEU C 297 -9.87 17.28 17.72
CA LEU C 297 -11.16 17.94 17.71
C LEU C 297 -11.80 17.80 19.10
N TRP C 298 -11.64 16.64 19.73
CA TRP C 298 -12.21 16.45 21.07
C TRP C 298 -11.56 17.40 22.07
N ASP C 299 -10.29 17.72 21.87
CA ASP C 299 -9.63 18.66 22.76
C ASP C 299 -10.22 20.05 22.53
N ASN C 300 -10.89 20.23 21.40
CA ASN C 300 -11.49 21.53 21.11
C ASN C 300 -13.02 21.49 21.14
N GLY C 301 -13.58 20.43 21.73
CA GLY C 301 -15.02 20.28 21.84
C GLY C 301 -15.76 20.10 20.53
N LEU C 302 -15.11 19.47 19.56
CA LEU C 302 -15.70 19.25 18.24
C LEU C 302 -15.62 17.78 17.83
N GLN C 303 -16.37 17.45 16.78
CA GLN C 303 -16.42 16.10 16.21
C GLN C 303 -16.14 16.30 14.72
N ILE C 304 -15.83 15.22 14.03
CA ILE C 304 -15.55 15.31 12.60
C ILE C 304 -16.70 15.97 11.82
N SER C 305 -17.93 15.67 12.22
CA SER C 305 -19.13 16.20 11.54
C SER C 305 -19.40 17.70 11.71
N ASP C 306 -18.63 18.36 12.56
CA ASP C 306 -18.80 19.80 12.76
C ASP C 306 -17.97 20.60 11.76
N ILE C 307 -16.95 19.95 11.20
CA ILE C 307 -16.05 20.65 10.29
C ILE C 307 -16.63 20.98 8.92
N ASP C 308 -16.49 22.24 8.53
CA ASP C 308 -17.00 22.73 7.26
C ASP C 308 -16.00 22.53 6.11
N LEU C 309 -14.71 22.65 6.41
CA LEU C 309 -13.65 22.52 5.41
C LEU C 309 -12.56 21.50 5.74
N TRP C 310 -12.18 20.67 4.77
CA TRP C 310 -11.11 19.70 4.98
C TRP C 310 -9.96 19.92 4.01
N ALA C 311 -8.93 20.60 4.49
CA ALA C 311 -7.75 20.87 3.69
C ALA C 311 -6.79 19.70 3.77
N ILE C 312 -7.11 18.62 3.04
CA ILE C 312 -6.25 17.45 3.05
C ILE C 312 -5.12 17.66 2.05
N HIS C 313 -3.89 17.42 2.47
CA HIS C 313 -2.74 17.58 1.59
C HIS C 313 -2.94 16.75 0.32
N PRO C 314 -3.03 17.42 -0.85
CA PRO C 314 -3.21 16.68 -2.10
C PRO C 314 -1.90 16.06 -2.59
N GLY C 315 -1.44 15.05 -1.87
CA GLY C 315 -0.18 14.43 -2.24
C GLY C 315 -0.31 13.38 -3.32
N GLY C 316 -1.55 13.12 -3.73
CA GLY C 316 -1.79 12.12 -4.75
C GLY C 316 -3.12 11.45 -4.51
N PRO C 317 -3.68 10.78 -5.52
CA PRO C 317 -4.96 10.12 -5.33
C PRO C 317 -5.08 9.21 -4.10
N LYS C 318 -4.09 8.35 -3.86
CA LYS C 318 -4.20 7.46 -2.71
C LYS C 318 -4.18 8.20 -1.39
N ILE C 319 -3.46 9.31 -1.35
CA ILE C 319 -3.34 10.11 -0.14
C ILE C 319 -4.66 10.78 0.27
N ILE C 320 -5.33 11.37 -0.70
CA ILE C 320 -6.60 12.04 -0.48
C ILE C 320 -7.68 10.97 -0.19
N GLU C 321 -7.72 9.98 -1.06
CA GLU C 321 -8.64 8.84 -1.02
C GLU C 321 -8.76 8.20 0.37
N GLN C 322 -7.61 7.81 0.92
CA GLN C 322 -7.54 7.17 2.24
C GLN C 322 -7.77 8.14 3.38
N SER C 323 -7.47 9.42 3.16
CA SER C 323 -7.67 10.43 4.19
C SER C 323 -9.15 10.63 4.39
N VAL C 324 -9.88 10.65 3.28
CA VAL C 324 -11.33 10.83 3.28
C VAL C 324 -12.03 9.60 3.88
N ARG C 325 -11.64 8.40 3.43
CA ARG C 325 -12.23 7.19 3.95
C ARG C 325 -11.98 7.11 5.46
N SER C 326 -10.75 7.38 5.88
CA SER C 326 -10.39 7.33 7.29
C SER C 326 -11.35 8.20 8.13
N LEU C 327 -11.61 9.42 7.67
CA LEU C 327 -12.50 10.33 8.38
C LEU C 327 -13.99 10.00 8.17
N GLY C 328 -14.28 9.10 7.23
CA GLY C 328 -15.66 8.73 6.98
C GLY C 328 -16.53 9.87 6.47
N ILE C 329 -15.92 10.82 5.78
CA ILE C 329 -16.67 11.96 5.26
C ILE C 329 -17.03 11.86 3.78
N SER C 330 -17.91 12.74 3.32
CA SER C 330 -18.32 12.78 1.92
C SER C 330 -17.15 13.14 1.02
N ALA C 331 -17.08 12.51 -0.15
CA ALA C 331 -16.00 12.76 -1.10
C ALA C 331 -15.99 14.21 -1.57
N GLU C 332 -17.18 14.82 -1.59
CA GLU C 332 -17.31 16.20 -2.02
C GLU C 332 -16.56 17.18 -1.12
N LEU C 333 -16.44 16.85 0.17
CA LEU C 333 -15.73 17.72 1.10
C LEU C 333 -14.22 17.75 0.85
N ALA C 334 -13.76 17.04 -0.18
CA ALA C 334 -12.36 17.01 -0.52
C ALA C 334 -12.14 17.65 -1.89
N ALA C 335 -13.11 18.44 -2.34
CA ALA C 335 -13.04 19.10 -3.65
C ALA C 335 -11.83 20.03 -3.80
N GLN C 336 -11.63 20.92 -2.82
CA GLN C 336 -10.52 21.84 -2.87
C GLN C 336 -9.20 21.07 -3.04
N SER C 337 -9.07 19.96 -2.33
CA SER C 337 -7.85 19.16 -2.41
C SER C 337 -7.67 18.47 -3.77
N TRP C 338 -8.73 17.83 -4.26
CA TRP C 338 -8.65 17.16 -5.55
C TRP C 338 -8.30 18.15 -6.65
N ASP C 339 -8.85 19.35 -6.54
CA ASP C 339 -8.62 20.41 -7.52
C ASP C 339 -7.15 20.83 -7.57
N VAL C 340 -6.56 21.09 -6.40
CA VAL C 340 -5.17 21.49 -6.34
C VAL C 340 -4.30 20.43 -6.99
N LEU C 341 -4.55 19.17 -6.65
CA LEU C 341 -3.79 18.07 -7.20
C LEU C 341 -3.96 17.98 -8.72
N ALA C 342 -5.14 18.31 -9.22
CA ALA C 342 -5.39 18.25 -10.66
C ALA C 342 -4.70 19.36 -11.47
N ARG C 343 -4.56 20.54 -10.88
CA ARG C 343 -3.96 21.67 -11.56
C ARG C 343 -2.47 21.85 -11.31
N PHE C 344 -1.96 21.24 -10.24
CA PHE C 344 -0.55 21.41 -9.86
C PHE C 344 0.23 20.16 -9.47
N GLY C 345 -0.45 19.04 -9.29
CA GLY C 345 0.26 17.84 -8.88
C GLY C 345 0.68 18.05 -7.44
N ASN C 346 1.57 17.19 -6.93
CA ASN C 346 2.04 17.29 -5.54
C ASN C 346 3.20 18.25 -5.39
N MET C 347 2.93 19.41 -4.81
CA MET C 347 3.98 20.40 -4.63
C MET C 347 4.59 20.30 -3.24
N LEU C 348 4.46 19.14 -2.61
CA LEU C 348 5.03 18.93 -1.27
C LEU C 348 4.47 19.94 -0.26
N SER C 349 5.35 20.51 0.56
CA SER C 349 4.93 21.45 1.61
C SER C 349 4.07 22.64 1.16
N VAL C 350 4.16 23.02 -0.10
CA VAL C 350 3.43 24.16 -0.62
C VAL C 350 1.93 23.88 -0.80
N SER C 351 1.60 22.71 -1.33
CA SER C 351 0.22 22.32 -1.60
C SER C 351 -0.84 22.75 -0.59
N LEU C 352 -0.64 22.33 0.66
CA LEU C 352 -1.59 22.65 1.73
C LEU C 352 -2.03 24.09 1.65
N ILE C 353 -1.08 24.98 1.39
CA ILE C 353 -1.38 26.41 1.31
C ILE C 353 -2.21 26.78 0.07
N PHE C 354 -2.05 26.03 -1.01
CA PHE C 354 -2.83 26.28 -2.21
C PHE C 354 -4.29 25.97 -1.90
N VAL C 355 -4.50 24.84 -1.22
CA VAL C 355 -5.85 24.39 -0.84
C VAL C 355 -6.53 25.41 0.07
N LEU C 356 -5.80 25.89 1.07
CA LEU C 356 -6.29 26.88 2.00
C LEU C 356 -6.67 28.17 1.27
N GLU C 357 -5.91 28.51 0.23
CA GLU C 357 -6.20 29.70 -0.54
C GLU C 357 -7.53 29.57 -1.29
N THR C 358 -7.79 28.39 -1.85
CA THR C 358 -9.05 28.17 -2.56
C THR C 358 -10.24 28.37 -1.60
N MET C 359 -10.14 27.78 -0.42
CA MET C 359 -11.20 27.89 0.58
C MET C 359 -11.43 29.33 0.99
N VAL C 360 -10.37 30.12 1.13
CA VAL C 360 -10.54 31.52 1.50
C VAL C 360 -11.32 32.26 0.41
N GLN C 361 -11.02 31.96 -0.85
CA GLN C 361 -11.69 32.62 -1.97
C GLN C 361 -13.13 32.17 -2.25
N GLN C 362 -13.41 30.87 -2.12
CA GLN C 362 -14.76 30.39 -2.36
C GLN C 362 -15.35 29.74 -1.10
N ALA C 363 -16.37 30.41 -0.54
CA ALA C 363 -17.05 29.92 0.66
C ALA C 363 -17.89 28.68 0.35
N GLU C 364 -17.79 27.69 1.21
CA GLU C 364 -18.52 26.45 1.04
C GLU C 364 -19.92 26.50 1.65
N SER C 365 -20.22 27.60 2.32
CA SER C 365 -21.52 27.81 2.96
C SER C 365 -21.72 29.29 3.17
N ALA C 366 -22.88 29.66 3.68
CA ALA C 366 -23.17 31.07 3.92
C ALA C 366 -22.97 31.47 5.38
N LYS C 367 -22.53 30.55 6.21
CA LYS C 367 -22.31 30.89 7.62
C LYS C 367 -21.09 31.78 7.76
N ALA C 368 -21.13 32.69 8.72
CA ALA C 368 -19.99 33.58 8.98
C ALA C 368 -19.01 32.68 9.72
N ILE C 369 -17.75 32.72 9.33
CA ILE C 369 -16.76 31.87 9.99
C ILE C 369 -16.91 30.39 9.64
N SER C 370 -16.00 29.88 8.82
CA SER C 370 -16.03 28.48 8.45
C SER C 370 -14.93 27.78 9.25
N THR C 371 -15.24 26.62 9.82
CA THR C 371 -14.24 25.90 10.58
C THR C 371 -13.67 24.78 9.75
N GLY C 372 -12.34 24.71 9.69
CA GLY C 372 -11.71 23.67 8.91
C GLY C 372 -10.54 23.00 9.57
N VAL C 373 -10.16 21.86 9.01
CA VAL C 373 -9.03 21.09 9.49
C VAL C 373 -8.07 20.85 8.33
N ALA C 374 -6.80 21.15 8.57
CA ALA C 374 -5.78 20.93 7.57
C ALA C 374 -4.75 19.94 8.14
N PHE C 375 -4.30 19.00 7.33
CA PHE C 375 -3.28 18.07 7.77
C PHE C 375 -2.47 17.55 6.61
N ALA C 376 -1.26 17.10 6.93
CA ALA C 376 -0.34 16.58 5.94
C ALA C 376 0.48 15.44 6.55
N PHE C 377 1.33 14.83 5.74
CA PHE C 377 2.16 13.72 6.21
C PHE C 377 3.62 13.98 5.97
N GLY C 378 4.39 13.94 7.05
CA GLY C 378 5.82 14.14 6.95
C GLY C 378 6.55 12.84 7.22
N PRO C 379 7.88 12.82 7.03
CA PRO C 379 8.70 11.63 7.25
C PRO C 379 8.56 11.11 8.69
N GLY C 380 8.97 9.86 8.91
CA GLY C 380 8.87 9.23 10.21
C GLY C 380 7.44 8.73 10.20
N VAL C 381 6.69 9.49 9.41
CA VAL C 381 5.27 9.35 9.18
C VAL C 381 4.65 10.01 10.39
N THR C 382 4.52 11.31 10.23
CA THR C 382 3.95 12.19 11.24
C THR C 382 2.75 12.87 10.60
N VAL C 383 1.67 12.98 11.35
CA VAL C 383 0.48 13.66 10.87
C VAL C 383 0.67 15.07 11.42
N GLU C 384 0.72 16.04 10.51
CA GLU C 384 0.92 17.43 10.87
C GLU C 384 -0.34 18.16 10.48
N GLY C 385 -0.85 19.01 11.36
CA GLY C 385 -2.06 19.73 11.00
C GLY C 385 -2.48 20.85 11.93
N MET C 386 -3.64 21.42 11.65
CA MET C 386 -4.16 22.50 12.47
C MET C 386 -5.68 22.63 12.38
N LEU C 387 -6.26 23.30 13.37
CA LEU C 387 -7.69 23.57 13.39
C LEU C 387 -7.76 25.07 13.11
N PHE C 388 -8.54 25.47 12.11
CA PHE C 388 -8.61 26.89 11.79
C PHE C 388 -9.99 27.46 11.51
N ASP C 389 -10.07 28.78 11.54
CA ASP C 389 -11.31 29.50 11.25
C ASP C 389 -11.06 30.49 10.14
N ILE C 390 -11.95 30.50 9.15
CA ILE C 390 -11.85 31.46 8.05
C ILE C 390 -13.00 32.44 8.29
N ILE C 391 -12.68 33.71 8.43
CA ILE C 391 -13.72 34.69 8.64
C ILE C 391 -14.42 35.04 7.34
N ARG C 392 -15.74 34.82 7.29
CA ARG C 392 -16.53 35.11 6.11
C ARG C 392 -17.08 36.53 6.20
N ARG C 393 -17.52 36.92 7.39
CA ARG C 393 -18.05 38.26 7.61
C ARG C 393 -18.29 38.49 9.11
N THR D 31 8.79 37.03 32.71
CA THR D 31 9.04 35.65 32.22
C THR D 31 10.42 35.53 31.58
N VAL D 32 11.20 34.56 32.04
CA VAL D 32 12.54 34.35 31.54
C VAL D 32 12.77 32.97 30.95
N ALA D 33 13.60 32.92 29.91
CA ALA D 33 13.96 31.67 29.24
C ALA D 33 15.25 31.16 29.87
N VAL D 34 15.20 29.92 30.36
CA VAL D 34 16.36 29.32 31.03
C VAL D 34 16.82 27.99 30.44
N ILE D 35 18.14 27.80 30.44
CA ILE D 35 18.70 26.53 29.97
C ILE D 35 18.82 25.79 31.30
N GLU D 36 18.04 24.74 31.46
CA GLU D 36 18.02 23.98 32.70
C GLU D 36 18.85 22.71 32.63
N GLY D 37 19.06 22.21 31.42
CA GLY D 37 19.83 21.00 31.23
C GLY D 37 20.82 21.18 30.09
N LEU D 38 22.03 20.64 30.26
CA LEU D 38 23.05 20.77 29.26
C LEU D 38 24.01 19.59 29.33
N ALA D 39 24.30 19.01 28.17
CA ALA D 39 25.20 17.88 28.09
C ALA D 39 25.87 17.85 26.72
N THR D 40 27.10 17.38 26.69
CA THR D 40 27.85 17.29 25.46
C THR D 40 28.28 15.84 25.25
N GLY D 41 28.60 15.50 24.01
CA GLY D 41 29.01 14.16 23.68
C GLY D 41 29.90 14.21 22.47
N THR D 42 30.59 13.12 22.21
CA THR D 42 31.50 13.10 21.09
C THR D 42 31.84 11.66 20.79
N PRO D 43 32.14 11.34 19.52
CA PRO D 43 32.48 9.93 19.26
C PRO D 43 33.80 9.56 19.98
N ARG D 44 33.88 8.35 20.50
CA ARG D 44 35.06 7.86 21.24
C ARG D 44 36.43 8.03 20.59
N ARG D 45 36.52 7.82 19.28
CA ARG D 45 37.81 7.92 18.60
C ARG D 45 38.48 9.29 18.54
N VAL D 46 39.67 9.38 19.13
CA VAL D 46 40.44 10.62 19.15
C VAL D 46 41.48 10.58 18.02
N VAL D 47 41.54 11.66 17.24
CA VAL D 47 42.48 11.75 16.14
C VAL D 47 43.50 12.84 16.47
N ASN D 48 44.72 12.43 16.76
CA ASN D 48 45.78 13.37 17.08
C ASN D 48 46.13 14.17 15.84
N GLN D 49 46.18 15.48 15.98
CA GLN D 49 46.51 16.36 14.86
C GLN D 49 47.91 16.16 14.31
N SER D 50 48.85 15.76 15.18
CA SER D 50 50.21 15.54 14.71
C SER D 50 50.18 14.39 13.71
N ASP D 51 49.42 13.35 14.05
CA ASP D 51 49.29 12.19 13.19
C ASP D 51 48.47 12.46 11.94
N ALA D 52 47.41 13.25 12.09
CA ALA D 52 46.57 13.59 10.95
C ALA D 52 47.43 14.27 9.90
N ALA D 53 48.17 15.28 10.33
CA ALA D 53 49.05 16.02 9.43
C ALA D 53 49.97 15.08 8.66
N ASP D 54 50.57 14.12 9.36
CA ASP D 54 51.47 13.17 8.70
C ASP D 54 50.77 12.25 7.71
N ARG D 55 49.66 11.65 8.13
CA ARG D 55 48.93 10.74 7.24
C ARG D 55 48.34 11.47 6.04
N VAL D 56 48.05 12.75 6.21
CA VAL D 56 47.47 13.56 5.14
C VAL D 56 48.55 14.03 4.16
N ALA D 57 49.74 14.35 4.69
CA ALA D 57 50.84 14.81 3.85
C ALA D 57 51.20 13.76 2.79
N GLU D 58 51.01 12.49 3.14
CA GLU D 58 51.32 11.37 2.26
C GLU D 58 50.41 11.20 1.03
N LEU D 59 49.17 11.68 1.10
CA LEU D 59 48.24 11.55 -0.01
C LEU D 59 48.55 12.51 -1.16
N GLY D 64 53.59 15.52 -5.17
CA GLY D 64 53.76 16.89 -5.62
C GLY D 64 54.47 17.75 -4.59
N GLN D 65 53.78 18.78 -4.11
CA GLN D 65 54.35 19.69 -3.11
C GLN D 65 53.66 19.51 -1.77
N ARG D 66 54.02 18.44 -1.06
CA ARG D 66 53.45 18.14 0.25
C ARG D 66 54.10 19.01 1.32
N GLU D 67 54.45 20.23 0.95
CA GLU D 67 55.08 21.18 1.86
C GLU D 67 54.05 22.14 2.44
N ARG D 68 52.90 22.21 1.79
CA ARG D 68 51.81 23.09 2.21
C ARG D 68 50.97 22.44 3.32
N ILE D 69 50.85 21.12 3.28
CA ILE D 69 50.07 20.40 4.29
C ILE D 69 50.63 20.57 5.70
N PRO D 70 51.95 20.41 5.89
CA PRO D 70 52.53 20.56 7.22
C PRO D 70 52.24 21.94 7.81
N ARG D 71 52.37 22.96 6.97
CA ARG D 71 52.13 24.34 7.36
C ARG D 71 50.71 24.57 7.87
N VAL D 72 49.73 24.35 6.98
CA VAL D 72 48.32 24.55 7.29
C VAL D 72 47.73 23.51 8.25
N TYR D 73 48.52 23.13 9.24
CA TYR D 73 48.10 22.17 10.27
C TYR D 73 48.71 22.60 11.58
N GLN D 74 49.94 23.09 11.50
CA GLN D 74 50.64 23.56 12.69
C GLN D 74 50.07 24.93 13.04
N LYS D 75 49.26 25.48 12.14
CA LYS D 75 48.63 26.78 12.36
C LYS D 75 47.16 26.62 12.75
N SER D 76 46.65 25.40 12.66
CA SER D 76 45.26 25.11 12.98
C SER D 76 44.95 25.32 14.46
N ARG D 77 45.97 25.19 15.30
CA ARG D 77 45.85 25.35 16.74
C ARG D 77 44.88 24.32 17.32
N ILE D 78 44.91 23.12 16.74
CA ILE D 78 44.08 22.01 17.18
C ILE D 78 45.02 20.89 17.59
N THR D 79 44.86 20.38 18.81
CA THR D 79 45.69 19.30 19.29
C THR D 79 45.05 17.96 18.98
N THR D 80 43.73 17.89 19.15
CA THR D 80 42.99 16.66 18.88
C THR D 80 41.57 16.97 18.44
N ARG D 81 40.87 15.95 17.99
CA ARG D 81 39.46 16.09 17.62
C ARG D 81 38.88 14.70 17.53
N ARG D 82 37.57 14.60 17.71
CA ARG D 82 36.88 13.31 17.67
C ARG D 82 36.21 13.09 16.34
N MET D 83 36.14 11.84 15.91
CA MET D 83 35.53 11.51 14.63
C MET D 83 34.79 10.18 14.63
N ALA D 84 33.57 10.20 14.10
CA ALA D 84 32.72 9.01 14.04
C ALA D 84 33.36 7.96 13.15
N VAL D 85 34.10 8.43 12.16
CA VAL D 85 34.76 7.55 11.23
C VAL D 85 36.18 8.04 10.98
N ASP D 86 37.13 7.11 10.90
CA ASP D 86 38.50 7.50 10.63
C ASP D 86 38.58 7.55 9.11
N PRO D 87 38.49 8.76 8.53
CA PRO D 87 38.55 8.93 7.07
C PRO D 87 39.79 8.33 6.43
N LEU D 88 40.90 8.33 7.16
CA LEU D 88 42.16 7.80 6.64
C LEU D 88 42.35 6.29 6.83
N ASP D 89 41.37 5.63 7.44
CA ASP D 89 41.47 4.18 7.65
C ASP D 89 41.51 3.51 6.28
N ALA D 90 42.19 2.36 6.20
CA ALA D 90 42.33 1.63 4.94
C ALA D 90 41.02 1.23 4.27
N LYS D 91 40.04 0.81 5.05
CA LYS D 91 38.75 0.40 4.52
C LYS D 91 38.03 1.51 3.76
N PHE D 92 38.05 2.72 4.34
CA PHE D 92 37.38 3.87 3.72
C PHE D 92 38.19 4.50 2.60
N ASP D 93 39.48 4.18 2.53
CA ASP D 93 40.33 4.76 1.49
C ASP D 93 39.71 4.63 0.10
N VAL D 94 39.37 3.41 -0.29
CA VAL D 94 38.76 3.17 -1.59
C VAL D 94 37.47 3.95 -1.71
N PHE D 95 36.60 3.78 -0.70
CA PHE D 95 35.31 4.45 -0.65
C PHE D 95 35.45 5.97 -0.71
N ARG D 96 36.40 6.51 0.06
CA ARG D 96 36.64 7.95 0.12
C ARG D 96 37.07 8.57 -1.20
N ARG D 97 37.64 7.78 -2.09
CA ARG D 97 38.09 8.29 -3.37
C ARG D 97 37.02 8.14 -4.46
N GLU D 98 35.98 7.37 -4.19
CA GLU D 98 34.92 7.15 -5.16
C GLU D 98 33.99 8.35 -5.33
N PRO D 99 33.41 8.50 -6.52
CA PRO D 99 32.48 9.60 -6.79
C PRO D 99 31.05 9.13 -6.57
N ALA D 100 30.10 10.07 -6.51
CA ALA D 100 28.69 9.72 -6.35
C ALA D 100 28.38 8.86 -5.12
N THR D 101 28.87 9.29 -3.96
CA THR D 101 28.64 8.53 -2.74
C THR D 101 27.87 9.26 -1.63
N ILE D 102 27.31 10.44 -1.89
CA ILE D 102 26.59 11.15 -0.82
C ILE D 102 25.50 10.36 -0.15
N ARG D 103 24.70 9.61 -0.91
CA ARG D 103 23.63 8.84 -0.29
C ARG D 103 24.17 7.89 0.78
N ASP D 104 25.28 7.22 0.49
CA ASP D 104 25.88 6.30 1.46
C ASP D 104 26.46 7.07 2.65
N ARG D 105 26.96 8.27 2.39
CA ARG D 105 27.53 9.08 3.44
C ARG D 105 26.42 9.57 4.38
N MET D 106 25.23 9.84 3.83
CA MET D 106 24.12 10.30 4.64
C MET D 106 23.66 9.15 5.53
N HIS D 107 23.63 7.95 4.96
CA HIS D 107 23.25 6.76 5.74
C HIS D 107 24.27 6.64 6.86
N LEU D 108 25.54 6.81 6.51
CA LEU D 108 26.61 6.72 7.49
C LEU D 108 26.33 7.70 8.63
N PHE D 109 26.02 8.94 8.26
CA PHE D 109 25.71 9.99 9.22
C PHE D 109 24.67 9.50 10.24
N TYR D 110 23.58 8.97 9.71
CA TYR D 110 22.50 8.48 10.53
C TYR D 110 22.89 7.30 11.43
N GLU D 111 23.76 6.43 10.92
CA GLU D 111 24.21 5.26 11.66
C GLU D 111 25.00 5.67 12.90
N HIS D 112 25.85 6.68 12.76
CA HIS D 112 26.64 7.14 13.89
C HIS D 112 25.99 8.27 14.69
N ALA D 113 25.13 9.05 14.03
CA ALA D 113 24.46 10.16 14.70
C ALA D 113 23.43 9.74 15.74
N VAL D 114 22.66 8.69 15.46
CA VAL D 114 21.62 8.27 16.40
C VAL D 114 22.16 7.86 17.75
N PRO D 115 23.14 6.93 17.79
CA PRO D 115 23.69 6.52 19.08
C PRO D 115 24.11 7.71 19.93
N LEU D 116 24.91 8.58 19.34
CA LEU D 116 25.44 9.78 20.01
C LEU D 116 24.37 10.78 20.45
N ALA D 117 23.50 11.17 19.53
CA ALA D 117 22.43 12.12 19.84
C ALA D 117 21.54 11.62 20.98
N VAL D 118 21.17 10.35 20.93
CA VAL D 118 20.33 9.75 21.96
C VAL D 118 20.97 9.81 23.33
N ASP D 119 22.25 9.45 23.42
CA ASP D 119 22.94 9.47 24.70
C ASP D 119 23.09 10.88 25.26
N VAL D 120 23.36 11.84 24.38
CA VAL D 120 23.53 13.22 24.83
C VAL D 120 22.21 13.84 25.32
N SER D 121 21.11 13.56 24.62
CA SER D 121 19.81 14.10 25.03
C SER D 121 19.44 13.48 26.39
N LYS D 122 19.65 12.17 26.51
CA LYS D 122 19.36 11.46 27.75
C LYS D 122 20.08 12.12 28.92
N ARG D 123 21.36 12.38 28.73
CA ARG D 123 22.18 12.99 29.77
C ARG D 123 21.80 14.44 30.07
N ALA D 124 21.21 15.12 29.10
CA ALA D 124 20.80 16.51 29.31
C ALA D 124 19.51 16.55 30.14
N LEU D 125 18.72 15.49 29.99
CA LEU D 125 17.46 15.37 30.71
C LEU D 125 17.62 14.64 32.03
N ALA D 126 18.63 13.78 32.14
CA ALA D 126 18.86 12.99 33.35
C ALA D 126 18.75 13.79 34.66
N GLY D 127 19.30 15.00 34.66
CA GLY D 127 19.25 15.81 35.86
C GLY D 127 17.92 16.48 36.18
N LEU D 128 17.03 16.56 35.21
CA LEU D 128 15.74 17.21 35.45
C LEU D 128 14.64 16.25 35.87
N PRO D 129 13.63 16.77 36.59
CA PRO D 129 12.50 15.97 37.06
C PRO D 129 11.34 16.08 36.08
N TYR D 130 11.66 16.09 34.78
CA TYR D 130 10.61 16.21 33.78
C TYR D 130 10.19 14.88 33.20
N ARG D 131 8.88 14.72 33.07
CA ARG D 131 8.33 13.50 32.51
C ARG D 131 8.11 13.74 31.01
N ALA D 132 8.22 12.69 30.23
CA ALA D 132 8.06 12.77 28.78
C ALA D 132 6.90 13.64 28.31
N ALA D 133 5.88 13.80 29.14
CA ALA D 133 4.72 14.61 28.76
C ALA D 133 4.96 16.12 28.81
N GLU D 134 6.02 16.54 29.50
CA GLU D 134 6.33 17.96 29.62
C GLU D 134 7.29 18.49 28.55
N ILE D 135 7.82 17.59 27.73
CA ILE D 135 8.73 17.98 26.66
C ILE D 135 7.90 18.18 25.39
N GLY D 136 7.61 19.44 25.09
CA GLY D 136 6.79 19.74 23.94
C GLY D 136 7.49 19.98 22.62
N LEU D 137 8.78 20.29 22.63
CA LEU D 137 9.47 20.57 21.38
C LEU D 137 10.87 20.00 21.27
N LEU D 138 11.17 19.44 20.10
CA LEU D 138 12.49 18.90 19.82
C LEU D 138 12.97 19.61 18.59
N VAL D 139 14.01 20.42 18.75
CA VAL D 139 14.60 21.16 17.63
C VAL D 139 15.93 20.47 17.32
N LEU D 140 16.09 20.00 16.09
CA LEU D 140 17.33 19.33 15.69
C LEU D 140 18.09 20.19 14.69
N ALA D 141 19.37 20.46 14.97
CA ALA D 141 20.20 21.28 14.08
C ALA D 141 21.39 20.51 13.51
N THR D 142 21.61 20.64 12.21
CA THR D 142 22.72 19.96 11.55
C THR D 142 23.00 20.52 10.17
N SER D 143 24.23 20.30 9.70
CA SER D 143 24.65 20.76 8.39
C SER D 143 25.59 19.72 7.78
N THR D 144 25.64 18.54 8.40
CA THR D 144 26.52 17.47 7.95
C THR D 144 25.81 16.18 7.63
N GLY D 145 24.48 16.23 7.56
CA GLY D 145 23.70 15.03 7.24
C GLY D 145 22.28 15.36 6.79
N PHE D 146 21.77 14.62 5.81
CA PHE D 146 20.41 14.82 5.31
C PHE D 146 19.73 13.48 5.05
N ILE D 147 18.80 13.08 5.93
CA ILE D 147 18.08 11.81 5.75
C ILE D 147 16.60 11.83 6.17
N ALA D 148 15.79 11.13 5.37
CA ALA D 148 14.32 10.96 5.54
C ALA D 148 13.91 10.99 7.00
N PRO D 149 13.43 9.86 7.57
CA PRO D 149 13.14 10.12 8.98
C PRO D 149 14.56 10.23 9.52
N GLY D 150 14.85 11.35 10.19
CA GLY D 150 16.19 11.55 10.70
C GLY D 150 16.40 11.24 12.17
N VAL D 151 17.44 11.86 12.71
CA VAL D 151 17.84 11.68 14.10
C VAL D 151 16.81 12.17 15.12
N ASP D 152 15.99 13.13 14.73
CA ASP D 152 14.97 13.66 15.64
C ASP D 152 13.95 12.57 15.98
N VAL D 153 13.46 11.88 14.95
CA VAL D 153 12.48 10.83 15.15
C VAL D 153 13.04 9.68 15.99
N ALA D 154 14.31 9.35 15.76
CA ALA D 154 14.95 8.28 16.50
C ALA D 154 15.08 8.65 17.98
N ILE D 155 15.26 9.93 18.26
CA ILE D 155 15.38 10.40 19.64
C ILE D 155 14.05 10.29 20.36
N VAL D 156 12.99 10.71 19.70
CA VAL D 156 11.65 10.65 20.27
C VAL D 156 11.33 9.20 20.63
N LYS D 157 11.75 8.28 19.77
CA LYS D 157 11.50 6.87 20.00
C LYS D 157 12.40 6.31 21.09
N GLU D 158 13.69 6.53 20.96
CA GLU D 158 14.66 6.02 21.93
C GLU D 158 14.47 6.52 23.36
N LEU D 159 14.09 7.79 23.52
CA LEU D 159 13.89 8.37 24.84
C LEU D 159 12.46 8.26 25.35
N GLY D 160 11.57 7.72 24.52
CA GLY D 160 10.18 7.58 24.93
C GLY D 160 9.49 8.92 25.08
N LEU D 161 9.82 9.87 24.21
CA LEU D 161 9.19 11.18 24.24
C LEU D 161 7.79 11.02 23.66
N SER D 162 6.96 12.03 23.83
CA SER D 162 5.60 11.95 23.31
C SER D 162 5.57 11.93 21.80
N PRO D 163 4.76 11.03 21.22
CA PRO D 163 4.62 10.89 19.77
C PRO D 163 3.98 12.15 19.18
N SER D 164 3.42 12.98 20.04
CA SER D 164 2.76 14.19 19.56
C SER D 164 3.61 15.44 19.80
N ILE D 165 4.85 15.23 20.22
CA ILE D 165 5.76 16.34 20.48
C ILE D 165 6.03 17.07 19.16
N SER D 166 6.20 18.37 19.25
CA SER D 166 6.47 19.18 18.06
C SER D 166 7.94 19.02 17.70
N ARG D 167 8.22 18.92 16.41
CA ARG D 167 9.58 18.79 15.92
C ARG D 167 9.96 19.77 14.80
N VAL D 168 11.18 20.27 14.86
CA VAL D 168 11.69 21.19 13.86
C VAL D 168 13.15 20.87 13.53
N VAL D 169 13.43 20.62 12.25
CA VAL D 169 14.79 20.32 11.81
C VAL D 169 15.39 21.54 11.10
N VAL D 170 16.52 22.01 11.62
CA VAL D 170 17.26 23.15 11.09
C VAL D 170 18.49 22.67 10.30
N ASN D 171 18.45 22.75 8.97
CA ASN D 171 19.59 22.31 8.18
C ASN D 171 20.25 23.45 7.41
N PHE D 172 21.58 23.39 7.34
CA PHE D 172 22.38 24.37 6.62
C PHE D 172 22.43 25.77 7.19
N MET D 173 22.36 25.89 8.51
CA MET D 173 22.47 27.19 9.14
C MET D 173 23.91 27.32 9.68
N GLY D 174 24.74 26.35 9.29
CA GLY D 174 26.15 26.34 9.65
C GLY D 174 26.59 26.32 11.10
N CYS D 175 27.72 27.00 11.36
CA CYS D 175 28.32 27.06 12.68
C CYS D 175 27.49 27.82 13.71
N ALA D 176 26.46 28.55 13.25
CA ALA D 176 25.64 29.32 14.17
C ALA D 176 24.25 28.70 14.45
N ALA D 177 23.99 27.53 13.87
CA ALA D 177 22.71 26.85 14.05
C ALA D 177 22.23 26.79 15.51
N ALA D 178 23.13 26.51 16.45
CA ALA D 178 22.75 26.43 17.86
C ALA D 178 21.91 27.64 18.28
N MET D 179 22.27 28.82 17.80
CA MET D 179 21.55 30.05 18.13
C MET D 179 20.15 30.13 17.50
N ASN D 180 20.03 29.70 16.24
CA ASN D 180 18.74 29.74 15.56
C ASN D 180 17.81 28.69 16.19
N ALA D 181 18.39 27.57 16.58
CA ALA D 181 17.66 26.47 17.21
C ALA D 181 17.23 26.89 18.61
N LEU D 182 18.17 27.47 19.36
CA LEU D 182 17.89 27.93 20.70
C LEU D 182 16.75 28.94 20.65
N GLY D 183 16.78 29.83 19.66
CA GLY D 183 15.75 30.85 19.53
C GLY D 183 14.36 30.26 19.34
N THR D 184 14.29 29.14 18.63
CA THR D 184 13.06 28.44 18.35
C THR D 184 12.50 27.82 19.65
N ALA D 185 13.41 27.32 20.48
CA ALA D 185 13.01 26.71 21.74
C ALA D 185 12.54 27.75 22.76
N THR D 186 13.15 28.95 22.76
CA THR D 186 12.71 29.96 23.71
C THR D 186 11.37 30.59 23.33
N ASN D 187 11.09 30.70 22.03
CA ASN D 187 9.80 31.25 21.59
C ASN D 187 8.73 30.24 21.99
N TYR D 188 9.03 28.97 21.72
CA TYR D 188 8.12 27.88 22.06
C TYR D 188 7.78 27.93 23.57
N VAL D 189 8.83 27.88 24.38
CA VAL D 189 8.67 27.90 25.83
C VAL D 189 7.95 29.15 26.36
N ARG D 190 8.21 30.32 25.77
CA ARG D 190 7.55 31.53 26.21
C ARG D 190 6.09 31.53 25.75
N ALA D 191 5.78 30.69 24.77
CA ALA D 191 4.44 30.61 24.25
C ALA D 191 3.70 29.46 24.97
N HIS D 192 4.48 28.58 25.60
CA HIS D 192 3.94 27.44 26.34
C HIS D 192 4.84 27.23 27.58
N PRO D 193 4.66 28.10 28.59
CA PRO D 193 5.41 28.11 29.85
C PRO D 193 5.45 26.82 30.67
N ALA D 194 4.41 26.00 30.58
CA ALA D 194 4.38 24.74 31.33
C ALA D 194 5.11 23.64 30.58
N MET D 195 5.58 23.97 29.38
CA MET D 195 6.26 22.99 28.54
C MET D 195 7.77 23.24 28.42
N LYS D 196 8.51 22.19 28.08
CA LYS D 196 9.96 22.28 27.92
C LYS D 196 10.38 21.96 26.47
N ALA D 197 11.55 22.43 26.07
CA ALA D 197 12.04 22.18 24.71
C ALA D 197 13.41 21.51 24.72
N LEU D 198 13.58 20.55 23.82
CA LEU D 198 14.82 19.82 23.67
C LEU D 198 15.53 20.29 22.39
N VAL D 199 16.73 20.84 22.56
CA VAL D 199 17.53 21.31 21.44
C VAL D 199 18.73 20.38 21.27
N VAL D 200 18.85 19.77 20.11
CA VAL D 200 19.96 18.87 19.85
C VAL D 200 20.77 19.28 18.63
N CYS D 201 22.07 19.47 18.84
CA CYS D 201 22.99 19.80 17.74
C CYS D 201 23.87 18.60 17.48
N ILE D 202 23.89 18.13 16.24
CA ILE D 202 24.70 16.97 15.88
C ILE D 202 25.47 17.30 14.64
N GLU D 203 26.78 17.24 14.75
CA GLU D 203 27.65 17.55 13.65
C GLU D 203 28.67 16.42 13.48
N LEU D 204 28.61 15.74 12.33
CA LEU D 204 29.52 14.64 12.02
C LEU D 204 30.24 14.93 10.71
N CYS D 205 31.26 15.78 10.76
CA CYS D 205 32.03 16.15 9.58
C CYS D 205 32.83 15.00 8.95
N SER D 206 33.37 14.11 9.77
CA SER D 206 34.17 13.00 9.29
C SER D 206 33.49 12.24 8.17
N VAL D 207 32.17 12.12 8.27
CA VAL D 207 31.37 11.41 7.29
C VAL D 207 31.48 12.01 5.89
N ASN D 208 31.88 13.27 5.81
CA ASN D 208 32.00 13.95 4.52
C ASN D 208 33.43 14.17 4.02
N ALA D 209 34.40 13.48 4.65
CA ALA D 209 35.80 13.60 4.27
C ALA D 209 36.04 13.11 2.85
N VAL D 210 36.81 13.89 2.09
CA VAL D 210 37.11 13.58 0.71
C VAL D 210 38.59 13.77 0.37
N PHE D 211 39.23 14.70 1.09
CA PHE D 211 40.63 15.03 0.86
C PHE D 211 40.89 15.44 -0.59
N ALA D 212 40.52 16.66 -0.94
CA ALA D 212 40.72 17.17 -2.29
C ALA D 212 42.02 17.96 -2.35
N ASP D 213 42.39 18.39 -3.55
CA ASP D 213 43.64 19.12 -3.76
C ASP D 213 43.62 20.61 -3.46
N ASP D 214 42.45 21.23 -3.42
CA ASP D 214 42.41 22.68 -3.18
C ASP D 214 42.62 23.13 -1.73
N ILE D 215 43.13 24.35 -1.60
CA ILE D 215 43.44 25.00 -0.33
C ILE D 215 42.30 24.93 0.68
N ASN D 216 41.14 25.44 0.29
CA ASN D 216 39.97 25.46 1.16
C ASN D 216 39.62 24.05 1.65
N ASP D 217 39.69 23.07 0.77
CA ASP D 217 39.37 21.71 1.15
C ASP D 217 40.38 21.22 2.20
N VAL D 218 41.65 21.58 2.02
CA VAL D 218 42.71 21.18 2.94
C VAL D 218 42.53 21.82 4.32
N VAL D 219 42.20 23.10 4.32
CA VAL D 219 41.99 23.85 5.57
C VAL D 219 40.80 23.28 6.32
N ILE D 220 39.71 23.06 5.59
CA ILE D 220 38.48 22.50 6.16
C ILE D 220 38.70 21.10 6.75
N HIS D 221 39.49 20.27 6.07
CA HIS D 221 39.78 18.93 6.53
C HIS D 221 40.75 18.88 7.71
N SER D 222 41.39 20.01 7.99
CA SER D 222 42.32 20.10 9.11
C SER D 222 41.67 20.76 10.31
N LEU D 223 40.53 21.41 10.09
CA LEU D 223 39.83 22.10 11.17
C LEU D 223 38.55 21.46 11.70
N PHE D 224 37.78 20.83 10.83
CA PHE D 224 36.51 20.24 11.24
C PHE D 224 36.52 18.94 12.03
N GLY D 225 35.71 18.90 13.09
CA GLY D 225 35.60 17.73 13.94
C GLY D 225 34.17 17.24 14.13
N ASP D 226 34.00 16.18 14.91
CA ASP D 226 32.69 15.57 15.19
C ASP D 226 32.25 15.81 16.63
N GLY D 227 30.96 16.11 16.82
CA GLY D 227 30.47 16.35 18.17
C GLY D 227 28.96 16.53 18.26
N CYS D 228 28.46 16.44 19.48
CA CYS D 228 27.03 16.59 19.74
C CYS D 228 26.79 17.29 21.08
N ALA D 229 25.81 18.19 21.11
CA ALA D 229 25.46 18.90 22.32
C ALA D 229 23.94 19.01 22.36
N ALA D 230 23.40 19.08 23.58
CA ALA D 230 21.95 19.17 23.74
C ALA D 230 21.61 20.11 24.89
N LEU D 231 20.48 20.81 24.75
CA LEU D 231 20.00 21.76 25.76
C LEU D 231 18.53 21.50 26.09
N VAL D 232 18.16 21.68 27.36
CA VAL D 232 16.77 21.54 27.79
C VAL D 232 16.35 22.94 28.20
N ILE D 233 15.37 23.49 27.49
CA ILE D 233 14.89 24.85 27.73
C ILE D 233 13.51 24.93 28.39
N GLY D 234 13.38 25.84 29.33
CA GLY D 234 12.12 26.02 30.04
C GLY D 234 11.89 27.48 30.34
N ALA D 235 10.65 27.81 30.68
CA ALA D 235 10.26 29.18 31.01
C ALA D 235 10.16 29.31 32.52
N SER D 236 10.47 30.49 33.04
CA SER D 236 10.40 30.69 34.47
C SER D 236 10.01 32.13 34.77
N GLN D 237 9.30 32.34 35.88
CA GLN D 237 8.91 33.69 36.25
C GLN D 237 10.19 34.43 36.62
N VAL D 238 10.16 35.76 36.58
CA VAL D 238 11.36 36.52 36.91
C VAL D 238 11.65 36.41 38.40
N GLN D 239 10.61 36.34 39.22
CA GLN D 239 10.78 36.23 40.66
C GLN D 239 11.55 34.98 41.07
N GLU D 240 11.33 33.88 40.36
CA GLU D 240 11.98 32.63 40.71
C GLU D 240 13.49 32.69 40.89
N LYS D 241 13.97 32.14 42.01
CA LYS D 241 15.40 32.11 42.28
C LYS D 241 15.96 30.82 41.72
N LEU D 242 16.71 30.94 40.62
CA LEU D 242 17.28 29.77 39.96
C LEU D 242 18.50 29.27 40.73
N GLU D 243 18.77 27.97 40.63
CA GLU D 243 19.92 27.38 41.29
C GLU D 243 21.19 27.60 40.48
N PRO D 244 22.36 27.44 41.13
CA PRO D 244 23.64 27.63 40.45
C PRO D 244 23.78 26.72 39.22
N GLY D 245 24.40 27.24 38.17
CA GLY D 245 24.58 26.45 36.97
C GLY D 245 23.53 26.76 35.91
N LYS D 246 22.35 27.21 36.35
CA LYS D 246 21.32 27.54 35.39
C LYS D 246 21.75 28.76 34.59
N VAL D 247 21.48 28.73 33.29
CA VAL D 247 21.83 29.84 32.42
C VAL D 247 20.59 30.55 31.91
N VAL D 248 20.56 31.86 32.07
CA VAL D 248 19.43 32.64 31.61
C VAL D 248 19.74 33.30 30.27
N VAL D 249 18.98 32.93 29.25
CA VAL D 249 19.15 33.49 27.93
C VAL D 249 18.41 34.80 28.02
N ARG D 250 19.16 35.87 28.28
CA ARG D 250 18.57 37.19 28.45
C ARG D 250 18.10 37.84 27.15
N SER D 251 18.91 37.73 26.12
CA SER D 251 18.59 38.33 24.84
C SER D 251 19.28 37.56 23.71
N SER D 252 18.65 37.55 22.54
CA SER D 252 19.24 36.87 21.38
C SER D 252 19.34 37.89 20.25
N PHE D 253 20.23 37.65 19.29
CA PHE D 253 20.37 38.58 18.18
C PHE D 253 20.92 37.94 16.92
N SER D 254 20.58 38.55 15.78
CA SER D 254 21.00 38.11 14.47
C SER D 254 21.38 39.35 13.69
N GLN D 255 22.29 39.20 12.73
CA GLN D 255 22.72 40.34 11.91
C GLN D 255 23.33 39.91 10.59
N LEU D 256 22.60 40.16 9.52
CA LEU D 256 23.06 39.85 8.18
C LEU D 256 24.07 40.95 7.82
N LEU D 257 25.30 40.56 7.51
CA LEU D 257 26.34 41.55 7.17
C LEU D 257 26.31 41.91 5.69
N ASP D 258 26.19 43.20 5.39
CA ASP D 258 26.16 43.68 4.00
C ASP D 258 27.30 43.14 3.15
N ASN D 259 26.98 42.73 1.93
CA ASN D 259 27.97 42.21 0.97
C ASN D 259 29.00 41.27 1.58
N THR D 260 28.55 40.11 2.05
CA THR D 260 29.44 39.13 2.65
C THR D 260 29.00 37.70 2.32
N GLU D 261 28.11 37.56 1.33
CA GLU D 261 27.59 36.26 0.92
C GLU D 261 28.63 35.19 0.58
N ASP D 262 29.77 35.63 0.07
CA ASP D 262 30.83 34.72 -0.32
C ASP D 262 31.57 34.17 0.89
N GLY D 263 31.39 34.82 2.02
CA GLY D 263 32.07 34.44 3.25
C GLY D 263 32.00 32.97 3.65
N ILE D 264 30.79 32.46 3.80
CA ILE D 264 30.60 31.07 4.19
C ILE D 264 29.64 30.38 3.23
N VAL D 265 30.14 29.42 2.48
CA VAL D 265 29.31 28.70 1.53
C VAL D 265 29.19 27.23 1.88
N LEU D 266 27.96 26.73 1.86
CA LEU D 266 27.68 25.34 2.13
C LEU D 266 27.02 24.77 0.89
N GLY D 267 27.43 23.56 0.51
CA GLY D 267 26.87 22.95 -0.67
C GLY D 267 26.81 21.45 -0.53
N VAL D 268 26.14 20.78 -1.46
CA VAL D 268 26.06 19.34 -1.44
C VAL D 268 26.68 18.76 -2.71
N ASN D 269 27.83 18.08 -2.57
CA ASN D 269 28.51 17.46 -3.71
C ASN D 269 28.19 15.97 -3.81
N HIS D 270 28.54 15.36 -4.94
CA HIS D 270 28.28 13.94 -5.15
C HIS D 270 29.00 13.03 -4.17
N ASN D 271 30.10 13.53 -3.62
CA ASN D 271 30.88 12.73 -2.68
C ASN D 271 30.92 13.32 -1.28
N GLY D 272 29.89 14.10 -0.94
CA GLY D 272 29.84 14.67 0.38
C GLY D 272 29.47 16.14 0.44
N ILE D 273 29.12 16.57 1.65
CA ILE D 273 28.75 17.95 1.95
C ILE D 273 30.05 18.73 2.12
N THR D 274 30.07 20.00 1.68
CA THR D 274 31.25 20.83 1.79
C THR D 274 31.00 22.20 2.37
N CYS D 275 32.09 22.86 2.71
CA CYS D 275 32.07 24.19 3.28
C CYS D 275 33.11 25.04 2.54
N GLU D 276 32.67 26.15 1.95
CA GLU D 276 33.57 27.04 1.22
C GLU D 276 33.76 28.36 1.94
N LEU D 277 34.85 28.46 2.70
CA LEU D 277 35.15 29.65 3.46
C LEU D 277 35.95 30.61 2.58
N SER D 278 35.45 31.82 2.46
CA SER D 278 36.09 32.85 1.64
C SER D 278 37.32 33.44 2.31
N GLU D 279 38.29 33.86 1.51
CA GLU D 279 39.51 34.47 2.02
C GLU D 279 39.11 35.71 2.79
N ASN D 280 38.04 36.34 2.30
CA ASN D 280 37.49 37.56 2.87
C ASN D 280 36.78 37.40 4.22
N LEU D 281 36.54 36.16 4.66
CA LEU D 281 35.83 35.91 5.91
C LEU D 281 36.48 36.53 7.14
N PRO D 282 37.78 36.27 7.36
CA PRO D 282 38.41 36.87 8.56
C PRO D 282 38.27 38.38 8.61
N GLY D 283 38.24 39.02 7.44
CA GLY D 283 38.06 40.45 7.37
C GLY D 283 36.61 40.82 7.69
N TYR D 284 35.67 39.98 7.27
CA TYR D 284 34.24 40.25 7.52
C TYR D 284 33.96 40.14 9.02
N ILE D 285 34.66 39.21 9.66
CA ILE D 285 34.50 38.97 11.08
C ILE D 285 35.09 40.14 11.86
N PHE D 286 36.30 40.54 11.49
CA PHE D 286 36.97 41.65 12.15
C PHE D 286 36.13 42.91 12.20
N SER D 287 35.61 43.31 11.05
CA SER D 287 34.83 44.54 10.99
C SER D 287 33.37 44.35 11.33
N GLY D 288 32.89 43.11 11.37
CA GLY D 288 31.49 42.87 11.66
C GLY D 288 31.06 42.57 13.08
N VAL D 289 31.93 41.97 13.88
CA VAL D 289 31.61 41.61 15.26
C VAL D 289 31.29 42.76 16.21
N ALA D 290 32.29 43.59 16.49
CA ALA D 290 32.11 44.71 17.40
C ALA D 290 30.84 45.55 17.20
N PRO D 291 30.61 46.06 15.97
CA PRO D 291 29.40 46.86 15.79
C PRO D 291 28.11 46.19 16.23
N VAL D 292 27.94 44.92 15.87
CA VAL D 292 26.75 44.18 16.26
C VAL D 292 26.63 44.10 17.79
N VAL D 293 27.65 43.51 18.41
CA VAL D 293 27.69 43.34 19.86
C VAL D 293 27.50 44.63 20.67
N THR D 294 28.18 45.70 20.25
CA THR D 294 28.08 46.97 20.94
C THR D 294 26.65 47.52 20.91
N GLU D 295 26.01 47.43 19.75
CA GLU D 295 24.63 47.90 19.63
C GLU D 295 23.73 47.05 20.54
N MET D 296 23.86 45.74 20.41
CA MET D 296 23.07 44.82 21.22
C MET D 296 23.26 45.10 22.72
N LEU D 297 24.50 45.29 23.15
CA LEU D 297 24.76 45.57 24.55
C LEU D 297 24.19 46.92 25.04
N TRP D 298 24.22 47.93 24.18
CA TRP D 298 23.69 49.26 24.51
C TRP D 298 22.21 49.16 24.82
N ASP D 299 21.51 48.30 24.07
CA ASP D 299 20.07 48.08 24.28
C ASP D 299 19.79 47.43 25.62
N ASN D 300 20.84 46.90 26.26
CA ASN D 300 20.66 46.26 27.54
C ASN D 300 21.48 47.00 28.60
N GLY D 301 21.83 48.25 28.29
CA GLY D 301 22.58 49.08 29.21
C GLY D 301 23.92 48.49 29.61
N LEU D 302 24.62 47.91 28.64
CA LEU D 302 25.92 47.30 28.92
C LEU D 302 27.00 47.73 27.93
N GLN D 303 28.25 47.56 28.34
CA GLN D 303 29.41 47.89 27.53
C GLN D 303 30.20 46.61 27.38
N ILE D 304 31.02 46.55 26.35
CA ILE D 304 31.85 45.38 26.12
C ILE D 304 32.65 45.07 27.37
N SER D 305 33.12 46.12 28.03
CA SER D 305 33.92 46.00 29.23
C SER D 305 33.13 45.57 30.46
N ASP D 306 31.84 45.35 30.31
CA ASP D 306 31.01 44.92 31.43
C ASP D 306 30.86 43.40 31.44
N ILE D 307 31.15 42.78 30.30
CA ILE D 307 31.02 41.34 30.16
C ILE D 307 32.14 40.53 30.82
N ASP D 308 31.75 39.45 31.49
CA ASP D 308 32.68 38.56 32.18
C ASP D 308 33.07 37.37 31.31
N LEU D 309 32.19 36.98 30.40
CA LEU D 309 32.42 35.82 29.56
C LEU D 309 32.21 36.07 28.07
N TRP D 310 33.12 35.55 27.26
CA TRP D 310 33.02 35.73 25.83
C TRP D 310 33.07 34.39 25.12
N ALA D 311 31.89 33.80 24.94
CA ALA D 311 31.76 32.51 24.25
C ALA D 311 31.83 32.77 22.75
N ILE D 312 33.06 32.88 22.24
CA ILE D 312 33.29 33.12 20.82
C ILE D 312 33.34 31.77 20.13
N HIS D 313 32.63 31.62 19.02
CA HIS D 313 32.63 30.34 18.34
C HIS D 313 34.02 29.93 17.91
N PRO D 314 34.52 28.80 18.42
CA PRO D 314 35.85 28.32 18.07
C PRO D 314 35.85 27.59 16.72
N GLY D 315 35.61 28.33 15.65
CA GLY D 315 35.58 27.72 14.32
C GLY D 315 36.98 27.50 13.76
N GLY D 316 37.94 28.29 14.25
CA GLY D 316 39.31 28.19 13.80
C GLY D 316 40.15 29.30 14.40
N PRO D 317 41.48 29.25 14.25
CA PRO D 317 42.33 30.30 14.82
C PRO D 317 42.02 31.71 14.31
N LYS D 318 41.66 31.82 13.04
CA LYS D 318 41.34 33.13 12.46
C LYS D 318 39.99 33.65 12.94
N ILE D 319 39.04 32.74 13.10
CA ILE D 319 37.71 33.11 13.55
C ILE D 319 37.75 33.66 14.98
N ILE D 320 38.44 32.97 15.87
CA ILE D 320 38.56 33.41 17.25
C ILE D 320 39.41 34.65 17.32
N GLU D 321 40.61 34.57 16.76
CA GLU D 321 41.57 35.67 16.74
C GLU D 321 40.93 36.98 16.26
N GLN D 322 40.28 36.95 15.11
CA GLN D 322 39.65 38.15 14.57
C GLN D 322 38.46 38.64 15.39
N SER D 323 37.73 37.72 16.02
CA SER D 323 36.59 38.11 16.85
C SER D 323 37.08 38.89 18.07
N VAL D 324 38.22 38.47 18.62
CA VAL D 324 38.80 39.11 19.79
C VAL D 324 39.36 40.50 19.48
N ARG D 325 39.94 40.67 18.30
CA ARG D 325 40.50 41.97 17.96
C ARG D 325 39.41 42.95 17.54
N SER D 326 38.25 42.42 17.16
CA SER D 326 37.14 43.28 16.77
C SER D 326 36.55 43.91 18.05
N LEU D 327 36.37 43.08 19.06
CA LEU D 327 35.82 43.51 20.36
C LEU D 327 36.80 44.33 21.19
N GLY D 328 38.08 44.21 20.87
CA GLY D 328 39.10 44.94 21.61
C GLY D 328 39.35 44.40 23.00
N ILE D 329 38.93 43.17 23.25
CA ILE D 329 39.13 42.57 24.56
C ILE D 329 40.49 41.89 24.70
N SER D 330 40.83 41.54 25.93
CA SER D 330 42.09 40.86 26.25
C SER D 330 42.10 39.50 25.58
N ALA D 331 43.29 39.02 25.22
CA ALA D 331 43.42 37.72 24.58
C ALA D 331 43.00 36.58 25.51
N GLU D 332 43.13 36.80 26.81
CA GLU D 332 42.79 35.79 27.81
C GLU D 332 41.31 35.47 27.92
N LEU D 333 40.46 36.42 27.49
CA LEU D 333 39.03 36.20 27.57
C LEU D 333 38.52 35.16 26.58
N ALA D 334 39.36 34.77 25.62
CA ALA D 334 38.98 33.76 24.63
C ALA D 334 39.55 32.40 25.01
N ALA D 335 39.97 32.27 26.26
CA ALA D 335 40.56 31.01 26.73
C ALA D 335 39.62 29.81 26.56
N GLN D 336 38.37 29.94 27.01
CA GLN D 336 37.42 28.86 26.89
C GLN D 336 37.23 28.44 25.42
N SER D 337 37.20 29.42 24.52
CA SER D 337 37.03 29.11 23.11
C SER D 337 38.28 28.44 22.52
N TRP D 338 39.45 28.98 22.84
CA TRP D 338 40.70 28.41 22.36
C TRP D 338 40.79 26.96 22.82
N ASP D 339 40.38 26.74 24.06
CA ASP D 339 40.43 25.41 24.64
C ASP D 339 39.57 24.40 23.88
N VAL D 340 38.36 24.81 23.49
CA VAL D 340 37.48 23.92 22.76
C VAL D 340 38.05 23.59 21.38
N LEU D 341 38.58 24.60 20.70
CA LEU D 341 39.16 24.39 19.37
C LEU D 341 40.32 23.38 19.47
N ALA D 342 41.16 23.56 20.47
CA ALA D 342 42.32 22.68 20.68
C ALA D 342 41.95 21.21 20.92
N ARG D 343 40.96 20.97 21.76
CA ARG D 343 40.55 19.62 22.09
C ARG D 343 39.53 18.98 21.17
N PHE D 344 38.88 19.77 20.32
CA PHE D 344 37.85 19.21 19.45
C PHE D 344 37.81 19.66 18.01
N GLY D 345 38.54 20.70 17.66
CA GLY D 345 38.47 21.21 16.30
C GLY D 345 37.13 21.91 16.17
N ASN D 346 36.71 22.23 14.95
CA ASN D 346 35.43 22.90 14.73
C ASN D 346 34.30 21.90 14.53
N MET D 347 33.36 21.84 15.47
CA MET D 347 32.24 20.91 15.37
C MET D 347 30.97 21.64 14.89
N LEU D 348 31.17 22.77 14.22
CA LEU D 348 30.07 23.59 13.71
C LEU D 348 29.11 24.10 14.80
N SER D 349 27.81 23.85 14.65
CA SER D 349 26.82 24.33 15.63
C SER D 349 27.07 23.86 17.06
N VAL D 350 27.66 22.69 17.19
CA VAL D 350 27.94 22.09 18.49
C VAL D 350 28.92 22.83 19.41
N SER D 351 30.01 23.36 18.83
CA SER D 351 31.08 24.06 19.56
C SER D 351 30.69 25.14 20.57
N LEU D 352 29.73 25.97 20.20
CA LEU D 352 29.29 27.06 21.08
C LEU D 352 28.83 26.53 22.44
N ILE D 353 28.13 25.41 22.42
CA ILE D 353 27.63 24.80 23.65
C ILE D 353 28.76 24.21 24.49
N PHE D 354 29.79 23.67 23.85
CA PHE D 354 30.94 23.12 24.57
C PHE D 354 31.55 24.26 25.39
N VAL D 355 31.80 25.38 24.73
CA VAL D 355 32.37 26.55 25.37
C VAL D 355 31.51 26.97 26.56
N LEU D 356 30.19 26.99 26.35
CA LEU D 356 29.25 27.37 27.39
C LEU D 356 29.31 26.40 28.56
N GLU D 357 29.50 25.12 28.27
CA GLU D 357 29.59 24.11 29.33
C GLU D 357 30.81 24.39 30.21
N THR D 358 31.93 24.71 29.59
CA THR D 358 33.15 25.02 30.32
C THR D 358 32.87 26.18 31.26
N MET D 359 32.19 27.21 30.76
CA MET D 359 31.86 28.38 31.57
C MET D 359 30.94 28.03 32.75
N VAL D 360 30.07 27.04 32.54
CA VAL D 360 29.18 26.62 33.61
C VAL D 360 30.01 25.88 34.66
N GLN D 361 30.87 24.98 34.21
CA GLN D 361 31.71 24.21 35.12
C GLN D 361 32.75 25.04 35.88
N GLN D 362 33.42 25.98 35.22
CA GLN D 362 34.41 26.79 35.93
C GLN D 362 34.16 28.30 35.91
N ALA D 363 33.82 28.84 37.08
CA ALA D 363 33.53 30.26 37.26
C ALA D 363 34.73 31.18 37.02
N GLU D 364 34.55 32.19 36.17
CA GLU D 364 35.64 33.11 35.85
C GLU D 364 35.91 34.13 36.95
N SER D 365 35.00 34.26 37.90
CA SER D 365 35.18 35.22 38.98
C SER D 365 34.41 34.80 40.22
N ALA D 366 34.43 35.66 41.23
CA ALA D 366 33.73 35.37 42.47
C ALA D 366 32.36 36.05 42.53
N LYS D 367 31.99 36.75 41.47
CA LYS D 367 30.72 37.44 41.49
C LYS D 367 29.53 36.48 41.41
N ALA D 368 28.41 36.90 41.99
CA ALA D 368 27.20 36.11 41.95
C ALA D 368 26.67 36.46 40.57
N ILE D 369 26.34 35.46 39.77
CA ILE D 369 25.84 35.73 38.42
C ILE D 369 26.90 36.31 37.48
N SER D 370 27.30 35.51 36.50
CA SER D 370 28.28 35.92 35.51
C SER D 370 27.57 36.29 34.20
N THR D 371 27.88 37.46 33.66
CA THR D 371 27.25 37.88 32.40
C THR D 371 28.20 37.66 31.22
N GLY D 372 27.72 36.92 30.22
CA GLY D 372 28.51 36.65 29.05
C GLY D 372 27.77 36.87 27.74
N VAL D 373 28.52 36.86 26.64
CA VAL D 373 27.96 37.01 25.31
C VAL D 373 28.46 35.84 24.45
N ALA D 374 27.54 35.15 23.81
CA ALA D 374 27.90 34.05 22.92
C ALA D 374 27.58 34.50 21.51
N PHE D 375 28.37 34.05 20.54
CA PHE D 375 28.10 34.40 19.15
C PHE D 375 28.88 33.54 18.15
N ALA D 376 28.29 33.35 16.98
CA ALA D 376 28.90 32.55 15.93
C ALA D 376 28.47 33.14 14.59
N PHE D 377 29.02 32.60 13.50
CA PHE D 377 28.68 33.11 12.19
C PHE D 377 28.02 32.04 11.35
N GLY D 378 26.99 32.44 10.62
CA GLY D 378 26.29 31.52 9.74
C GLY D 378 26.34 32.03 8.31
N PRO D 379 25.80 31.27 7.34
CA PRO D 379 25.78 31.66 5.93
C PRO D 379 25.23 33.05 5.65
N GLY D 380 25.65 33.61 4.50
CA GLY D 380 25.25 34.94 4.09
C GLY D 380 26.13 35.86 4.89
N VAL D 381 26.66 35.25 5.93
CA VAL D 381 27.50 35.85 6.93
C VAL D 381 26.54 36.66 7.78
N THR D 382 26.05 35.93 8.78
CA THR D 382 25.12 36.42 9.77
C THR D 382 25.76 36.19 11.12
N VAL D 383 25.79 37.23 11.94
CA VAL D 383 26.32 37.12 13.29
C VAL D 383 25.13 36.66 14.14
N GLU D 384 25.24 35.52 14.81
CA GLU D 384 24.16 34.98 15.64
C GLU D 384 24.64 34.90 17.07
N GLY D 385 23.90 35.47 18.00
CA GLY D 385 24.35 35.43 19.37
C GLY D 385 23.30 35.64 20.44
N MET D 386 23.76 35.72 21.68
CA MET D 386 22.88 35.92 22.81
C MET D 386 23.60 36.54 23.99
N LEU D 387 22.84 37.28 24.79
CA LEU D 387 23.36 37.87 26.01
C LEU D 387 22.86 36.83 27.04
N PHE D 388 23.73 36.44 27.97
CA PHE D 388 23.31 35.44 28.94
C PHE D 388 23.96 35.63 30.30
N ASP D 389 23.29 35.09 31.31
CA ASP D 389 23.77 35.13 32.69
C ASP D 389 23.94 33.69 33.17
N ILE D 390 24.98 33.45 33.95
CA ILE D 390 25.19 32.13 34.53
C ILE D 390 25.05 32.39 36.02
N ILE D 391 24.22 31.60 36.70
CA ILE D 391 24.03 31.79 38.13
C ILE D 391 25.10 31.05 38.93
N ARG D 392 25.90 31.81 39.67
CA ARG D 392 26.96 31.21 40.48
C ARG D 392 26.44 30.83 41.86
N ARG D 393 25.63 31.69 42.45
CA ARG D 393 25.08 31.41 43.77
C ARG D 393 23.93 32.34 44.10
#